data_6BE9
# 
_entry.id   6BE9 
# 
_audit_conform.dict_name       mmcif_pdbx.dic 
_audit_conform.dict_version    5.398 
_audit_conform.dict_location   http://mmcif.pdb.org/dictionaries/ascii/mmcif_pdbx.dic 
# 
loop_
_database_2.database_id 
_database_2.database_code 
_database_2.pdbx_database_accession 
_database_2.pdbx_DOI 
PDB   6BE9         pdb_00006be9 10.2210/pdb6be9/pdb 
WWPDB D_1000230759 ?            ?                   
BMRB  30356        ?            10.13018/BMR30356   
# 
loop_
_pdbx_audit_revision_history.ordinal 
_pdbx_audit_revision_history.data_content_type 
_pdbx_audit_revision_history.major_revision 
_pdbx_audit_revision_history.minor_revision 
_pdbx_audit_revision_history.revision_date 
1 'Structure model' 1 0 2017-12-27 
2 'Structure model' 1 1 2018-01-17 
3 'Structure model' 1 2 2023-06-14 
4 'Structure model' 1 3 2024-11-06 
# 
_pdbx_audit_revision_details.ordinal             1 
_pdbx_audit_revision_details.revision_ordinal    1 
_pdbx_audit_revision_details.data_content_type   'Structure model' 
_pdbx_audit_revision_details.provider            repository 
_pdbx_audit_revision_details.type                'Initial release' 
_pdbx_audit_revision_details.description         ? 
_pdbx_audit_revision_details.details             ? 
# 
loop_
_pdbx_audit_revision_group.ordinal 
_pdbx_audit_revision_group.revision_ordinal 
_pdbx_audit_revision_group.data_content_type 
_pdbx_audit_revision_group.group 
1 2 'Structure model' 'Author supporting evidence' 
2 3 'Structure model' 'Data collection'            
3 3 'Structure model' 'Database references'        
4 3 'Structure model' 'Derived calculations'       
5 3 'Structure model' Other                        
6 4 'Structure model' 'Data collection'            
7 4 'Structure model' 'Database references'        
8 4 'Structure model' 'Structure summary'          
# 
loop_
_pdbx_audit_revision_category.ordinal 
_pdbx_audit_revision_category.revision_ordinal 
_pdbx_audit_revision_category.data_content_type 
_pdbx_audit_revision_category.category 
1  2 'Structure model' pdbx_audit_support        
2  3 'Structure model' database_2                
3  3 'Structure model' pdbx_database_status      
4  3 'Structure model' pdbx_nmr_software         
5  3 'Structure model' struct_conn               
6  4 'Structure model' chem_comp_atom            
7  4 'Structure model' chem_comp_bond            
8  4 'Structure model' database_2                
9  4 'Structure model' pdbx_entry_details        
10 4 'Structure model' pdbx_modification_feature 
# 
loop_
_pdbx_audit_revision_item.ordinal 
_pdbx_audit_revision_item.revision_ordinal 
_pdbx_audit_revision_item.data_content_type 
_pdbx_audit_revision_item.item 
1  3 'Structure model' '_database_2.pdbx_DOI'                       
2  3 'Structure model' '_database_2.pdbx_database_accession'        
3  3 'Structure model' '_pdbx_database_status.status_code_nmr_data' 
4  3 'Structure model' '_pdbx_nmr_software.name'                    
5  3 'Structure model' '_struct_conn.pdbx_dist_value'               
6  3 'Structure model' '_struct_conn.ptnr1_label_atom_id'           
7  3 'Structure model' '_struct_conn.ptnr2_auth_comp_id'            
8  3 'Structure model' '_struct_conn.ptnr2_auth_seq_id'             
9  3 'Structure model' '_struct_conn.ptnr2_label_atom_id'           
10 3 'Structure model' '_struct_conn.ptnr2_label_comp_id'           
11 3 'Structure model' '_struct_conn.ptnr2_label_seq_id'            
12 4 'Structure model' '_database_2.pdbx_DOI'                       
# 
_pdbx_database_status.status_code                     REL 
_pdbx_database_status.status_code_sf                  ? 
_pdbx_database_status.status_code_mr                  REL 
_pdbx_database_status.entry_id                        6BE9 
_pdbx_database_status.recvd_initial_deposition_date   2017-10-24 
_pdbx_database_status.SG_entry                        N 
_pdbx_database_status.deposit_site                    RCSB 
_pdbx_database_status.process_site                    RCSB 
_pdbx_database_status.status_code_cs                  REL 
_pdbx_database_status.methods_development_category    ? 
_pdbx_database_status.pdb_format_compatible           Y 
_pdbx_database_status.status_code_nmr_data            REL 
# 
_pdbx_database_related.db_name        BMRB 
_pdbx_database_related.details        'Solution structure of de novo macrocycle design7.1' 
_pdbx_database_related.db_id          30356 
_pdbx_database_related.content_type   unspecified 
# 
loop_
_audit_author.name 
_audit_author.pdbx_ordinal 
_audit_author.identifier_ORCID 
'Shortridge, M.D.' 1 0000-0003-2825-6836 
'Hosseinzadeh, P.' 2 ?                   
'Pardo-Avila, F.'  3 ?                   
'Varani, G.'       4 ?                   
'Baker, B.'        5 ?                   
# 
_citation.abstract                  ? 
_citation.abstract_id_CAS           ? 
_citation.book_id_ISBN              ? 
_citation.book_publisher            ? 
_citation.book_publisher_city       ? 
_citation.book_title                ? 
_citation.coordinate_linkage        ? 
_citation.country                   US 
_citation.database_id_Medline       ? 
_citation.details                   ? 
_citation.id                        primary 
_citation.journal_abbrev            Science 
_citation.journal_id_ASTM           SCIEAS 
_citation.journal_id_CSD            0038 
_citation.journal_id_ISSN           1095-9203 
_citation.journal_full              ? 
_citation.journal_issue             ? 
_citation.journal_volume            358 
_citation.language                  ? 
_citation.page_first                1461 
_citation.page_last                 1466 
_citation.title                     'Comprehensive computational design of ordered peptide macrocycles.' 
_citation.year                      2017 
_citation.database_id_CSD           ? 
_citation.pdbx_database_id_DOI      10.1126/science.aap7577 
_citation.pdbx_database_id_PubMed   29242347 
_citation.unpublished_flag          ? 
# 
loop_
_citation_author.citation_id 
_citation_author.name 
_citation_author.ordinal 
_citation_author.identifier_ORCID 
primary 'Hosseinzadeh, P.' 1  ? 
primary 'Bhardwaj, G.'     2  ? 
primary 'Mulligan, V.K.'   3  ? 
primary 'Shortridge, M.D.' 4  ? 
primary 'Craven, T.W.'     5  ? 
primary 'Pardo-Avila, F.'  6  ? 
primary 'Rettie, S.A.'     7  ? 
primary 'Kim, D.E.'        8  ? 
primary 'Silva, D.A.'      9  ? 
primary 'Ibrahim, Y.M.'    10 ? 
primary 'Webb, I.K.'       11 ? 
primary 'Cort, J.R.'       12 ? 
primary 'Adkins, J.N.'     13 ? 
primary 'Varani, G.'       14 ? 
primary 'Baker, D.'        15 ? 
# 
_entity.id                         1 
_entity.type                       polymer 
_entity.src_method                 syn 
_entity.pdbx_description           'T(DLY)NDT(DSG)(DPR)' 
_entity.formula_weight             788.804 
_entity.pdbx_number_of_molecules   1 
_entity.pdbx_ec                    ? 
_entity.pdbx_mutation              ? 
_entity.pdbx_fragment              ? 
_entity.details                    ? 
# 
_entity_poly.entity_id                      1 
_entity_poly.type                           'polypeptide(L)' 
_entity_poly.nstd_linkage                   no 
_entity_poly.nstd_monomer                   yes 
_entity_poly.pdbx_seq_one_letter_code       'T(DLY)NDT(DSG)(DPR)' 
_entity_poly.pdbx_seq_one_letter_code_can   TKNDTNP 
_entity_poly.pdbx_strand_id                 A 
_entity_poly.pdbx_target_identifier         ? 
# 
loop_
_entity_poly_seq.entity_id 
_entity_poly_seq.num 
_entity_poly_seq.mon_id 
_entity_poly_seq.hetero 
1 1 THR n 
1 2 DLY n 
1 3 ASN n 
1 4 ASP n 
1 5 THR n 
1 6 DSG n 
1 7 DPR n 
# 
_pdbx_entity_src_syn.entity_id              1 
_pdbx_entity_src_syn.pdbx_src_id            1 
_pdbx_entity_src_syn.pdbx_alt_source_flag   sample 
_pdbx_entity_src_syn.pdbx_beg_seq_num       1 
_pdbx_entity_src_syn.pdbx_end_seq_num       7 
_pdbx_entity_src_syn.organism_scientific    'Homo sapiens' 
_pdbx_entity_src_syn.organism_common_name   ? 
_pdbx_entity_src_syn.ncbi_taxonomy_id       9606 
_pdbx_entity_src_syn.details                ? 
# 
loop_
_chem_comp.id 
_chem_comp.type 
_chem_comp.mon_nstd_flag 
_chem_comp.name 
_chem_comp.pdbx_synonyms 
_chem_comp.formula 
_chem_comp.formula_weight 
ASN 'L-peptide linking' y ASPARAGINE      ? 'C4 H8 N2 O3'  132.118 
ASP 'L-peptide linking' y 'ASPARTIC ACID' ? 'C4 H7 N O4'   133.103 
DLY 'D-peptide linking' . D-LYSINE        ? 'C6 H14 N2 O2' 146.188 
DPR 'D-peptide linking' . D-PROLINE       ? 'C5 H9 N O2'   115.130 
DSG 'D-peptide linking' . D-ASPARAGINE    ? 'C4 H8 N2 O3'  132.118 
THR 'L-peptide linking' y THREONINE       ? 'C4 H9 N O3'   119.119 
# 
loop_
_pdbx_poly_seq_scheme.asym_id 
_pdbx_poly_seq_scheme.entity_id 
_pdbx_poly_seq_scheme.seq_id 
_pdbx_poly_seq_scheme.mon_id 
_pdbx_poly_seq_scheme.ndb_seq_num 
_pdbx_poly_seq_scheme.pdb_seq_num 
_pdbx_poly_seq_scheme.auth_seq_num 
_pdbx_poly_seq_scheme.pdb_mon_id 
_pdbx_poly_seq_scheme.auth_mon_id 
_pdbx_poly_seq_scheme.pdb_strand_id 
_pdbx_poly_seq_scheme.pdb_ins_code 
_pdbx_poly_seq_scheme.hetero 
A 1 1 THR 1 1 1 THR THR A . n 
A 1 2 DLY 2 2 2 DLY DLY A . n 
A 1 3 ASN 3 3 3 ASN ASN A . n 
A 1 4 ASP 4 4 4 ASP ASP A . n 
A 1 5 THR 5 5 5 THR THR A . n 
A 1 6 DSG 6 6 6 DSG DAN A . n 
A 1 7 DPR 7 7 7 DPR DPR A . n 
# 
_exptl.absorpt_coefficient_mu     ? 
_exptl.absorpt_correction_T_max   ? 
_exptl.absorpt_correction_T_min   ? 
_exptl.absorpt_correction_type    ? 
_exptl.absorpt_process_details    ? 
_exptl.entry_id                   6BE9 
_exptl.crystals_number            ? 
_exptl.details                    ? 
_exptl.method                     'SOLUTION NMR' 
_exptl.method_details             ? 
# 
_struct.entry_id                     6BE9 
_struct.title                        'Solution structure of de novo macrocycle design7.1' 
_struct.pdbx_model_details           ? 
_struct.pdbx_formula_weight          ? 
_struct.pdbx_formula_weight_method   ? 
_struct.pdbx_model_type_details      ? 
_struct.pdbx_CASP_flag               N 
# 
_struct_keywords.entry_id        6BE9 
_struct_keywords.text            'macrocycle, de novo, DE NOVO PROTEIN' 
_struct_keywords.pdbx_keywords   'DE NOVO PROTEIN' 
# 
_struct_asym.id                            A 
_struct_asym.pdbx_blank_PDB_chainid_flag   N 
_struct_asym.pdbx_modified                 N 
_struct_asym.entity_id                     1 
_struct_asym.details                       ? 
# 
_struct_ref.id                         1 
_struct_ref.db_name                    PDB 
_struct_ref.db_code                    6BE9 
_struct_ref.pdbx_db_accession          6BE9 
_struct_ref.pdbx_db_isoform            ? 
_struct_ref.entity_id                  1 
_struct_ref.pdbx_seq_one_letter_code   ? 
_struct_ref.pdbx_align_begin           1 
# 
_struct_ref_seq.align_id                      1 
_struct_ref_seq.ref_id                        1 
_struct_ref_seq.pdbx_PDB_id_code              6BE9 
_struct_ref_seq.pdbx_strand_id                A 
_struct_ref_seq.seq_align_beg                 1 
_struct_ref_seq.pdbx_seq_align_beg_ins_code   ? 
_struct_ref_seq.seq_align_end                 7 
_struct_ref_seq.pdbx_seq_align_end_ins_code   ? 
_struct_ref_seq.pdbx_db_accession             6BE9 
_struct_ref_seq.db_align_beg                  1 
_struct_ref_seq.pdbx_db_align_beg_ins_code    ? 
_struct_ref_seq.db_align_end                  7 
_struct_ref_seq.pdbx_db_align_end_ins_code    ? 
_struct_ref_seq.pdbx_auth_seq_align_beg       1 
_struct_ref_seq.pdbx_auth_seq_align_end       7 
# 
_pdbx_struct_assembly.id                   1 
_pdbx_struct_assembly.details              author_defined_assembly 
_pdbx_struct_assembly.method_details       ? 
_pdbx_struct_assembly.oligomeric_details   monomeric 
_pdbx_struct_assembly.oligomeric_count     1 
# 
loop_
_pdbx_struct_assembly_prop.biol_id 
_pdbx_struct_assembly_prop.type 
_pdbx_struct_assembly_prop.value 
_pdbx_struct_assembly_prop.details 
1 'ABSA (A^2)' 0   ? 
1 MORE         0   ? 
1 'SSA (A^2)'  920 ? 
# 
_pdbx_struct_assembly_gen.assembly_id       1 
_pdbx_struct_assembly_gen.oper_expression   1 
_pdbx_struct_assembly_gen.asym_id_list      A 
# 
_pdbx_struct_assembly_auth_evidence.id                     1 
_pdbx_struct_assembly_auth_evidence.assembly_id            1 
_pdbx_struct_assembly_auth_evidence.experimental_support   none 
_pdbx_struct_assembly_auth_evidence.details                ? 
# 
_pdbx_struct_oper_list.id                   1 
_pdbx_struct_oper_list.type                 'identity operation' 
_pdbx_struct_oper_list.name                 1_555 
_pdbx_struct_oper_list.symmetry_operation   ? 
_pdbx_struct_oper_list.matrix[1][1]         1.0000000000 
_pdbx_struct_oper_list.matrix[1][2]         0.0000000000 
_pdbx_struct_oper_list.matrix[1][3]         0.0000000000 
_pdbx_struct_oper_list.vector[1]            0.0000000000 
_pdbx_struct_oper_list.matrix[2][1]         0.0000000000 
_pdbx_struct_oper_list.matrix[2][2]         1.0000000000 
_pdbx_struct_oper_list.matrix[2][3]         0.0000000000 
_pdbx_struct_oper_list.vector[2]            0.0000000000 
_pdbx_struct_oper_list.matrix[3][1]         0.0000000000 
_pdbx_struct_oper_list.matrix[3][2]         0.0000000000 
_pdbx_struct_oper_list.matrix[3][3]         1.0000000000 
_pdbx_struct_oper_list.vector[3]            0.0000000000 
# 
loop_
_struct_conn.id 
_struct_conn.conn_type_id 
_struct_conn.pdbx_leaving_atom_flag 
_struct_conn.pdbx_PDB_id 
_struct_conn.ptnr1_label_asym_id 
_struct_conn.ptnr1_label_comp_id 
_struct_conn.ptnr1_label_seq_id 
_struct_conn.ptnr1_label_atom_id 
_struct_conn.pdbx_ptnr1_label_alt_id 
_struct_conn.pdbx_ptnr1_PDB_ins_code 
_struct_conn.pdbx_ptnr1_standard_comp_id 
_struct_conn.ptnr1_symmetry 
_struct_conn.ptnr2_label_asym_id 
_struct_conn.ptnr2_label_comp_id 
_struct_conn.ptnr2_label_seq_id 
_struct_conn.ptnr2_label_atom_id 
_struct_conn.pdbx_ptnr2_label_alt_id 
_struct_conn.pdbx_ptnr2_PDB_ins_code 
_struct_conn.ptnr1_auth_asym_id 
_struct_conn.ptnr1_auth_comp_id 
_struct_conn.ptnr1_auth_seq_id 
_struct_conn.ptnr2_auth_asym_id 
_struct_conn.ptnr2_auth_comp_id 
_struct_conn.ptnr2_auth_seq_id 
_struct_conn.ptnr2_symmetry 
_struct_conn.pdbx_ptnr3_label_atom_id 
_struct_conn.pdbx_ptnr3_label_seq_id 
_struct_conn.pdbx_ptnr3_label_comp_id 
_struct_conn.pdbx_ptnr3_label_asym_id 
_struct_conn.pdbx_ptnr3_label_alt_id 
_struct_conn.pdbx_ptnr3_PDB_ins_code 
_struct_conn.details 
_struct_conn.pdbx_dist_value 
_struct_conn.pdbx_value_order 
_struct_conn.pdbx_role 
covale1 covale both ? A THR 1 C ? ? ? 1_555 A DLY 2 N ? ? A THR 1 A DLY 2 1_555 ? ? ? ? ? ? ? 1.329 ? ? 
covale2 covale both ? A THR 1 N ? ? ? 1_555 A DPR 7 C ? ? A THR 1 A DPR 7 1_555 ? ? ? ? ? ? ? 1.332 ? ? 
covale3 covale both ? A DLY 2 C ? ? ? 1_555 A ASN 3 N ? ? A DLY 2 A ASN 3 1_555 ? ? ? ? ? ? ? 1.335 ? ? 
covale4 covale both ? A THR 5 C ? ? ? 1_555 A DSG 6 N ? ? A THR 5 A DSG 6 1_555 ? ? ? ? ? ? ? 1.329 ? ? 
covale5 covale both ? A DSG 6 C ? ? ? 1_555 A DPR 7 N ? ? A DSG 6 A DPR 7 1_555 ? ? ? ? ? ? ? 1.332 ? ? 
# 
_struct_conn_type.id          covale 
_struct_conn_type.criteria    ? 
_struct_conn_type.reference   ? 
# 
_pdbx_modification_feature.ordinal                            1 
_pdbx_modification_feature.label_comp_id                      THR 
_pdbx_modification_feature.label_asym_id                      A 
_pdbx_modification_feature.label_seq_id                       1 
_pdbx_modification_feature.label_alt_id                       ? 
_pdbx_modification_feature.modified_residue_label_comp_id     DPR 
_pdbx_modification_feature.modified_residue_label_asym_id     A 
_pdbx_modification_feature.modified_residue_label_seq_id      7 
_pdbx_modification_feature.modified_residue_label_alt_id      ? 
_pdbx_modification_feature.auth_comp_id                       THR 
_pdbx_modification_feature.auth_asym_id                       A 
_pdbx_modification_feature.auth_seq_id                        1 
_pdbx_modification_feature.PDB_ins_code                       ? 
_pdbx_modification_feature.symmetry                           1_555 
_pdbx_modification_feature.modified_residue_auth_comp_id      DPR 
_pdbx_modification_feature.modified_residue_auth_asym_id      A 
_pdbx_modification_feature.modified_residue_auth_seq_id       7 
_pdbx_modification_feature.modified_residue_PDB_ins_code      ? 
_pdbx_modification_feature.modified_residue_symmetry          1_555 
_pdbx_modification_feature.comp_id_linking_atom               N 
_pdbx_modification_feature.modified_residue_id_linking_atom   C 
_pdbx_modification_feature.modified_residue_id                . 
_pdbx_modification_feature.ref_pcm_id                         . 
_pdbx_modification_feature.ref_comp_id                        . 
_pdbx_modification_feature.type                               None 
_pdbx_modification_feature.category                           'Non-standard linkage' 
# 
_pdbx_entry_details.entry_id                   6BE9 
_pdbx_entry_details.compound_details           ? 
_pdbx_entry_details.source_details             ? 
_pdbx_entry_details.nonpolymer_details         ? 
_pdbx_entry_details.sequence_details           ? 
_pdbx_entry_details.has_ligand_of_interest     ? 
_pdbx_entry_details.has_protein_modification   Y 
# 
loop_
_pdbx_validate_rmsd_angle.id 
_pdbx_validate_rmsd_angle.PDB_model_num 
_pdbx_validate_rmsd_angle.auth_atom_id_1 
_pdbx_validate_rmsd_angle.auth_asym_id_1 
_pdbx_validate_rmsd_angle.auth_comp_id_1 
_pdbx_validate_rmsd_angle.auth_seq_id_1 
_pdbx_validate_rmsd_angle.PDB_ins_code_1 
_pdbx_validate_rmsd_angle.label_alt_id_1 
_pdbx_validate_rmsd_angle.auth_atom_id_2 
_pdbx_validate_rmsd_angle.auth_asym_id_2 
_pdbx_validate_rmsd_angle.auth_comp_id_2 
_pdbx_validate_rmsd_angle.auth_seq_id_2 
_pdbx_validate_rmsd_angle.PDB_ins_code_2 
_pdbx_validate_rmsd_angle.label_alt_id_2 
_pdbx_validate_rmsd_angle.auth_atom_id_3 
_pdbx_validate_rmsd_angle.auth_asym_id_3 
_pdbx_validate_rmsd_angle.auth_comp_id_3 
_pdbx_validate_rmsd_angle.auth_seq_id_3 
_pdbx_validate_rmsd_angle.PDB_ins_code_3 
_pdbx_validate_rmsd_angle.label_alt_id_3 
_pdbx_validate_rmsd_angle.angle_value 
_pdbx_validate_rmsd_angle.angle_target_value 
_pdbx_validate_rmsd_angle.angle_deviation 
_pdbx_validate_rmsd_angle.angle_standard_deviation 
_pdbx_validate_rmsd_angle.linker_flag 
1 1  CA A THR 1 ? ? CB A THR 1 ? ? CG2 A THR 1 ? ? 101.87 112.40 -10.53 1.40 N 
2 6  CB A ASP 4 ? ? CG A ASP 4 ? ? OD1 A ASP 4 ? ? 125.78 118.30 7.48   0.90 N 
3 9  CB A ASP 4 ? ? CG A ASP 4 ? ? OD2 A ASP 4 ? ? 124.51 118.30 6.21   0.90 N 
4 12 CA A THR 5 ? ? CB A THR 5 ? ? CG2 A THR 5 ? ? 121.36 112.40 8.96   1.40 N 
5 13 C  A DSG 6 ? ? N  A DPR 7 ? ? CA  A DPR 7 ? ? 128.53 119.30 9.23   1.50 Y 
6 19 N  A ASN 3 ? ? CA A ASN 3 ? ? CB  A ASN 3 ? ? 99.56  110.60 -11.04 1.80 N 
7 20 N  A DPR 7 ? ? CA A DPR 7 ? ? CB  A DPR 7 ? ? 111.05 103.30 7.75   1.20 N 
# 
loop_
_pdbx_validate_torsion.id 
_pdbx_validate_torsion.PDB_model_num 
_pdbx_validate_torsion.auth_comp_id 
_pdbx_validate_torsion.auth_asym_id 
_pdbx_validate_torsion.auth_seq_id 
_pdbx_validate_torsion.PDB_ins_code 
_pdbx_validate_torsion.label_alt_id 
_pdbx_validate_torsion.phi 
_pdbx_validate_torsion.psi 
1  1  ASP A 4 ? ? -48.13  109.93  
2  2  ASP A 4 ? ? -58.65  101.61  
3  5  THR A 5 ? ? 54.02   19.76   
4  6  ASN A 3 ? ? -125.91 -68.61  
5  7  DLY A 2 ? ? 153.10  -19.27  
6  7  ASN A 3 ? ? -135.81 -77.30  
7  8  DLY A 2 ? ? 159.21  0.86    
8  8  ASN A 3 ? ? -144.10 -112.91 
9  8  THR A 5 ? ? 55.92   -19.92  
10 9  DLY A 2 ? ? 141.84  45.03   
11 9  THR A 5 ? ? 65.62   -1.57   
12 10 DLY A 2 ? ? 156.86  -35.28  
13 10 ASN A 3 ? ? -121.60 -60.84  
14 10 THR A 5 ? ? 68.68   -9.23   
15 12 DLY A 2 ? ? 145.51  25.37   
16 13 DLY A 2 ? ? 150.68  -17.17  
17 13 ASN A 3 ? ? -130.80 -67.72  
18 13 THR A 5 ? ? 33.89   47.39   
19 15 DLY A 2 ? ? 145.62  -21.68  
20 15 ASN A 3 ? ? -148.44 -55.09  
21 15 ASP A 4 ? ? -50.27  85.59   
22 17 DLY A 2 ? ? 145.59  -38.75  
23 18 THR A 5 ? ? 30.95   40.96   
24 19 DLY A 2 ? ? 141.18  15.25   
25 19 THR A 5 ? ? 57.63   17.59   
26 19 DSG A 6 ? ? 151.82  -86.32  
27 20 DLY A 2 ? ? 143.68  30.18   
# 
loop_
_pdbx_validate_peptide_omega.id 
_pdbx_validate_peptide_omega.PDB_model_num 
_pdbx_validate_peptide_omega.auth_comp_id_1 
_pdbx_validate_peptide_omega.auth_asym_id_1 
_pdbx_validate_peptide_omega.auth_seq_id_1 
_pdbx_validate_peptide_omega.PDB_ins_code_1 
_pdbx_validate_peptide_omega.label_alt_id_1 
_pdbx_validate_peptide_omega.auth_comp_id_2 
_pdbx_validate_peptide_omega.auth_asym_id_2 
_pdbx_validate_peptide_omega.auth_seq_id_2 
_pdbx_validate_peptide_omega.PDB_ins_code_2 
_pdbx_validate_peptide_omega.label_alt_id_2 
_pdbx_validate_peptide_omega.omega 
1 7  THR A 1 ? ? DLY A 2 ? ? 146.97  
2 11 DLY A 2 ? ? ASN A 3 ? ? -149.84 
3 19 THR A 5 ? ? DSG A 6 ? ? 130.99  
# 
_pdbx_nmr_ensemble.entry_id                                      6BE9 
_pdbx_nmr_ensemble.conformers_calculated_total_number            200 
_pdbx_nmr_ensemble.conformers_submitted_total_number             20 
_pdbx_nmr_ensemble.conformer_selection_criteria                  'structures with the lowest energy' 
_pdbx_nmr_ensemble.representative_conformer                      ? 
_pdbx_nmr_ensemble.average_constraints_per_residue               ? 
_pdbx_nmr_ensemble.average_constraint_violations_per_residue     ? 
_pdbx_nmr_ensemble.maximum_distance_constraint_violation         ? 
_pdbx_nmr_ensemble.average_distance_constraint_violation         ? 
_pdbx_nmr_ensemble.maximum_upper_distance_constraint_violation   ? 
_pdbx_nmr_ensemble.maximum_lower_distance_constraint_violation   ? 
_pdbx_nmr_ensemble.distance_constraint_violation_method          ? 
_pdbx_nmr_ensemble.maximum_torsion_angle_constraint_violation    ? 
_pdbx_nmr_ensemble.average_torsion_angle_constraint_violation    ? 
_pdbx_nmr_ensemble.torsion_angle_constraint_violation_method     ? 
# 
_pdbx_nmr_representative.entry_id             6BE9 
_pdbx_nmr_representative.conformer_id         1 
_pdbx_nmr_representative.selection_criteria   'lowest energy' 
# 
_pdbx_nmr_sample_details.solution_id      1 
_pdbx_nmr_sample_details.contents         '5 mg/mL design7.1, 5 % v/v [U-2H] glycerol, 90% H2O/10% D2O' 
_pdbx_nmr_sample_details.solvent_system   '90% H2O/10% D2O' 
_pdbx_nmr_sample_details.label            Crazy 
_pdbx_nmr_sample_details.type             solution 
_pdbx_nmr_sample_details.details          ? 
# 
loop_
_pdbx_nmr_exptl_sample.solution_id 
_pdbx_nmr_exptl_sample.component 
_pdbx_nmr_exptl_sample.concentration 
_pdbx_nmr_exptl_sample.concentration_range 
_pdbx_nmr_exptl_sample.concentration_units 
_pdbx_nmr_exptl_sample.isotopic_labeling 
1 design7.1 5 ? mg/mL   'natural abundance' 
1 glycerol  5 ? '% v/v' '[U-2H]'            
# 
_pdbx_nmr_exptl_sample_conditions.conditions_id          1 
_pdbx_nmr_exptl_sample_conditions.temperature            278 
_pdbx_nmr_exptl_sample_conditions.pressure_units         atm 
_pdbx_nmr_exptl_sample_conditions.pressure               1 
_pdbx_nmr_exptl_sample_conditions.pH                     5.5 
_pdbx_nmr_exptl_sample_conditions.ionic_strength         0 
_pdbx_nmr_exptl_sample_conditions.details                ? 
_pdbx_nmr_exptl_sample_conditions.ionic_strength_err     ? 
_pdbx_nmr_exptl_sample_conditions.ionic_strength_units   'Not defined' 
_pdbx_nmr_exptl_sample_conditions.label                  conditions_1 
_pdbx_nmr_exptl_sample_conditions.pH_err                 ? 
_pdbx_nmr_exptl_sample_conditions.pH_units               pH 
_pdbx_nmr_exptl_sample_conditions.pressure_err           ? 
_pdbx_nmr_exptl_sample_conditions.temperature_err        ? 
_pdbx_nmr_exptl_sample_conditions.temperature_units      K 
# 
loop_
_pdbx_nmr_exptl.experiment_id 
_pdbx_nmr_exptl.conditions_id 
_pdbx_nmr_exptl.solution_id 
_pdbx_nmr_exptl.type 
_pdbx_nmr_exptl.spectrometer_id 
_pdbx_nmr_exptl.sample_state 
1 1 1 '2D 1H-1H TOCSY' 1 isotropic 
2 1 1 '2D 1H-1H NOESY' 1 isotropic 
3 1 1 '2D 1H-15N HSQC' 1 isotropic 
# 
_pdbx_nmr_refine.entry_id           6BE9 
_pdbx_nmr_refine.method             'molecular dynamics' 
_pdbx_nmr_refine.details            ? 
_pdbx_nmr_refine.software_ordinal   1 
# 
loop_
_pdbx_nmr_software.ordinal 
_pdbx_nmr_software.classification 
_pdbx_nmr_software.name 
_pdbx_nmr_software.version 
_pdbx_nmr_software.authors 
1 refinement                  GROMACS      2016.1 Abraham                                    
2 'structure calculation'     'X-PLOR NIH' ?      'Schwieters, Kuszewski, Tjandra and Clore' 
3 'chemical shift assignment' Sparky       ?      Goddard                                    
4 'peak picking'              Sparky       ?      Goddard                                    
# 
loop_
_chem_comp_atom.comp_id 
_chem_comp_atom.atom_id 
_chem_comp_atom.type_symbol 
_chem_comp_atom.pdbx_aromatic_flag 
_chem_comp_atom.pdbx_stereo_config 
_chem_comp_atom.pdbx_ordinal 
ASN N    N N N 1   
ASN CA   C N S 2   
ASN C    C N N 3   
ASN O    O N N 4   
ASN CB   C N N 5   
ASN CG   C N N 6   
ASN OD1  O N N 7   
ASN ND2  N N N 8   
ASN OXT  O N N 9   
ASN H    H N N 10  
ASN H2   H N N 11  
ASN HA   H N N 12  
ASN HB2  H N N 13  
ASN HB3  H N N 14  
ASN HD21 H N N 15  
ASN HD22 H N N 16  
ASN HXT  H N N 17  
ASP N    N N N 18  
ASP CA   C N S 19  
ASP C    C N N 20  
ASP O    O N N 21  
ASP CB   C N N 22  
ASP CG   C N N 23  
ASP OD1  O N N 24  
ASP OD2  O N N 25  
ASP OXT  O N N 26  
ASP H    H N N 27  
ASP H2   H N N 28  
ASP HA   H N N 29  
ASP HB2  H N N 30  
ASP HB3  H N N 31  
ASP HD2  H N N 32  
ASP HXT  H N N 33  
DLY N    N N N 34  
DLY CA   C N R 35  
DLY C    C N N 36  
DLY O    O N N 37  
DLY CB   C N N 38  
DLY CG   C N N 39  
DLY CD   C N N 40  
DLY CE   C N N 41  
DLY NZ   N N N 42  
DLY OXT  O N N 43  
DLY H    H N N 44  
DLY H2   H N N 45  
DLY HA   H N N 46  
DLY HB2  H N N 47  
DLY HB3  H N N 48  
DLY HG2  H N N 49  
DLY HG3  H N N 50  
DLY HD2  H N N 51  
DLY HD3  H N N 52  
DLY HE2  H N N 53  
DLY HE3  H N N 54  
DLY HZ1  H N N 55  
DLY HZ2  H N N 56  
DLY HXT  H N N 57  
DPR N    N N N 58  
DPR CA   C N R 59  
DPR CB   C N N 60  
DPR CG   C N N 61  
DPR CD   C N N 62  
DPR C    C N N 63  
DPR O    O N N 64  
DPR OXT  O N N 65  
DPR H    H N N 66  
DPR HA   H N N 67  
DPR HB2  H N N 68  
DPR HB3  H N N 69  
DPR HG2  H N N 70  
DPR HG3  H N N 71  
DPR HD2  H N N 72  
DPR HD3  H N N 73  
DPR HXT  H N N 74  
DSG N    N N N 75  
DSG CA   C N R 76  
DSG C    C N N 77  
DSG O    O N N 78  
DSG CB   C N N 79  
DSG CG   C N N 80  
DSG OD1  O N N 81  
DSG ND2  N N N 82  
DSG OXT  O N N 83  
DSG H    H N N 84  
DSG H2   H N N 85  
DSG HA   H N N 86  
DSG HB2  H N N 87  
DSG HB3  H N N 88  
DSG HD21 H N N 89  
DSG HD22 H N N 90  
DSG HXT  H N N 91  
THR N    N N N 92  
THR CA   C N S 93  
THR C    C N N 94  
THR O    O N N 95  
THR CB   C N R 96  
THR OG1  O N N 97  
THR CG2  C N N 98  
THR OXT  O N N 99  
THR H    H N N 100 
THR H2   H N N 101 
THR HA   H N N 102 
THR HB   H N N 103 
THR HG1  H N N 104 
THR HG21 H N N 105 
THR HG22 H N N 106 
THR HG23 H N N 107 
THR HXT  H N N 108 
# 
loop_
_chem_comp_bond.comp_id 
_chem_comp_bond.atom_id_1 
_chem_comp_bond.atom_id_2 
_chem_comp_bond.value_order 
_chem_comp_bond.pdbx_aromatic_flag 
_chem_comp_bond.pdbx_stereo_config 
_chem_comp_bond.pdbx_ordinal 
ASN N   CA   sing N N 1   
ASN N   H    sing N N 2   
ASN N   H2   sing N N 3   
ASN CA  C    sing N N 4   
ASN CA  CB   sing N N 5   
ASN CA  HA   sing N N 6   
ASN C   O    doub N N 7   
ASN C   OXT  sing N N 8   
ASN CB  CG   sing N N 9   
ASN CB  HB2  sing N N 10  
ASN CB  HB3  sing N N 11  
ASN CG  OD1  doub N N 12  
ASN CG  ND2  sing N N 13  
ASN ND2 HD21 sing N N 14  
ASN ND2 HD22 sing N N 15  
ASN OXT HXT  sing N N 16  
ASP N   CA   sing N N 17  
ASP N   H    sing N N 18  
ASP N   H2   sing N N 19  
ASP CA  C    sing N N 20  
ASP CA  CB   sing N N 21  
ASP CA  HA   sing N N 22  
ASP C   O    doub N N 23  
ASP C   OXT  sing N N 24  
ASP CB  CG   sing N N 25  
ASP CB  HB2  sing N N 26  
ASP CB  HB3  sing N N 27  
ASP CG  OD1  doub N N 28  
ASP CG  OD2  sing N N 29  
ASP OD2 HD2  sing N N 30  
ASP OXT HXT  sing N N 31  
DLY N   CA   sing N N 32  
DLY N   H    sing N N 33  
DLY N   H2   sing N N 34  
DLY CA  C    sing N N 35  
DLY CA  CB   sing N N 36  
DLY CA  HA   sing N N 37  
DLY C   O    doub N N 38  
DLY C   OXT  sing N N 39  
DLY CB  CG   sing N N 40  
DLY CB  HB2  sing N N 41  
DLY CB  HB3  sing N N 42  
DLY CG  CD   sing N N 43  
DLY CG  HG2  sing N N 44  
DLY CG  HG3  sing N N 45  
DLY CD  CE   sing N N 46  
DLY CD  HD2  sing N N 47  
DLY CD  HD3  sing N N 48  
DLY CE  NZ   sing N N 49  
DLY CE  HE2  sing N N 50  
DLY CE  HE3  sing N N 51  
DLY NZ  HZ1  sing N N 52  
DLY NZ  HZ2  sing N N 53  
DLY OXT HXT  sing N N 54  
DPR N   CA   sing N N 55  
DPR N   CD   sing N N 56  
DPR N   H    sing N N 57  
DPR CA  CB   sing N N 58  
DPR CA  C    sing N N 59  
DPR CA  HA   sing N N 60  
DPR CB  CG   sing N N 61  
DPR CB  HB2  sing N N 62  
DPR CB  HB3  sing N N 63  
DPR CG  CD   sing N N 64  
DPR CG  HG2  sing N N 65  
DPR CG  HG3  sing N N 66  
DPR CD  HD2  sing N N 67  
DPR CD  HD3  sing N N 68  
DPR C   O    doub N N 69  
DPR C   OXT  sing N N 70  
DPR OXT HXT  sing N N 71  
DSG N   CA   sing N N 72  
DSG N   H    sing N N 73  
DSG N   H2   sing N N 74  
DSG CA  C    sing N N 75  
DSG CA  CB   sing N N 76  
DSG CA  HA   sing N N 77  
DSG C   O    doub N N 78  
DSG C   OXT  sing N N 79  
DSG CB  CG   sing N N 80  
DSG CB  HB2  sing N N 81  
DSG CB  HB3  sing N N 82  
DSG CG  OD1  doub N N 83  
DSG CG  ND2  sing N N 84  
DSG ND2 HD21 sing N N 85  
DSG ND2 HD22 sing N N 86  
DSG OXT HXT  sing N N 87  
THR N   CA   sing N N 88  
THR N   H    sing N N 89  
THR N   H2   sing N N 90  
THR CA  C    sing N N 91  
THR CA  CB   sing N N 92  
THR CA  HA   sing N N 93  
THR C   O    doub N N 94  
THR C   OXT  sing N N 95  
THR CB  OG1  sing N N 96  
THR CB  CG2  sing N N 97  
THR CB  HB   sing N N 98  
THR OG1 HG1  sing N N 99  
THR CG2 HG21 sing N N 100 
THR CG2 HG22 sing N N 101 
THR CG2 HG23 sing N N 102 
THR OXT HXT  sing N N 103 
# 
_pdbx_nmr_spectrometer.spectrometer_id   1 
_pdbx_nmr_spectrometer.model             DRX 
_pdbx_nmr_spectrometer.type              ? 
_pdbx_nmr_spectrometer.manufacturer      Bruker 
_pdbx_nmr_spectrometer.field_strength    500 
_pdbx_nmr_spectrometer.details           ? 
# 
_atom_sites.entry_id                    6BE9 
_atom_sites.fract_transf_matrix[1][1]   1.000000 
_atom_sites.fract_transf_matrix[1][2]   0.000000 
_atom_sites.fract_transf_matrix[1][3]   0.000000 
_atom_sites.fract_transf_matrix[2][1]   0.000000 
_atom_sites.fract_transf_matrix[2][2]   1.000000 
_atom_sites.fract_transf_matrix[2][3]   0.000000 
_atom_sites.fract_transf_matrix[3][1]   0.000000 
_atom_sites.fract_transf_matrix[3][2]   0.000000 
_atom_sites.fract_transf_matrix[3][3]   1.000000 
_atom_sites.fract_transf_vector[1]      0.00000 
_atom_sites.fract_transf_vector[2]      0.00000 
_atom_sites.fract_transf_vector[3]      0.00000 
# 
loop_
_atom_type.symbol 
C 
H 
N 
O 
# 
loop_
_atom_site.group_PDB 
_atom_site.id 
_atom_site.type_symbol 
_atom_site.label_atom_id 
_atom_site.label_alt_id 
_atom_site.label_comp_id 
_atom_site.label_asym_id 
_atom_site.label_entity_id 
_atom_site.label_seq_id 
_atom_site.pdbx_PDB_ins_code 
_atom_site.Cartn_x 
_atom_site.Cartn_y 
_atom_site.Cartn_z 
_atom_site.occupancy 
_atom_site.B_iso_or_equiv 
_atom_site.pdbx_formal_charge 
_atom_site.auth_seq_id 
_atom_site.auth_comp_id 
_atom_site.auth_asym_id 
_atom_site.auth_atom_id 
_atom_site.pdbx_PDB_model_num 
ATOM   1    N N    . THR A 1 1 ? -3.557 1.816  0.213  1.00 0.00 ? 1 THR A N    1  
ATOM   2    C CA   . THR A 1 1 ? -4.607 1.125  -0.506 1.00 0.00 ? 1 THR A CA   1  
ATOM   3    C C    . THR A 1 1 ? -4.034 -0.052 -1.287 1.00 0.00 ? 1 THR A C    1  
ATOM   4    O O    . THR A 1 1 ? -4.471 -0.225 -2.421 1.00 0.00 ? 1 THR A O    1  
ATOM   5    C CB   . THR A 1 1 ? -5.424 2.048  -1.416 1.00 0.00 ? 1 THR A CB   1  
ATOM   6    O OG1  . THR A 1 1 ? -4.693 2.983  -2.177 1.00 0.00 ? 1 THR A OG1  1  
ATOM   7    C CG2  . THR A 1 1 ? -6.158 2.913  -0.406 1.00 0.00 ? 1 THR A CG2  1  
ATOM   8    H H1   . THR A 1 1 ? -3.108 2.588  -0.266 1.00 0.00 ? 1 THR A H1   1  
ATOM   9    H HA   . THR A 1 1 ? -5.289 0.727  0.243  1.00 0.00 ? 1 THR A HA   1  
ATOM   10   H HB   . THR A 1 1 ? -6.156 1.550  -2.052 1.00 0.00 ? 1 THR A HB   1  
ATOM   11   H HG1  . THR A 1 1 ? -4.085 2.539  -2.763 1.00 0.00 ? 1 THR A HG1  1  
ATOM   12   H HG21 . THR A 1 1 ? -5.407 3.548  0.064  1.00 0.00 ? 1 THR A HG21 1  
ATOM   13   H HG22 . THR A 1 1 ? -6.725 2.306  0.309  1.00 0.00 ? 1 THR A HG22 1  
ATOM   14   H HG23 . THR A 1 1 ? -6.901 3.601  -0.828 1.00 0.00 ? 1 THR A HG23 1  
HETATM 15   N N    . DLY A 1 2 ? -3.111 -0.845 -0.754 1.00 0.00 ? 2 DLY A N    1  
HETATM 16   C CA   . DLY A 1 2 ? -2.520 -1.979 -1.426 1.00 0.00 ? 2 DLY A CA   1  
HETATM 17   C C    . DLY A 1 2 ? -1.339 -2.415 -0.560 1.00 0.00 ? 2 DLY A C    1  
HETATM 18   O O    . DLY A 1 2 ? -1.420 -2.613 0.644  1.00 0.00 ? 2 DLY A O    1  
HETATM 19   C CB   . DLY A 1 2 ? -3.501 -3.144 -1.402 1.00 0.00 ? 2 DLY A CB   1  
HETATM 20   C CG   . DLY A 1 2 ? -4.106 -3.435 -2.774 1.00 0.00 ? 2 DLY A CG   1  
HETATM 21   C CD   . DLY A 1 2 ? -4.947 -4.701 -2.766 1.00 0.00 ? 2 DLY A CD   1  
HETATM 22   C CE   . DLY A 1 2 ? -5.858 -4.788 -3.987 1.00 0.00 ? 2 DLY A CE   1  
HETATM 23   N NZ   . DLY A 1 2 ? -6.595 -6.057 -4.047 1.00 0.00 ? 2 DLY A NZ   1  
HETATM 24   H H    . DLY A 1 2 ? -2.748 -0.589 0.156  1.00 0.00 ? 2 DLY A H    1  
HETATM 25   H HA   . DLY A 1 2 ? -2.121 -1.700 -2.401 1.00 0.00 ? 2 DLY A HA   1  
HETATM 26   H HB2  . DLY A 1 2 ? -4.226 -2.946 -0.613 1.00 0.00 ? 2 DLY A HB2  1  
HETATM 27   H HB3  . DLY A 1 2 ? -2.937 -4.000 -1.020 1.00 0.00 ? 2 DLY A HB3  1  
HETATM 28   H HG2  . DLY A 1 2 ? -3.375 -3.428 -3.582 1.00 0.00 ? 2 DLY A HG2  1  
HETATM 29   H HG3  . DLY A 1 2 ? -4.681 -2.534 -2.981 1.00 0.00 ? 2 DLY A HG3  1  
HETATM 30   H HD2  . DLY A 1 2 ? -5.658 -4.542 -1.951 1.00 0.00 ? 2 DLY A HD2  1  
HETATM 31   H HD3  . DLY A 1 2 ? -4.322 -5.599 -2.694 1.00 0.00 ? 2 DLY A HD3  1  
HETATM 32   H HE2  . DLY A 1 2 ? -5.311 -4.549 -4.900 1.00 0.00 ? 2 DLY A HE2  1  
HETATM 33   H HE3  . DLY A 1 2 ? -6.568 -3.974 -3.868 1.00 0.00 ? 2 DLY A HE3  1  
HETATM 34   H HZ1  . DLY A 1 2 ? -7.143 -6.222 -3.214 1.00 0.00 ? 2 DLY A HZ1  1  
HETATM 35   H HZ2  . DLY A 1 2 ? -5.954 -6.837 -4.040 1.00 0.00 ? 2 DLY A HZ2  1  
HETATM 36   H HZ3  . DLY A 1 2 ? -7.138 -6.121 -4.891 1.00 0.00 ? 2 DLY A HZ3  1  
ATOM   37   N N    . ASN A 1 3 ? -0.248 -2.755 -1.249 1.00 0.00 ? 3 ASN A N    1  
ATOM   38   C CA   . ASN A 1 3 ? 0.987  -3.329 -0.746 1.00 0.00 ? 3 ASN A CA   1  
ATOM   39   C C    . ASN A 1 3 ? 2.115  -2.335 -0.977 1.00 0.00 ? 3 ASN A C    1  
ATOM   40   O O    . ASN A 1 3 ? 2.680  -2.054 0.076  1.00 0.00 ? 3 ASN A O    1  
ATOM   41   C CB   . ASN A 1 3 ? 1.201  -4.660 -1.474 1.00 0.00 ? 3 ASN A CB   1  
ATOM   42   C CG   . ASN A 1 3 ? 0.127  -5.652 -1.070 1.00 0.00 ? 3 ASN A CG   1  
ATOM   43   O OD1  . ASN A 1 3 ? 0.067  -6.059 0.085  1.00 0.00 ? 3 ASN A OD1  1  
ATOM   44   N ND2  . ASN A 1 3 ? -0.864 -6.031 -1.888 1.00 0.00 ? 3 ASN A ND2  1  
ATOM   45   H H    . ASN A 1 3 ? -0.285 -2.487 -2.227 1.00 0.00 ? 3 ASN A H    1  
ATOM   46   H HA   . ASN A 1 3 ? 0.842  -3.514 0.317  1.00 0.00 ? 3 ASN A HA   1  
ATOM   47   H HB2  . ASN A 1 3 ? 1.164  -4.529 -2.555 1.00 0.00 ? 3 ASN A HB2  1  
ATOM   48   H HB3  . ASN A 1 3 ? 2.210  -5.019 -1.293 1.00 0.00 ? 3 ASN A HB3  1  
ATOM   49   H HD21 . ASN A 1 3 ? -0.913 -5.620 -2.807 1.00 0.00 ? 3 ASN A HD21 1  
ATOM   50   H HD22 . ASN A 1 3 ? -1.458 -6.737 -1.486 1.00 0.00 ? 3 ASN A HD22 1  
ATOM   51   N N    . ASP A 1 4 ? 2.411  -1.792 -2.157 1.00 0.00 ? 4 ASP A N    1  
ATOM   52   C CA   . ASP A 1 4 ? 3.298  -0.667 -2.351 1.00 0.00 ? 4 ASP A CA   1  
ATOM   53   C C    . ASP A 1 4 ? 3.054  0.531  -1.437 1.00 0.00 ? 4 ASP A C    1  
ATOM   54   O O    . ASP A 1 4 ? 2.039  1.212  -1.532 1.00 0.00 ? 4 ASP A O    1  
ATOM   55   C CB   . ASP A 1 4 ? 3.283  -0.187 -3.807 1.00 0.00 ? 4 ASP A CB   1  
ATOM   56   C CG   . ASP A 1 4 ? 4.340  0.850  -4.143 1.00 0.00 ? 4 ASP A CG   1  
ATOM   57   O OD1  . ASP A 1 4 ? 4.248  1.477  -5.218 1.00 0.00 ? 4 ASP A OD1  1  
ATOM   58   O OD2  . ASP A 1 4 ? 5.250  1.120  -3.327 1.00 0.00 ? 4 ASP A OD2  1  
ATOM   59   H H    . ASP A 1 4 ? 2.013  -2.203 -2.993 1.00 0.00 ? 4 ASP A H    1  
ATOM   60   H HA   . ASP A 1 4 ? 4.332  -0.995 -2.251 1.00 0.00 ? 4 ASP A HA   1  
ATOM   61   H HB2  . ASP A 1 4 ? 3.543  -1.059 -4.416 1.00 0.00 ? 4 ASP A HB2  1  
ATOM   62   H HB3  . ASP A 1 4 ? 2.335  0.284  -4.065 1.00 0.00 ? 4 ASP A HB3  1  
ATOM   63   N N    . THR A 1 5 ? 3.987  0.752  -0.510 1.00 0.00 ? 5 THR A N    1  
ATOM   64   C CA   . THR A 1 5 ? 3.929  1.840  0.442  1.00 0.00 ? 5 THR A CA   1  
ATOM   65   C C    . THR A 1 5 ? 2.629  1.845  1.238  1.00 0.00 ? 5 THR A C    1  
ATOM   66   O O    . THR A 1 5 ? 2.007  2.899  1.420  1.00 0.00 ? 5 THR A O    1  
ATOM   67   C CB   . THR A 1 5 ? 4.336  3.148  -0.221 1.00 0.00 ? 5 THR A CB   1  
ATOM   68   O OG1  . THR A 1 5 ? 5.560  2.828  -0.840 1.00 0.00 ? 5 THR A OG1  1  
ATOM   69   C CG2  . THR A 1 5 ? 4.694  4.257  0.771  1.00 0.00 ? 5 THR A CG2  1  
ATOM   70   H H    . THR A 1 5 ? 4.873  0.254  -0.527 1.00 0.00 ? 5 THR A H    1  
ATOM   71   H HA   . THR A 1 5 ? 4.685  1.652  1.194  1.00 0.00 ? 5 THR A HA   1  
ATOM   72   H HB   . THR A 1 5 ? 3.613  3.451  -0.983 1.00 0.00 ? 5 THR A HB   1  
ATOM   73   H HG1  . THR A 1 5 ? 5.427  2.261  -1.606 1.00 0.00 ? 5 THR A HG1  1  
ATOM   74   H HG21 . THR A 1 5 ? 5.500  3.892  1.415  1.00 0.00 ? 5 THR A HG21 1  
ATOM   75   H HG22 . THR A 1 5 ? 3.917  4.762  1.346  1.00 0.00 ? 5 THR A HG22 1  
ATOM   76   H HG23 . THR A 1 5 ? 5.154  5.118  0.282  1.00 0.00 ? 5 THR A HG23 1  
HETATM 77   N N    . DSG A 1 6 ? 2.234  0.681  1.744  1.00 0.00 ? 6 DSG A N    1  
HETATM 78   C CA   . DSG A 1 6 ? 1.047  0.473  2.547  1.00 0.00 ? 6 DSG A CA   1  
HETATM 79   C C    . DSG A 1 6 ? -0.241 0.973  1.919  1.00 0.00 ? 6 DSG A C    1  
HETATM 80   O O    . DSG A 1 6 ? -0.599 0.624  0.791  1.00 0.00 ? 6 DSG A O    1  
HETATM 81   C CB   . DSG A 1 6 ? 0.895  -1.032 2.740  1.00 0.00 ? 6 DSG A CB   1  
HETATM 82   C CG   . DSG A 1 6 ? 2.020  -1.755 3.468  1.00 0.00 ? 6 DSG A CG   1  
HETATM 83   O OD1  . DSG A 1 6 ? 3.042  -1.258 3.928  1.00 0.00 ? 6 DSG A OD1  1  
HETATM 84   N ND2  . DSG A 1 6 ? 2.030  -3.089 3.392  1.00 0.00 ? 6 DSG A ND2  1  
HETATM 85   H H    . DSG A 1 6 ? 2.874  -0.078 1.533  1.00 0.00 ? 6 DSG A H    1  
HETATM 86   H HA   . DSG A 1 6 ? 1.250  0.802  3.567  1.00 0.00 ? 6 DSG A HA   1  
HETATM 87   H HB2  . DSG A 1 6 ? 0.782  -1.530 1.783  1.00 0.00 ? 6 DSG A HB2  1  
HETATM 88   H HB3  . DSG A 1 6 ? -0.059 -1.279 3.195  1.00 0.00 ? 6 DSG A HB3  1  
HETATM 89   H HD21 . DSG A 1 6 ? 1.153  -3.529 3.162  1.00 0.00 ? 6 DSG A HD21 1  
HETATM 90   H HD22 . DSG A 1 6 ? 2.835  -3.649 3.647  1.00 0.00 ? 6 DSG A HD22 1  
HETATM 91   N N    . DPR A 1 7 ? -1.084 1.726  2.624  1.00 0.00 ? 7 DPR A N    1  
HETATM 92   C CA   . DPR A 1 7 ? -2.133 2.537  2.040  1.00 0.00 ? 7 DPR A CA   1  
HETATM 93   C CB   . DPR A 1 7 ? -2.585 3.529  3.110  1.00 0.00 ? 7 DPR A CB   1  
HETATM 94   C CG   . DPR A 1 7 ? -2.213 2.806  4.408  1.00 0.00 ? 7 DPR A CG   1  
HETATM 95   C CD   . DPR A 1 7 ? -0.986 1.983  4.055  1.00 0.00 ? 7 DPR A CD   1  
HETATM 96   C C    . DPR A 1 7 ? -3.243 1.648  1.496  1.00 0.00 ? 7 DPR A C    1  
HETATM 97   O O    . DPR A 1 7 ? -3.807 0.785  2.158  1.00 0.00 ? 7 DPR A O    1  
HETATM 98   H HA   . DPR A 1 7 ? -1.717 3.104  1.203  1.00 0.00 ? 7 DPR A HA   1  
HETATM 99   H HB2  . DPR A 1 7 ? -3.597 3.912  3.122  1.00 0.00 ? 7 DPR A HB2  1  
HETATM 100  H HB3  . DPR A 1 7 ? -1.903 4.379  3.047  1.00 0.00 ? 7 DPR A HB3  1  
HETATM 101  H HG2  . DPR A 1 7 ? -3.050 2.116  4.527  1.00 0.00 ? 7 DPR A HG2  1  
HETATM 102  H HG3  . DPR A 1 7 ? -2.118 3.488  5.252  1.00 0.00 ? 7 DPR A HG3  1  
HETATM 103  H HD2  . DPR A 1 7 ? -0.910 1.062  4.621  1.00 0.00 ? 7 DPR A HD2  1  
HETATM 104  H HD3  . DPR A 1 7 ? -0.120 2.632  4.209  1.00 0.00 ? 7 DPR A HD3  1  
ATOM   105  N N    . THR A 1 1 ? -3.406 1.840  0.048  1.00 0.00 ? 1 THR A N    2  
ATOM   106  C CA   . THR A 1 1 ? -4.449 1.144  -0.684 1.00 0.00 ? 1 THR A CA   2  
ATOM   107  C C    . THR A 1 1 ? -3.888 0.010  -1.521 1.00 0.00 ? 1 THR A C    2  
ATOM   108  O O    . THR A 1 1 ? -4.060 -0.104 -2.735 1.00 0.00 ? 1 THR A O    2  
ATOM   109  C CB   . THR A 1 1 ? -5.303 2.097  -1.507 1.00 0.00 ? 1 THR A CB   2  
ATOM   110  O OG1  . THR A 1 1 ? -4.486 3.103  -2.065 1.00 0.00 ? 1 THR A OG1  2  
ATOM   111  C CG2  . THR A 1 1 ? -6.297 2.907  -0.684 1.00 0.00 ? 1 THR A CG2  2  
ATOM   112  H H1   . THR A 1 1 ? -2.886 2.612  -0.343 1.00 0.00 ? 1 THR A H1   2  
ATOM   113  H HA   . THR A 1 1 ? -5.109 0.668  0.031  1.00 0.00 ? 1 THR A HA   2  
ATOM   114  H HB   . THR A 1 1 ? -5.826 1.631  -2.348 1.00 0.00 ? 1 THR A HB   2  
ATOM   115  H HG1  . THR A 1 1 ? -4.568 2.998  -3.017 1.00 0.00 ? 1 THR A HG1  2  
ATOM   116  H HG21 . THR A 1 1 ? -6.987 2.202  -0.240 1.00 0.00 ? 1 THR A HG21 2  
ATOM   117  H HG22 . THR A 1 1 ? -6.725 3.606  -1.399 1.00 0.00 ? 1 THR A HG22 2  
ATOM   118  H HG23 . THR A 1 1 ? -5.696 3.347  0.111  1.00 0.00 ? 1 THR A HG23 2  
HETATM 119  N N    . DLY A 1 2 ? -3.197 -0.889 -0.796 1.00 0.00 ? 2 DLY A N    2  
HETATM 120  C CA   . DLY A 1 2 ? -2.617 -2.121 -1.285 1.00 0.00 ? 2 DLY A CA   2  
HETATM 121  C C    . DLY A 1 2 ? -1.338 -2.368 -0.496 1.00 0.00 ? 2 DLY A C    2  
HETATM 122  O O    . DLY A 1 2 ? -1.325 -2.201 0.720  1.00 0.00 ? 2 DLY A O    2  
HETATM 123  C CB   . DLY A 1 2 ? -3.590 -3.300 -1.151 1.00 0.00 ? 2 DLY A CB   2  
HETATM 124  C CG   . DLY A 1 2 ? -4.885 -3.180 -1.950 1.00 0.00 ? 2 DLY A CG   2  
HETATM 125  C CD   . DLY A 1 2 ? -5.739 -4.444 -1.902 1.00 0.00 ? 2 DLY A CD   2  
HETATM 126  C CE   . DLY A 1 2 ? -6.796 -4.402 -3.000 1.00 0.00 ? 2 DLY A CE   2  
HETATM 127  N NZ   . DLY A 1 2 ? -7.460 -5.710 -2.999 1.00 0.00 ? 2 DLY A NZ   2  
HETATM 128  H H    . DLY A 1 2 ? -2.915 -0.695 0.149  1.00 0.00 ? 2 DLY A H    2  
HETATM 129  H HA   . DLY A 1 2 ? -2.282 -1.990 -2.305 1.00 0.00 ? 2 DLY A HA   2  
HETATM 130  H HB2  . DLY A 1 2 ? -3.806 -3.374 -0.087 1.00 0.00 ? 2 DLY A HB2  2  
HETATM 131  H HB3  . DLY A 1 2 ? -3.081 -4.198 -1.477 1.00 0.00 ? 2 DLY A HB3  2  
HETATM 132  H HG2  . DLY A 1 2 ? -4.541 -2.916 -2.961 1.00 0.00 ? 2 DLY A HG2  2  
HETATM 133  H HG3  . DLY A 1 2 ? -5.474 -2.305 -1.664 1.00 0.00 ? 2 DLY A HG3  2  
HETATM 134  H HD2  . DLY A 1 2 ? -6.149 -4.560 -0.896 1.00 0.00 ? 2 DLY A HD2  2  
HETATM 135  H HD3  . DLY A 1 2 ? -5.158 -5.332 -2.145 1.00 0.00 ? 2 DLY A HD3  2  
HETATM 136  H HE2  . DLY A 1 2 ? -6.251 -4.158 -3.918 1.00 0.00 ? 2 DLY A HE2  2  
HETATM 137  H HE3  . DLY A 1 2 ? -7.540 -3.654 -2.732 1.00 0.00 ? 2 DLY A HE3  2  
HETATM 138  H HZ1  . DLY A 1 2 ? -7.926 -5.929 -2.120 1.00 0.00 ? 2 DLY A HZ1  2  
HETATM 139  H HZ2  . DLY A 1 2 ? -6.941 -6.548 -3.208 1.00 0.00 ? 2 DLY A HZ2  2  
HETATM 140  H HZ3  . DLY A 1 2 ? -8.070 -5.785 -3.799 1.00 0.00 ? 2 DLY A HZ3  2  
ATOM   141  N N    . ASN A 1 3 ? -0.298 -2.833 -1.189 1.00 0.00 ? 3 ASN A N    2  
ATOM   142  C CA   . ASN A 1 3 ? 0.998  -3.243 -0.671 1.00 0.00 ? 3 ASN A CA   2  
ATOM   143  C C    . ASN A 1 3 ? 2.071  -2.191 -0.925 1.00 0.00 ? 3 ASN A C    2  
ATOM   144  O O    . ASN A 1 3 ? 2.919  -2.015 -0.045 1.00 0.00 ? 3 ASN A O    2  
ATOM   145  C CB   . ASN A 1 3 ? 1.420  -4.605 -1.215 1.00 0.00 ? 3 ASN A CB   2  
ATOM   146  C CG   . ASN A 1 3 ? 0.438  -5.664 -0.727 1.00 0.00 ? 3 ASN A CG   2  
ATOM   147  O OD1  . ASN A 1 3 ? 0.331  -5.833 0.476  1.00 0.00 ? 3 ASN A OD1  2  
ATOM   148  N ND2  . ASN A 1 3 ? -0.485 -6.152 -1.567 1.00 0.00 ? 3 ASN A ND2  2  
ATOM   149  H H    . ASN A 1 3 ? -0.567 -3.026 -2.145 1.00 0.00 ? 3 ASN A H    2  
ATOM   150  H HA   . ASN A 1 3 ? 0.910  -3.446 0.391  1.00 0.00 ? 3 ASN A HA   2  
ATOM   151  H HB2  . ASN A 1 3 ? 1.471  -4.552 -2.302 1.00 0.00 ? 3 ASN A HB2  2  
ATOM   152  H HB3  . ASN A 1 3 ? 2.410  -4.947 -0.884 1.00 0.00 ? 3 ASN A HB3  2  
ATOM   153  H HD21 . ASN A 1 3 ? -0.401 -6.009 -2.563 1.00 0.00 ? 3 ASN A HD21 2  
ATOM   154  H HD22 . ASN A 1 3 ? -1.155 -6.792 -1.180 1.00 0.00 ? 3 ASN A HD22 2  
ATOM   155  N N    . ASP A 1 4 ? 2.145  -1.492 -2.063 1.00 0.00 ? 4 ASP A N    2  
ATOM   156  C CA   . ASP A 1 4 ? 3.083  -0.464 -2.464 1.00 0.00 ? 4 ASP A CA   2  
ATOM   157  C C    . ASP A 1 4 ? 2.990  0.658  -1.441 1.00 0.00 ? 4 ASP A C    2  
ATOM   158  O O    . ASP A 1 4 ? 2.031  1.413  -1.413 1.00 0.00 ? 4 ASP A O    2  
ATOM   159  C CB   . ASP A 1 4 ? 2.869  -0.024 -3.906 1.00 0.00 ? 4 ASP A CB   2  
ATOM   160  C CG   . ASP A 1 4 ? 3.773  1.112  -4.332 1.00 0.00 ? 4 ASP A CG   2  
ATOM   161  O OD1  . ASP A 1 4 ? 3.339  1.864  -5.233 1.00 0.00 ? 4 ASP A OD1  2  
ATOM   162  O OD2  . ASP A 1 4 ? 4.900  1.271  -3.811 1.00 0.00 ? 4 ASP A OD2  2  
ATOM   163  H H    . ASP A 1 4 ? 1.407  -1.807 -2.682 1.00 0.00 ? 4 ASP A H    2  
ATOM   164  H HA   . ASP A 1 4 ? 4.126  -0.785 -2.412 1.00 0.00 ? 4 ASP A HA   2  
ATOM   165  H HB2  . ASP A 1 4 ? 3.069  -0.883 -4.558 1.00 0.00 ? 4 ASP A HB2  2  
ATOM   166  H HB3  . ASP A 1 4 ? 1.857  0.315  -4.115 1.00 0.00 ? 4 ASP A HB3  2  
ATOM   167  N N    . THR A 1 5 ? 3.954  0.720  -0.512 1.00 0.00 ? 5 THR A N    2  
ATOM   168  C CA   . THR A 1 5 ? 4.179  1.680  0.553  1.00 0.00 ? 5 THR A CA   2  
ATOM   169  C C    . THR A 1 5 ? 2.981  1.711  1.494  1.00 0.00 ? 5 THR A C    2  
ATOM   170  O O    . THR A 1 5 ? 2.776  2.734  2.133  1.00 0.00 ? 5 THR A O    2  
ATOM   171  C CB   . THR A 1 5 ? 4.792  3.012  0.120  1.00 0.00 ? 5 THR A CB   2  
ATOM   172  O OG1  . THR A 1 5 ? 5.849  2.683  -0.755 1.00 0.00 ? 5 THR A OG1  2  
ATOM   173  C CG2  . THR A 1 5 ? 5.430  3.876  1.202  1.00 0.00 ? 5 THR A CG2  2  
ATOM   174  H H    . THR A 1 5 ? 4.547  -0.097 -0.550 1.00 0.00 ? 5 THR A H    2  
ATOM   175  H HA   . THR A 1 5 ? 4.875  1.233  1.263  1.00 0.00 ? 5 THR A HA   2  
ATOM   176  H HB   . THR A 1 5 ? 4.095  3.588  -0.478 1.00 0.00 ? 5 THR A HB   2  
ATOM   177  H HG1  . THR A 1 5 ? 5.634  3.101  -1.592 1.00 0.00 ? 5 THR A HG1  2  
ATOM   178  H HG21 . THR A 1 5 ? 5.562  3.254  2.092  1.00 0.00 ? 5 THR A HG21 2  
ATOM   179  H HG22 . THR A 1 5 ? 4.665  4.613  1.454  1.00 0.00 ? 5 THR A HG22 2  
ATOM   180  H HG23 . THR A 1 5 ? 6.319  4.406  0.873  1.00 0.00 ? 5 THR A HG23 2  
HETATM 181  N N    . DSG A 1 6 ? 2.252  0.611  1.658  1.00 0.00 ? 6 DSG A N    2  
HETATM 182  C CA   . DSG A 1 6 ? 1.056  0.547  2.476  1.00 0.00 ? 6 DSG A CA   2  
HETATM 183  C C    . DSG A 1 6 ? -0.132 1.233  1.826  1.00 0.00 ? 6 DSG A C    2  
HETATM 184  O O    . DSG A 1 6 ? -0.285 1.251  0.601  1.00 0.00 ? 6 DSG A O    2  
HETATM 185  C CB   . DSG A 1 6 ? 0.713  -0.925 2.681  1.00 0.00 ? 6 DSG A CB   2  
HETATM 186  C CG   . DSG A 1 6 ? 1.778  -1.590 3.552  1.00 0.00 ? 6 DSG A CG   2  
HETATM 187  O OD1  . DSG A 1 6 ? 1.824  -1.482 4.769  1.00 0.00 ? 6 DSG A OD1  2  
HETATM 188  N ND2  . DSG A 1 6 ? 2.747  -2.298 2.966  1.00 0.00 ? 6 DSG A ND2  2  
HETATM 189  H H    . DSG A 1 6 ? 2.508  -0.178 1.087  1.00 0.00 ? 6 DSG A H    2  
HETATM 190  H HA   . DSG A 1 6 ? 1.285  0.993  3.438  1.00 0.00 ? 6 DSG A HA   2  
HETATM 191  H HB2  . DSG A 1 6 ? 0.580  -1.586 1.826  1.00 0.00 ? 6 DSG A HB2  2  
HETATM 192  H HB3  . DSG A 1 6 ? -0.222 -1.040 3.235  1.00 0.00 ? 6 DSG A HB3  2  
HETATM 193  H HD21 . DSG A 1 6 ? 2.813  -2.452 1.973  1.00 0.00 ? 6 DSG A HD21 2  
HETATM 194  H HD22 . DSG A 1 6 ? 3.482  -2.584 3.600  1.00 0.00 ? 6 DSG A HD22 2  
HETATM 195  N N    . DPR A 1 7 ? -0.991 1.945  2.563  1.00 0.00 ? 7 DPR A N    2  
HETATM 196  C CA   . DPR A 1 7 ? -2.250 2.456  2.075  1.00 0.00 ? 7 DPR A CA   2  
HETATM 197  C CB   . DPR A 1 7 ? -2.960 2.917  3.350  1.00 0.00 ? 7 DPR A CB   2  
HETATM 198  C CG   . DPR A 1 7 ? -1.863 3.347  4.308  1.00 0.00 ? 7 DPR A CG   2  
HETATM 199  C CD   . DPR A 1 7 ? -0.815 2.293  3.951  1.00 0.00 ? 7 DPR A CD   2  
HETATM 200  C C    . DPR A 1 7 ? -3.146 1.489  1.308  1.00 0.00 ? 7 DPR A C    2  
HETATM 201  O O    . DPR A 1 7 ? -3.565 0.485  1.888  1.00 0.00 ? 7 DPR A O    2  
HETATM 202  H HA   . DPR A 1 7 ? -2.112 3.317  1.423  1.00 0.00 ? 7 DPR A HA   2  
HETATM 203  H HB2  . DPR A 1 7 ? -3.605 2.108  3.715  1.00 0.00 ? 7 DPR A HB2  2  
HETATM 204  H HB3  . DPR A 1 7 ? -3.651 3.703  3.037  1.00 0.00 ? 7 DPR A HB3  2  
HETATM 205  H HG2  . DPR A 1 7 ? -2.181 3.169  5.340  1.00 0.00 ? 7 DPR A HG2  2  
HETATM 206  H HG3  . DPR A 1 7 ? -1.381 4.312  4.118  1.00 0.00 ? 7 DPR A HG3  2  
HETATM 207  H HD2  . DPR A 1 7 ? -1.039 1.432  4.591  1.00 0.00 ? 7 DPR A HD2  2  
HETATM 208  H HD3  . DPR A 1 7 ? 0.189  2.677  4.126  1.00 0.00 ? 7 DPR A HD3  2  
ATOM   209  N N    . THR A 1 1 ? -3.462 1.721  0.158  1.00 0.00 ? 1 THR A N    3  
ATOM   210  C CA   . THR A 1 1 ? -4.479 1.134  -0.701 1.00 0.00 ? 1 THR A CA   3  
ATOM   211  C C    . THR A 1 1 ? -3.996 -0.094 -1.442 1.00 0.00 ? 1 THR A C    3  
ATOM   212  O O    . THR A 1 1 ? -4.029 -0.213 -2.668 1.00 0.00 ? 1 THR A O    3  
ATOM   213  C CB   . THR A 1 1 ? -5.094 2.263  -1.518 1.00 0.00 ? 1 THR A CB   3  
ATOM   214  O OG1  . THR A 1 1 ? -4.161 3.140  -2.094 1.00 0.00 ? 1 THR A OG1  3  
ATOM   215  C CG2  . THR A 1 1 ? -6.046 3.096  -0.665 1.00 0.00 ? 1 THR A CG2  3  
ATOM   216  H H1   . THR A 1 1 ? -2.972 2.534  -0.198 1.00 0.00 ? 1 THR A H1   3  
ATOM   217  H HA   . THR A 1 1 ? -5.300 0.701  -0.129 1.00 0.00 ? 1 THR A HA   3  
ATOM   218  H HB   . THR A 1 1 ? -5.645 1.792  -2.339 1.00 0.00 ? 1 THR A HB   3  
ATOM   219  H HG1  . THR A 1 1 ? -3.806 2.815  -2.919 1.00 0.00 ? 1 THR A HG1  3  
ATOM   220  H HG21 . THR A 1 1 ? -6.276 3.923  -1.337 1.00 0.00 ? 1 THR A HG21 3  
ATOM   221  H HG22 . THR A 1 1 ? -5.572 3.489  0.235  1.00 0.00 ? 1 THR A HG22 3  
ATOM   222  H HG23 . THR A 1 1 ? -6.995 2.608  -0.476 1.00 0.00 ? 1 THR A HG23 3  
HETATM 223  N N    . DLY A 1 2 ? -3.371 -1.058 -0.757 1.00 0.00 ? 2 DLY A N    3  
HETATM 224  C CA   . DLY A 1 2 ? -2.612 -2.158 -1.321 1.00 0.00 ? 2 DLY A CA   3  
HETATM 225  C C    . DLY A 1 2 ? -1.290 -2.347 -0.595 1.00 0.00 ? 2 DLY A C    3  
HETATM 226  O O    . DLY A 1 2 ? -1.280 -2.221 0.627  1.00 0.00 ? 2 DLY A O    3  
HETATM 227  C CB   . DLY A 1 2 ? -3.304 -3.510 -1.381 1.00 0.00 ? 2 DLY A CB   3  
HETATM 228  C CG   . DLY A 1 2 ? -4.045 -3.840 -2.673 1.00 0.00 ? 2 DLY A CG   3  
HETATM 229  C CD   . DLY A 1 2 ? -4.473 -5.303 -2.576 1.00 0.00 ? 2 DLY A CD   3  
HETATM 230  C CE   . DLY A 1 2 ? -5.254 -5.806 -3.787 1.00 0.00 ? 2 DLY A CE   3  
HETATM 231  N NZ   . DLY A 1 2 ? -5.443 -7.262 -3.657 1.00 0.00 ? 2 DLY A NZ   3  
HETATM 232  H H    . DLY A 1 2 ? -3.293 -0.894 0.239  1.00 0.00 ? 2 DLY A H    3  
HETATM 233  H HA   . DLY A 1 2 ? -2.398 -1.904 -2.366 1.00 0.00 ? 2 DLY A HA   3  
HETATM 234  H HB2  . DLY A 1 2 ? -3.902 -3.648 -0.476 1.00 0.00 ? 2 DLY A HB2  3  
HETATM 235  H HB3  . DLY A 1 2 ? -2.488 -4.224 -1.339 1.00 0.00 ? 2 DLY A HB3  3  
HETATM 236  H HG2  . DLY A 1 2 ? -3.402 -3.731 -3.546 1.00 0.00 ? 2 DLY A HG2  3  
HETATM 237  H HG3  . DLY A 1 2 ? -4.884 -3.146 -2.709 1.00 0.00 ? 2 DLY A HG3  3  
HETATM 238  H HD2  . DLY A 1 2 ? -5.027 -5.350 -1.642 1.00 0.00 ? 2 DLY A HD2  3  
HETATM 239  H HD3  . DLY A 1 2 ? -3.559 -5.898 -2.462 1.00 0.00 ? 2 DLY A HD3  3  
HETATM 240  H HE2  . DLY A 1 2 ? -4.761 -5.526 -4.714 1.00 0.00 ? 2 DLY A HE2  3  
HETATM 241  H HE3  . DLY A 1 2 ? -6.229 -5.326 -3.825 1.00 0.00 ? 2 DLY A HE3  3  
HETATM 242  H HZ1  . DLY A 1 2 ? -5.995 -7.592 -2.888 1.00 0.00 ? 2 DLY A HZ1  3  
HETATM 243  H HZ2  . DLY A 1 2 ? -4.579 -7.683 -3.353 1.00 0.00 ? 2 DLY A HZ2  3  
HETATM 244  H HZ3  . DLY A 1 2 ? -5.797 -7.628 -4.536 1.00 0.00 ? 2 DLY A HZ3  3  
ATOM   245  N N    . ASN A 1 3 ? -0.300 -2.790 -1.366 1.00 0.00 ? 3 ASN A N    3  
ATOM   246  C CA   . ASN A 1 3 ? 0.917  -3.342 -0.802 1.00 0.00 ? 3 ASN A CA   3  
ATOM   247  C C    . ASN A 1 3 ? 2.030  -2.324 -0.995 1.00 0.00 ? 3 ASN A C    3  
ATOM   248  O O    . ASN A 1 3 ? 2.902  -2.203 -0.142 1.00 0.00 ? 3 ASN A O    3  
ATOM   249  C CB   . ASN A 1 3 ? 1.255  -4.683 -1.443 1.00 0.00 ? 3 ASN A CB   3  
ATOM   250  C CG   . ASN A 1 3 ? 0.187  -5.755 -1.341 1.00 0.00 ? 3 ASN A CG   3  
ATOM   251  O OD1  . ASN A 1 3 ? -0.356 -6.152 -2.372 1.00 0.00 ? 3 ASN A OD1  3  
ATOM   252  N ND2  . ASN A 1 3 ? -0.282 -6.103 -0.140 1.00 0.00 ? 3 ASN A ND2  3  
ATOM   253  H H    . ASN A 1 3 ? -0.472 -2.782 -2.364 1.00 0.00 ? 3 ASN A H    3  
ATOM   254  H HA   . ASN A 1 3 ? 0.799  -3.417 0.273  1.00 0.00 ? 3 ASN A HA   3  
ATOM   255  H HB2  . ASN A 1 3 ? 1.465  -4.569 -2.505 1.00 0.00 ? 3 ASN A HB2  3  
ATOM   256  H HB3  . ASN A 1 3 ? 2.125  -5.167 -0.986 1.00 0.00 ? 3 ASN A HB3  3  
ATOM   257  H HD21 . ASN A 1 3 ? 0.228  -5.876 0.704  1.00 0.00 ? 3 ASN A HD21 3  
ATOM   258  H HD22 . ASN A 1 3 ? -0.933 -6.881 -0.144 1.00 0.00 ? 3 ASN A HD22 3  
ATOM   259  N N    . ASP A 1 4 ? 2.014  -1.496 -2.049 1.00 0.00 ? 4 ASP A N    3  
ATOM   260  C CA   . ASP A 1 4 ? 3.060  -0.521 -2.287 1.00 0.00 ? 4 ASP A CA   3  
ATOM   261  C C    . ASP A 1 4 ? 3.059  0.626  -1.290 1.00 0.00 ? 4 ASP A C    3  
ATOM   262  O O    . ASP A 1 4 ? 2.147  1.450  -1.266 1.00 0.00 ? 4 ASP A O    3  
ATOM   263  C CB   . ASP A 1 4 ? 2.709  0.001  -3.684 1.00 0.00 ? 4 ASP A CB   3  
ATOM   264  C CG   . ASP A 1 4 ? 3.517  1.215  -4.119 1.00 0.00 ? 4 ASP A CG   3  
ATOM   265  O OD1  . ASP A 1 4 ? 3.073  1.926  -5.048 1.00 0.00 ? 4 ASP A OD1  3  
ATOM   266  O OD2  . ASP A 1 4 ? 4.523  1.532  -3.449 1.00 0.00 ? 4 ASP A OD2  3  
ATOM   267  H H    . ASP A 1 4 ? 1.171  -1.467 -2.602 1.00 0.00 ? 4 ASP A H    3  
ATOM   268  H HA   . ASP A 1 4 ? 4.046  -0.965 -2.396 1.00 0.00 ? 4 ASP A HA   3  
ATOM   269  H HB2  . ASP A 1 4 ? 2.780  -0.802 -4.424 1.00 0.00 ? 4 ASP A HB2  3  
ATOM   270  H HB3  . ASP A 1 4 ? 1.670  0.324  -3.706 1.00 0.00 ? 4 ASP A HB3  3  
ATOM   271  N N    . THR A 1 5 ? 4.040  0.740  -0.400 1.00 0.00 ? 5 THR A N    3  
ATOM   272  C CA   . THR A 1 5 ? 4.140  1.849  0.533  1.00 0.00 ? 5 THR A CA   3  
ATOM   273  C C    . THR A 1 5 ? 3.117  1.752  1.655  1.00 0.00 ? 5 THR A C    3  
ATOM   274  O O    . THR A 1 5 ? 3.000  2.618  2.516  1.00 0.00 ? 5 THR A O    3  
ATOM   275  C CB   . THR A 1 5 ? 4.193  3.204  -0.172 1.00 0.00 ? 5 THR A CB   3  
ATOM   276  O OG1  . THR A 1 5 ? 5.110  3.000  -1.217 1.00 0.00 ? 5 THR A OG1  3  
ATOM   277  C CG2  . THR A 1 5 ? 4.708  4.323  0.724  1.00 0.00 ? 5 THR A CG2  3  
ATOM   278  H H    . THR A 1 5 ? 4.685  -0.013 -0.261 1.00 0.00 ? 5 THR A H    3  
ATOM   279  H HA   . THR A 1 5 ? 5.110  1.672  1.003  1.00 0.00 ? 5 THR A HA   3  
ATOM   280  H HB   . THR A 1 5 ? 3.209  3.486  -0.566 1.00 0.00 ? 5 THR A HB   3  
ATOM   281  H HG1  . THR A 1 5 ? 4.667  2.338  -1.750 1.00 0.00 ? 5 THR A HG1  3  
ATOM   282  H HG21 . THR A 1 5 ? 5.674  4.163  1.198  1.00 0.00 ? 5 THR A HG21 3  
ATOM   283  H HG22 . THR A 1 5 ? 3.982  4.598  1.494  1.00 0.00 ? 5 THR A HG22 3  
ATOM   284  H HG23 . THR A 1 5 ? 4.802  5.258  0.170  1.00 0.00 ? 5 THR A HG23 3  
HETATM 285  N N    . DSG A 1 6 ? 2.301  0.695  1.631  1.00 0.00 ? 6 DSG A N    3  
HETATM 286  C CA   . DSG A 1 6 ? 1.128  0.548  2.475  1.00 0.00 ? 6 DSG A CA   3  
HETATM 287  C C    . DSG A 1 6 ? -0.104 1.209  1.879  1.00 0.00 ? 6 DSG A C    3  
HETATM 288  O O    . DSG A 1 6 ? -0.270 1.095  0.663  1.00 0.00 ? 6 DSG A O    3  
HETATM 289  C CB   . DSG A 1 6 ? 0.957  -0.959 2.678  1.00 0.00 ? 6 DSG A CB   3  
HETATM 290  C CG   . DSG A 1 6 ? 2.140  -1.592 3.380  1.00 0.00 ? 6 DSG A CG   3  
HETATM 291  O OD1  . DSG A 1 6 ? 2.132  -1.596 4.612  1.00 0.00 ? 6 DSG A OD1  3  
HETATM 292  N ND2  . DSG A 1 6 ? 3.194  -2.089 2.721  1.00 0.00 ? 6 DSG A ND2  3  
HETATM 293  H H    . DSG A 1 6 ? 2.605  -0.058 1.015  1.00 0.00 ? 6 DSG A H    3  
HETATM 294  H HA   . DSG A 1 6 ? 1.385  1.040  3.414  1.00 0.00 ? 6 DSG A HA   3  
HETATM 295  H HB2  . DSG A 1 6 ? 0.786  -1.512 1.759  1.00 0.00 ? 6 DSG A HB2  3  
HETATM 296  H HB3  . DSG A 1 6 ? 0.071  -1.108 3.299  1.00 0.00 ? 6 DSG A HB3  3  
HETATM 297  H HD21 . DSG A 1 6 ? 3.214  -2.175 1.716  1.00 0.00 ? 6 DSG A HD21 3  
HETATM 298  H HD22 . DSG A 1 6 ? 4.003  -2.362 3.254  1.00 0.00 ? 6 DSG A HD22 3  
HETATM 299  N N    . DPR A 1 7 ? -0.977 1.853  2.660  1.00 0.00 ? 7 DPR A N    3  
HETATM 300  C CA   . DPR A 1 7 ? -2.153 2.489  2.103  1.00 0.00 ? 7 DPR A CA   3  
HETATM 301  C CB   . DPR A 1 7 ? -2.917 3.239  3.193  1.00 0.00 ? 7 DPR A CB   3  
HETATM 302  C CG   . DPR A 1 7 ? -2.396 2.382  4.344  1.00 0.00 ? 7 DPR A CG   3  
HETATM 303  C CD   . DPR A 1 7 ? -0.937 2.019  4.098  1.00 0.00 ? 7 DPR A CD   3  
HETATM 304  C C    . DPR A 1 7 ? -3.084 1.508  1.409  1.00 0.00 ? 7 DPR A C    3  
HETATM 305  O O    . DPR A 1 7 ? -3.558 0.545  2.015  1.00 0.00 ? 7 DPR A O    3  
HETATM 306  H HA   . DPR A 1 7 ? -1.794 3.258  1.417  1.00 0.00 ? 7 DPR A HA   3  
HETATM 307  H HB2  . DPR A 1 7 ? -4.001 3.164  3.089  1.00 0.00 ? 7 DPR A HB2  3  
HETATM 308  H HB3  . DPR A 1 7 ? -2.610 4.279  3.301  1.00 0.00 ? 7 DPR A HB3  3  
HETATM 309  H HG2  . DPR A 1 7 ? -2.993 1.482  4.446  1.00 0.00 ? 7 DPR A HG2  3  
HETATM 310  H HG3  . DPR A 1 7 ? -2.573 2.938  5.274  1.00 0.00 ? 7 DPR A HG3  3  
HETATM 311  H HD2  . DPR A 1 7 ? -0.722 1.136  4.687  1.00 0.00 ? 7 DPR A HD2  3  
HETATM 312  H HD3  . DPR A 1 7 ? -0.385 2.904  4.427  1.00 0.00 ? 7 DPR A HD3  3  
ATOM   313  N N    . THR A 1 1 ? -3.709 1.895  0.173  1.00 0.00 ? 1 THR A N    4  
ATOM   314  C CA   . THR A 1 1 ? -4.665 1.116  -0.589 1.00 0.00 ? 1 THR A CA   4  
ATOM   315  C C    . THR A 1 1 ? -4.176 -0.055 -1.426 1.00 0.00 ? 1 THR A C    4  
ATOM   316  O O    . THR A 1 1 ? -4.471 -0.213 -2.612 1.00 0.00 ? 1 THR A O    4  
ATOM   317  C CB   . THR A 1 1 ? -5.456 1.994  -1.556 1.00 0.00 ? 1 THR A CB   4  
ATOM   318  O OG1  . THR A 1 1 ? -4.580 2.765  -2.350 1.00 0.00 ? 1 THR A OG1  4  
ATOM   319  C CG2  . THR A 1 1 ? -6.302 3.040  -0.819 1.00 0.00 ? 1 THR A CG2  4  
ATOM   320  H H1   . THR A 1 1 ? -3.446 2.773  -0.238 1.00 0.00 ? 1 THR A H1   4  
ATOM   321  H HA   . THR A 1 1 ? -5.359 0.620  0.083  1.00 0.00 ? 1 THR A HA   4  
ATOM   322  H HB   . THR A 1 1 ? -6.137 1.391  -2.167 1.00 0.00 ? 1 THR A HB   4  
ATOM   323  H HG1  . THR A 1 1 ? -5.011 3.620  -2.376 1.00 0.00 ? 1 THR A HG1  4  
ATOM   324  H HG21 . THR A 1 1 ? -7.148 2.550  -0.348 1.00 0.00 ? 1 THR A HG21 4  
ATOM   325  H HG22 . THR A 1 1 ? -6.833 3.553  -1.620 1.00 0.00 ? 1 THR A HG22 4  
ATOM   326  H HG23 . THR A 1 1 ? -5.643 3.700  -0.255 1.00 0.00 ? 1 THR A HG23 4  
HETATM 327  N N    . DLY A 1 2 ? -3.296 -0.857 -0.819 1.00 0.00 ? 2 DLY A N    4  
HETATM 328  C CA   . DLY A 1 2 ? -2.679 -2.062 -1.335 1.00 0.00 ? 2 DLY A CA   4  
HETATM 329  C C    . DLY A 1 2 ? -1.368 -2.398 -0.632 1.00 0.00 ? 2 DLY A C    4  
HETATM 330  O O    . DLY A 1 2 ? -1.291 -2.269 0.586  1.00 0.00 ? 2 DLY A O    4  
HETATM 331  C CB   . DLY A 1 2 ? -3.561 -3.292 -1.135 1.00 0.00 ? 2 DLY A CB   4  
HETATM 332  C CG   . DLY A 1 2 ? -4.930 -3.242 -1.820 1.00 0.00 ? 2 DLY A CG   4  
HETATM 333  C CD   . DLY A 1 2 ? -5.828 -4.458 -1.625 1.00 0.00 ? 2 DLY A CD   4  
HETATM 334  C CE   . DLY A 1 2 ? -6.316 -4.601 -0.189 1.00 0.00 ? 2 DLY A CE   4  
HETATM 335  N NZ   . DLY A 1 2 ? -6.956 -5.900 0.067  1.00 0.00 ? 2 DLY A NZ   4  
HETATM 336  H H    . DLY A 1 2 ? -3.030 -0.658 0.128  1.00 0.00 ? 2 DLY A H    4  
HETATM 337  H HA   . DLY A 1 2 ? -2.526 -1.836 -2.379 1.00 0.00 ? 2 DLY A HA   4  
HETATM 338  H HB2  . DLY A 1 2 ? -3.779 -3.403 -0.069 1.00 0.00 ? 2 DLY A HB2  4  
HETATM 339  H HB3  . DLY A 1 2 ? -3.020 -4.173 -1.474 1.00 0.00 ? 2 DLY A HB3  4  
HETATM 340  H HG2  . DLY A 1 2 ? -4.887 -3.297 -2.904 1.00 0.00 ? 2 DLY A HG2  4  
HETATM 341  H HG3  . DLY A 1 2 ? -5.563 -2.415 -1.518 1.00 0.00 ? 2 DLY A HG3  4  
HETATM 342  H HD2  . DLY A 1 2 ? -5.389 -5.382 -1.998 1.00 0.00 ? 2 DLY A HD2  4  
HETATM 343  H HD3  . DLY A 1 2 ? -6.652 -4.296 -2.324 1.00 0.00 ? 2 DLY A HD3  4  
HETATM 344  H HE2  . DLY A 1 2 ? -6.962 -3.788 0.114  1.00 0.00 ? 2 DLY A HE2  4  
HETATM 345  H HE3  . DLY A 1 2 ? -5.372 -4.607 0.370  1.00 0.00 ? 2 DLY A HE3  4  
HETATM 346  H HZ1  . DLY A 1 2 ? -6.338 -6.700 0.015  1.00 0.00 ? 2 DLY A HZ1  4  
HETATM 347  H HZ2  . DLY A 1 2 ? -7.729 -6.079 -0.554 1.00 0.00 ? 2 DLY A HZ2  4  
HETATM 348  H HZ3  . DLY A 1 2 ? -7.251 -5.822 1.038  1.00 0.00 ? 2 DLY A HZ3  4  
ATOM   349  N N    . ASN A 1 3 ? -0.353 -2.865 -1.355 1.00 0.00 ? 3 ASN A N    4  
ATOM   350  C CA   . ASN A 1 3 ? 0.901  -3.319 -0.785 1.00 0.00 ? 3 ASN A CA   4  
ATOM   351  C C    . ASN A 1 3 ? 2.060  -2.343 -0.731 1.00 0.00 ? 3 ASN A C    4  
ATOM   352  O O    . ASN A 1 3 ? 2.932  -2.390 0.138  1.00 0.00 ? 3 ASN A O    4  
ATOM   353  C CB   . ASN A 1 3 ? 1.384  -4.573 -1.511 1.00 0.00 ? 3 ASN A CB   4  
ATOM   354  C CG   . ASN A 1 3 ? 0.250  -5.512 -1.929 1.00 0.00 ? 3 ASN A CG   4  
ATOM   355  O OD1  . ASN A 1 3 ? -0.129 -5.565 -3.097 1.00 0.00 ? 3 ASN A OD1  4  
ATOM   356  N ND2  . ASN A 1 3 ? -0.317 -6.316 -1.035 1.00 0.00 ? 3 ASN A ND2  4  
ATOM   357  H H    . ASN A 1 3 ? -0.376 -2.855 -2.361 1.00 0.00 ? 3 ASN A H    4  
ATOM   358  H HA   . ASN A 1 3 ? 0.742  -3.704 0.220  1.00 0.00 ? 3 ASN A HA   4  
ATOM   359  H HB2  . ASN A 1 3 ? 1.908  -4.315 -2.430 1.00 0.00 ? 3 ASN A HB2  4  
ATOM   360  H HB3  . ASN A 1 3 ? 2.092  -5.095 -0.875 1.00 0.00 ? 3 ASN A HB3  4  
ATOM   361  H HD21 . ASN A 1 3 ? -0.001 -6.338 -0.069 1.00 0.00 ? 3 ASN A HD21 4  
ATOM   362  H HD22 . ASN A 1 3 ? -0.907 -7.032 -1.442 1.00 0.00 ? 3 ASN A HD22 4  
ATOM   363  N N    . ASP A 1 4 ? 2.131  -1.456 -1.737 1.00 0.00 ? 4 ASP A N    4  
ATOM   364  C CA   . ASP A 1 4 ? 3.121  -0.499 -2.180 1.00 0.00 ? 4 ASP A CA   4  
ATOM   365  C C    . ASP A 1 4 ? 3.072  0.784  -1.355 1.00 0.00 ? 4 ASP A C    4  
ATOM   366  O O    . ASP A 1 4 ? 2.204  1.655  -1.458 1.00 0.00 ? 4 ASP A O    4  
ATOM   367  C CB   . ASP A 1 4 ? 3.016  -0.155 -3.661 1.00 0.00 ? 4 ASP A CB   4  
ATOM   368  C CG   . ASP A 1 4 ? 4.053  0.882  -4.083 1.00 0.00 ? 4 ASP A CG   4  
ATOM   369  O OD1  . ASP A 1 4 ? 5.015  1.178  -3.342 1.00 0.00 ? 4 ASP A OD1  4  
ATOM   370  O OD2  . ASP A 1 4 ? 3.745  1.545  -5.091 1.00 0.00 ? 4 ASP A OD2  4  
ATOM   371  H H    . ASP A 1 4 ? 1.252  -1.368 -2.227 1.00 0.00 ? 4 ASP A H    4  
ATOM   372  H HA   . ASP A 1 4 ? 4.081  -0.992 -2.040 1.00 0.00 ? 4 ASP A HA   4  
ATOM   373  H HB2  . ASP A 1 4 ? 3.141  -1.048 -4.268 1.00 0.00 ? 4 ASP A HB2  4  
ATOM   374  H HB3  . ASP A 1 4 ? 2.077  0.356  -3.851 1.00 0.00 ? 4 ASP A HB3  4  
ATOM   375  N N    . THR A 1 5 ? 4.056  0.866  -0.457 1.00 0.00 ? 5 THR A N    4  
ATOM   376  C CA   . THR A 1 5 ? 4.182  1.889  0.552  1.00 0.00 ? 5 THR A CA   4  
ATOM   377  C C    . THR A 1 5 ? 3.079  1.774  1.588  1.00 0.00 ? 5 THR A C    4  
ATOM   378  O O    . THR A 1 5 ? 2.694  2.707  2.290  1.00 0.00 ? 5 THR A O    4  
ATOM   379  C CB   . THR A 1 5 ? 4.466  3.253  -0.076 1.00 0.00 ? 5 THR A CB   4  
ATOM   380  O OG1  . THR A 1 5 ? 5.269  3.256  -1.238 1.00 0.00 ? 5 THR A OG1  4  
ATOM   381  C CG2  . THR A 1 5 ? 4.959  4.370  0.847  1.00 0.00 ? 5 THR A CG2  4  
ATOM   382  H H    . THR A 1 5 ? 4.753  0.133  -0.436 1.00 0.00 ? 5 THR A H    4  
ATOM   383  H HA   . THR A 1 5 ? 5.134  1.639  1.039  1.00 0.00 ? 5 THR A HA   4  
ATOM   384  H HB   . THR A 1 5 ? 3.496  3.622  -0.410 1.00 0.00 ? 5 THR A HB   4  
ATOM   385  H HG1  . THR A 1 5 ? 5.076  2.444  -1.718 1.00 0.00 ? 5 THR A HG1  4  
ATOM   386  H HG21 . THR A 1 5 ? 5.771  3.955  1.442  1.00 0.00 ? 5 THR A HG21 4  
ATOM   387  H HG22 . THR A 1 5 ? 4.127  4.583  1.506  1.00 0.00 ? 5 THR A HG22 4  
ATOM   388  H HG23 . THR A 1 5 ? 5.211  5.291  0.310  1.00 0.00 ? 5 THR A HG23 4  
HETATM 389  N N    . DSG A 1 6 ? 2.376  0.642  1.625  1.00 0.00 ? 6 DSG A N    4  
HETATM 390  C CA   . DSG A 1 6 ? 1.205  0.498  2.466  1.00 0.00 ? 6 DSG A CA   4  
HETATM 391  C C    . DSG A 1 6 ? 0.006  1.112  1.754  1.00 0.00 ? 6 DSG A C    4  
HETATM 392  O O    . DSG A 1 6 ? -0.054 1.034  0.529  1.00 0.00 ? 6 DSG A O    4  
HETATM 393  C CB   . DSG A 1 6 ? 0.966  -0.963 2.798  1.00 0.00 ? 6 DSG A CB   4  
HETATM 394  C CG   . DSG A 1 6 ? 2.085  -1.621 3.595  1.00 0.00 ? 6 DSG A CG   4  
HETATM 395  O OD1  . DSG A 1 6 ? 2.037  -1.473 4.816  1.00 0.00 ? 6 DSG A OD1  4  
HETATM 396  N ND2  . DSG A 1 6 ? 3.052  -2.323 2.997  1.00 0.00 ? 6 DSG A ND2  4  
HETATM 397  H H    . DSG A 1 6 ? 2.483  0.093  0.786  1.00 0.00 ? 6 DSG A H    4  
HETATM 398  H HA   . DSG A 1 6 ? 1.351  0.958  3.446  1.00 0.00 ? 6 DSG A HA   4  
HETATM 399  H HB2  . DSG A 1 6 ? 0.819  -1.503 1.867  1.00 0.00 ? 6 DSG A HB2  4  
HETATM 400  H HB3  . DSG A 1 6 ? 0.048  -1.095 3.376  1.00 0.00 ? 6 DSG A HB3  4  
HETATM 401  H HD21 . DSG A 1 6 ? 3.013  -2.435 1.990  1.00 0.00 ? 6 DSG A HD21 4  
HETATM 402  H HD22 . DSG A 1 6 ? 3.962  -2.361 3.423  1.00 0.00 ? 6 DSG A HD22 4  
HETATM 403  N N    . DPR A 1 7 ? -0.939 1.717  2.489  1.00 0.00 ? 7 DPR A N    4  
HETATM 404  C CA   . DPR A 1 7 ? -2.065 2.378  1.870  1.00 0.00 ? 7 DPR A CA   4  
HETATM 405  C CB   . DPR A 1 7 ? -2.591 3.337  2.933  1.00 0.00 ? 7 DPR A CB   4  
HETATM 406  C CG   . DPR A 1 7 ? -2.317 2.542  4.210  1.00 0.00 ? 7 DPR A CG   4  
HETATM 407  C CD   . DPR A 1 7 ? -0.993 1.843  3.931  1.00 0.00 ? 7 DPR A CD   4  
HETATM 408  C C    . DPR A 1 7 ? -3.140 1.459  1.292  1.00 0.00 ? 7 DPR A C    4  
HETATM 409  O O    . DPR A 1 7 ? -3.460 0.410  1.839  1.00 0.00 ? 7 DPR A O    4  
HETATM 410  H HA   . DPR A 1 7 ? -1.727 3.087  1.107  1.00 0.00 ? 7 DPR A HA   4  
HETATM 411  H HB2  . DPR A 1 7 ? -3.668 3.468  2.915  1.00 0.00 ? 7 DPR A HB2  4  
HETATM 412  H HB3  . DPR A 1 7 ? -2.093 4.306  2.923  1.00 0.00 ? 7 DPR A HB3  4  
HETATM 413  H HG2  . DPR A 1 7 ? -3.180 1.890  4.373  1.00 0.00 ? 7 DPR A HG2  4  
HETATM 414  H HG3  . DPR A 1 7 ? -2.261 3.201  5.081  1.00 0.00 ? 7 DPR A HG3  4  
HETATM 415  H HD2  . DPR A 1 7 ? -0.934 0.894  4.462  1.00 0.00 ? 7 DPR A HD2  4  
HETATM 416  H HD3  . DPR A 1 7 ? -0.226 2.504  4.322  1.00 0.00 ? 7 DPR A HD3  4  
ATOM   417  N N    . THR A 1 1 ? -3.459 1.743  0.111  1.00 0.00 ? 1 THR A N    5  
ATOM   418  C CA   . THR A 1 1 ? -4.530 1.106  -0.626 1.00 0.00 ? 1 THR A CA   5  
ATOM   419  C C    . THR A 1 1 ? -4.133 -0.135 -1.404 1.00 0.00 ? 1 THR A C    5  
ATOM   420  O O    . THR A 1 1 ? -4.591 -0.300 -2.533 1.00 0.00 ? 1 THR A O    5  
ATOM   421  C CB   . THR A 1 1 ? -5.176 2.164  -1.518 1.00 0.00 ? 1 THR A CB   5  
ATOM   422  O OG1  . THR A 1 1 ? -4.258 2.789  -2.398 1.00 0.00 ? 1 THR A OG1  5  
ATOM   423  C CG2  . THR A 1 1 ? -5.794 3.298  -0.708 1.00 0.00 ? 1 THR A CG2  5  
ATOM   424  H H1   . THR A 1 1 ? -2.935 2.442  -0.396 1.00 0.00 ? 1 THR A H1   5  
ATOM   425  H HA   . THR A 1 1 ? -5.312 0.783  0.062  1.00 0.00 ? 1 THR A HA   5  
ATOM   426  H HB   . THR A 1 1 ? -6.015 1.719  -2.045 1.00 0.00 ? 1 THR A HB   5  
ATOM   427  H HG1  . THR A 1 1 ? -3.561 3.188  -1.879 1.00 0.00 ? 1 THR A HG1  5  
ATOM   428  H HG21 . THR A 1 1 ? -6.331 2.862  0.137  1.00 0.00 ? 1 THR A HG21 5  
ATOM   429  H HG22 . THR A 1 1 ? -6.523 3.862  -1.295 1.00 0.00 ? 1 THR A HG22 5  
ATOM   430  H HG23 . THR A 1 1 ? -5.133 4.052  -0.281 1.00 0.00 ? 1 THR A HG23 5  
HETATM 431  N N    . DLY A 1 2 ? -3.336 -0.983 -0.756 1.00 0.00 ? 2 DLY A N    5  
HETATM 432  C CA   . DLY A 1 2 ? -2.671 -2.149 -1.307 1.00 0.00 ? 2 DLY A CA   5  
HETATM 433  C C    . DLY A 1 2 ? -1.384 -2.522 -0.582 1.00 0.00 ? 2 DLY A C    5  
HETATM 434  O O    . DLY A 1 2 ? -1.360 -2.548 0.648  1.00 0.00 ? 2 DLY A O    5  
HETATM 435  C CB   . DLY A 1 2 ? -3.541 -3.397 -1.179 1.00 0.00 ? 2 DLY A CB   5  
HETATM 436  C CG   . DLY A 1 2 ? -3.576 -4.250 -2.446 1.00 0.00 ? 2 DLY A CG   5  
HETATM 437  C CD   . DLY A 1 2 ? -4.463 -5.484 -2.330 1.00 0.00 ? 2 DLY A CD   5  
HETATM 438  C CE   . DLY A 1 2 ? -5.954 -5.207 -2.511 1.00 0.00 ? 2 DLY A CE   5  
HETATM 439  N NZ   . DLY A 1 2 ? -6.733 -6.420 -2.236 1.00 0.00 ? 2 DLY A NZ   5  
HETATM 440  H H    . DLY A 1 2 ? -3.095 -0.690 0.183  1.00 0.00 ? 2 DLY A H    5  
HETATM 441  H HA   . DLY A 1 2 ? -2.481 -1.978 -2.370 1.00 0.00 ? 2 DLY A HA   5  
HETATM 442  H HB2  . DLY A 1 2 ? -4.524 -3.058 -0.860 1.00 0.00 ? 2 DLY A HB2  5  
HETATM 443  H HB3  . DLY A 1 2 ? -3.238 -4.061 -0.371 1.00 0.00 ? 2 DLY A HB3  5  
HETATM 444  H HG2  . DLY A 1 2 ? -2.604 -4.734 -2.594 1.00 0.00 ? 2 DLY A HG2  5  
HETATM 445  H HG3  . DLY A 1 2 ? -3.834 -3.688 -3.337 1.00 0.00 ? 2 DLY A HG3  5  
HETATM 446  H HD2  . DLY A 1 2 ? -4.300 -5.958 -1.362 1.00 0.00 ? 2 DLY A HD2  5  
HETATM 447  H HD3  . DLY A 1 2 ? -4.057 -6.143 -3.094 1.00 0.00 ? 2 DLY A HD3  5  
HETATM 448  H HE2  . DLY A 1 2 ? -6.107 -4.893 -3.542 1.00 0.00 ? 2 DLY A HE2  5  
HETATM 449  H HE3  . DLY A 1 2 ? -6.326 -4.460 -1.807 1.00 0.00 ? 2 DLY A HE3  5  
HETATM 450  H HZ1  . DLY A 1 2 ? -6.619 -6.578 -1.242 1.00 0.00 ? 2 DLY A HZ1  5  
HETATM 451  H HZ2  . DLY A 1 2 ? -6.340 -7.224 -2.701 1.00 0.00 ? 2 DLY A HZ2  5  
HETATM 452  H HZ3  . DLY A 1 2 ? -7.741 -6.295 -2.329 1.00 0.00 ? 2 DLY A HZ3  5  
ATOM   453  N N    . ASN A 1 3 ? -0.317 -2.813 -1.325 1.00 0.00 ? 3 ASN A N    5  
ATOM   454  C CA   . ASN A 1 3 ? 0.944  -3.165 -0.719 1.00 0.00 ? 3 ASN A CA   5  
ATOM   455  C C    . ASN A 1 3 ? 2.052  -2.126 -0.886 1.00 0.00 ? 3 ASN A C    5  
ATOM   456  O O    . ASN A 1 3 ? 2.762  -1.828 0.074  1.00 0.00 ? 3 ASN A O    5  
ATOM   457  C CB   . ASN A 1 3 ? 1.409  -4.545 -1.163 1.00 0.00 ? 3 ASN A CB   5  
ATOM   458  C CG   . ASN A 1 3 ? 0.275  -5.544 -1.021 1.00 0.00 ? 3 ASN A CG   5  
ATOM   459  O OD1  . ASN A 1 3 ? -0.271 -6.043 -1.999 1.00 0.00 ? 3 ASN A OD1  5  
ATOM   460  N ND2  . ASN A 1 3 ? 0.087  -5.973 0.227  1.00 0.00 ? 3 ASN A ND2  5  
ATOM   461  H H    . ASN A 1 3 ? -0.490 -2.980 -2.307 1.00 0.00 ? 3 ASN A H    5  
ATOM   462  H HA   . ASN A 1 3 ? 0.771  -3.164 0.358  1.00 0.00 ? 3 ASN A HA   5  
ATOM   463  H HB2  . ASN A 1 3 ? 1.850  -4.641 -2.156 1.00 0.00 ? 3 ASN A HB2  5  
ATOM   464  H HB3  . ASN A 1 3 ? 2.166  -4.801 -0.426 1.00 0.00 ? 3 ASN A HB3  5  
ATOM   465  H HD21 . ASN A 1 3 ? 0.775  -5.805 0.944  1.00 0.00 ? 3 ASN A HD21 5  
ATOM   466  H HD22 . ASN A 1 3 ? -0.621 -6.695 0.284  1.00 0.00 ? 3 ASN A HD22 5  
ATOM   467  N N    . ASP A 1 4 ? 2.242  -1.564 -2.085 1.00 0.00 ? 4 ASP A N    5  
ATOM   468  C CA   . ASP A 1 4 ? 3.217  -0.514 -2.332 1.00 0.00 ? 4 ASP A CA   5  
ATOM   469  C C    . ASP A 1 4 ? 3.061  0.615  -1.323 1.00 0.00 ? 4 ASP A C    5  
ATOM   470  O O    . ASP A 1 4 ? 2.068  1.327  -1.243 1.00 0.00 ? 4 ASP A O    5  
ATOM   471  C CB   . ASP A 1 4 ? 3.036  0.048  -3.737 1.00 0.00 ? 4 ASP A CB   5  
ATOM   472  C CG   . ASP A 1 4 ? 4.380  0.535  -4.261 1.00 0.00 ? 4 ASP A CG   5  
ATOM   473  O OD1  . ASP A 1 4 ? 4.727  0.094  -5.369 1.00 0.00 ? 4 ASP A OD1  5  
ATOM   474  O OD2  . ASP A 1 4 ? 5.127  1.170  -3.484 1.00 0.00 ? 4 ASP A OD2  5  
ATOM   475  H H    . ASP A 1 4 ? 1.789  -2.125 -2.785 1.00 0.00 ? 4 ASP A H    5  
ATOM   476  H HA   . ASP A 1 4 ? 4.206  -0.967 -2.266 1.00 0.00 ? 4 ASP A HA   5  
ATOM   477  H HB2  . ASP A 1 4 ? 2.551  -0.706 -4.353 1.00 0.00 ? 4 ASP A HB2  5  
ATOM   478  H HB3  . ASP A 1 4 ? 2.304  0.848  -3.702 1.00 0.00 ? 4 ASP A HB3  5  
ATOM   479  N N    . THR A 1 5 ? 4.101  0.719  -0.504 1.00 0.00 ? 5 THR A N    5  
ATOM   480  C CA   . THR A 1 5 ? 4.164  1.736  0.524  1.00 0.00 ? 5 THR A CA   5  
ATOM   481  C C    . THR A 1 5 ? 2.988  1.791  1.477  1.00 0.00 ? 5 THR A C    5  
ATOM   482  O O    . THR A 1 5 ? 2.742  2.785  2.152  1.00 0.00 ? 5 THR A O    5  
ATOM   483  C CB   . THR A 1 5 ? 4.553  3.124  0.021  1.00 0.00 ? 5 THR A CB   5  
ATOM   484  O OG1  . THR A 1 5 ? 5.395  2.995  -1.090 1.00 0.00 ? 5 THR A OG1  5  
ATOM   485  C CG2  . THR A 1 5 ? 5.280  4.051  0.998  1.00 0.00 ? 5 THR A CG2  5  
ATOM   486  H H    . THR A 1 5 ? 4.923  0.138  -0.595 1.00 0.00 ? 5 THR A H    5  
ATOM   487  H HA   . THR A 1 5 ? 5.031  1.463  1.138  1.00 0.00 ? 5 THR A HA   5  
ATOM   488  H HB   . THR A 1 5 ? 3.633  3.656  -0.236 1.00 0.00 ? 5 THR A HB   5  
ATOM   489  H HG1  . THR A 1 5 ? 5.289  2.090  -1.397 1.00 0.00 ? 5 THR A HG1  5  
ATOM   490  H HG21 . THR A 1 5 ? 5.737  4.945  0.586  1.00 0.00 ? 5 THR A HG21 5  
ATOM   491  H HG22 . THR A 1 5 ? 6.037  3.465  1.517  1.00 0.00 ? 5 THR A HG22 5  
ATOM   492  H HG23 . THR A 1 5 ? 4.508  4.376  1.692  1.00 0.00 ? 5 THR A HG23 5  
HETATM 493  N N    . DSG A 1 6 ? 2.235  0.694  1.552  1.00 0.00 ? 6 DSG A N    5  
HETATM 494  C CA   . DSG A 1 6 ? 1.062  0.492  2.389  1.00 0.00 ? 6 DSG A CA   5  
HETATM 495  C C    . DSG A 1 6 ? -0.181 1.098  1.763  1.00 0.00 ? 6 DSG A C    5  
HETATM 496  O O    . DSG A 1 6 ? -0.484 0.791  0.606  1.00 0.00 ? 6 DSG A O    5  
HETATM 497  C CB   . DSG A 1 6 ? 0.844  -1.002 2.597  1.00 0.00 ? 6 DSG A CB   5  
HETATM 498  C CG   . DSG A 1 6 ? 1.842  -1.758 3.459  1.00 0.00 ? 6 DSG A CG   5  
HETATM 499  O OD1  . DSG A 1 6 ? 1.921  -1.687 4.689  1.00 0.00 ? 6 DSG A OD1  5  
HETATM 500  N ND2  . DSG A 1 6 ? 2.702  -2.582 2.846  1.00 0.00 ? 6 DSG A ND2  5  
HETATM 501  H H    . DSG A 1 6 ? 2.472  -0.121 1.003  1.00 0.00 ? 6 DSG A H    5  
HETATM 502  H HA   . DSG A 1 6 ? 1.206  0.999  3.346  1.00 0.00 ? 6 DSG A HA   5  
HETATM 503  H HB2  . DSG A 1 6 ? 0.836  -1.411 1.584  1.00 0.00 ? 6 DSG A HB2  5  
HETATM 504  H HB3  . DSG A 1 6 ? -0.142 -1.286 2.973  1.00 0.00 ? 6 DSG A HB3  5  
HETATM 505  H HD21 . DSG A 1 6 ? 2.729  -2.661 1.845  1.00 0.00 ? 6 DSG A HD21 5  
HETATM 506  H HD22 . DSG A 1 6 ? 3.466  -3.018 3.343  1.00 0.00 ? 6 DSG A HD22 5  
HETATM 507  N N    . DPR A 1 7 ? -0.959 1.869  2.523  1.00 0.00 ? 7 DPR A N    5  
HETATM 508  C CA   . DPR A 1 7 ? -2.186 2.494  2.071  1.00 0.00 ? 7 DPR A CA   5  
HETATM 509  C CB   . DPR A 1 7 ? -2.828 3.156  3.283  1.00 0.00 ? 7 DPR A CB   5  
HETATM 510  C CG   . DPR A 1 7 ? -2.451 2.202  4.415  1.00 0.00 ? 7 DPR A CG   5  
HETATM 511  C CD   . DPR A 1 7 ? -1.074 1.745  3.964  1.00 0.00 ? 7 DPR A CD   5  
HETATM 512  C C    . DPR A 1 7 ? -3.116 1.508  1.373  1.00 0.00 ? 7 DPR A C    5  
HETATM 513  O O    . DPR A 1 7 ? -3.600 0.569  2.002  1.00 0.00 ? 7 DPR A O    5  
HETATM 514  H HA   . DPR A 1 7 ? -1.933 3.290  1.368  1.00 0.00 ? 7 DPR A HA   5  
HETATM 515  H HB2  . DPR A 1 7 ? -3.899 3.266  3.128  1.00 0.00 ? 7 DPR A HB2  5  
HETATM 516  H HB3  . DPR A 1 7 ? -2.399 4.145  3.401  1.00 0.00 ? 7 DPR A HB3  5  
HETATM 517  H HG2  . DPR A 1 7 ? -3.143 1.365  4.568  1.00 0.00 ? 7 DPR A HG2  5  
HETATM 518  H HG3  . DPR A 1 7 ? -2.271 2.690  5.374  1.00 0.00 ? 7 DPR A HG3  5  
HETATM 519  H HD2  . DPR A 1 7 ? -1.041 0.669  4.161  1.00 0.00 ? 7 DPR A HD2  5  
HETATM 520  H HD3  . DPR A 1 7 ? -0.316 2.245  4.547  1.00 0.00 ? 7 DPR A HD3  5  
ATOM   521  N N    . THR A 1 1 ? -2.988 1.574  -0.467 1.00 0.00 ? 1 THR A N    6  
ATOM   522  C CA   . THR A 1 1 ? -4.102 0.886  -1.080 1.00 0.00 ? 1 THR A CA   6  
ATOM   523  C C    . THR A 1 1 ? -3.969 -0.620 -1.166 1.00 0.00 ? 1 THR A C    6  
ATOM   524  O O    . THR A 1 1 ? -4.676 -1.263 -1.935 1.00 0.00 ? 1 THR A O    6  
ATOM   525  C CB   . THR A 1 1 ? -4.495 1.431  -2.453 1.00 0.00 ? 1 THR A CB   6  
ATOM   526  O OG1  . THR A 1 1 ? -3.390 1.376  -3.333 1.00 0.00 ? 1 THR A OG1  6  
ATOM   527  C CG2  . THR A 1 1 ? -4.909 2.897  -2.443 1.00 0.00 ? 1 THR A CG2  6  
ATOM   528  H H1   . THR A 1 1 ? -2.168 1.824  -1.017 1.00 0.00 ? 1 THR A H1   6  
ATOM   529  H HA   . THR A 1 1 ? -4.957 1.146  -0.450 1.00 0.00 ? 1 THR A HA   6  
ATOM   530  H HB   . THR A 1 1 ? -5.292 0.773  -2.789 1.00 0.00 ? 1 THR A HB   6  
ATOM   531  H HG1  . THR A 1 1 ? -3.559 1.827  -4.166 1.00 0.00 ? 1 THR A HG1  6  
ATOM   532  H HG21 . THR A 1 1 ? -4.054 3.549  -2.275 1.00 0.00 ? 1 THR A HG21 6  
ATOM   533  H HG22 . THR A 1 1 ? -5.610 3.044  -1.619 1.00 0.00 ? 1 THR A HG22 6  
ATOM   534  H HG23 . THR A 1 1 ? -5.495 3.060  -3.354 1.00 0.00 ? 1 THR A HG23 6  
HETATM 535  N N    . DLY A 1 2 ? -2.992 -1.122 -0.408 1.00 0.00 ? 2 DLY A N    6  
HETATM 536  C CA   . DLY A 1 2 ? -2.863 -2.523 -0.040 1.00 0.00 ? 2 DLY A CA   6  
HETATM 537  C C    . DLY A 1 2 ? -1.492 -3.117 -0.349 1.00 0.00 ? 2 DLY A C    6  
HETATM 538  O O    . DLY A 1 2 ? -1.057 -4.086 0.261  1.00 0.00 ? 2 DLY A O    6  
HETATM 539  C CB   . DLY A 1 2 ? -3.333 -2.751 1.384  1.00 0.00 ? 2 DLY A CB   6  
HETATM 540  C CG   . DLY A 1 2 ? -4.812 -2.464 1.645  1.00 0.00 ? 2 DLY A CG   6  
HETATM 541  C CD   . DLY A 1 2 ? -5.800 -3.435 0.994  1.00 0.00 ? 2 DLY A CD   6  
HETATM 542  C CE   . DLY A 1 2 ? -5.701 -4.886 1.461  1.00 0.00 ? 2 DLY A CE   6  
HETATM 543  N NZ   . DLY A 1 2 ? -6.318 -5.902 0.597  1.00 0.00 ? 2 DLY A NZ   6  
HETATM 544  H H    . DLY A 1 2 ? -2.258 -0.506 -0.081 1.00 0.00 ? 2 DLY A H    6  
HETATM 545  H HA   . DLY A 1 2 ? -3.481 -3.061 -0.755 1.00 0.00 ? 2 DLY A HA   6  
HETATM 546  H HB2  . DLY A 1 2 ? -2.701 -2.203 2.082  1.00 0.00 ? 2 DLY A HB2  6  
HETATM 547  H HB3  . DLY A 1 2 ? -3.131 -3.772 1.728  1.00 0.00 ? 2 DLY A HB3  6  
HETATM 548  H HG2  . DLY A 1 2 ? -5.044 -1.447 1.351  1.00 0.00 ? 2 DLY A HG2  6  
HETATM 549  H HG3  . DLY A 1 2 ? -4.894 -2.483 2.735  1.00 0.00 ? 2 DLY A HG3  6  
HETATM 550  H HD2  . DLY A 1 2 ? -5.649 -3.366 -0.076 1.00 0.00 ? 2 DLY A HD2  6  
HETATM 551  H HD3  . DLY A 1 2 ? -6.818 -3.066 1.157  1.00 0.00 ? 2 DLY A HD3  6  
HETATM 552  H HE2  . DLY A 1 2 ? -6.267 -4.929 2.386  1.00 0.00 ? 2 DLY A HE2  6  
HETATM 553  H HE3  . DLY A 1 2 ? -4.672 -5.207 1.552  1.00 0.00 ? 2 DLY A HE3  6  
HETATM 554  H HZ1  . DLY A 1 2 ? -6.260 -6.849 0.962  1.00 0.00 ? 2 DLY A HZ1  6  
HETATM 555  H HZ2  . DLY A 1 2 ? -5.797 -5.882 -0.263 1.00 0.00 ? 2 DLY A HZ2  6  
HETATM 556  H HZ3  . DLY A 1 2 ? -7.274 -5.734 0.292  1.00 0.00 ? 2 DLY A HZ3  6  
ATOM   557  N N    . ASN A 1 3 ? -0.698 -2.460 -1.198 1.00 0.00 ? 3 ASN A N    6  
ATOM   558  C CA   . ASN A 1 3 ? 0.647  -2.919 -1.502 1.00 0.00 ? 3 ASN A CA   6  
ATOM   559  C C    . ASN A 1 3 ? 1.727  -1.872 -1.285 1.00 0.00 ? 3 ASN A C    6  
ATOM   560  O O    . ASN A 1 3 ? 2.516  -1.919 -0.345 1.00 0.00 ? 3 ASN A O    6  
ATOM   561  C CB   . ASN A 1 3 ? 0.711  -3.476 -2.919 1.00 0.00 ? 3 ASN A CB   6  
ATOM   562  C CG   . ASN A 1 3 ? 0.039  -4.842 -3.064 1.00 0.00 ? 3 ASN A CG   6  
ATOM   563  O OD1  . ASN A 1 3 ? 0.502  -5.886 -2.608 1.00 0.00 ? 3 ASN A OD1  6  
ATOM   564  N ND2  . ASN A 1 3 ? -1.065 -4.835 -3.803 1.00 0.00 ? 3 ASN A ND2  6  
ATOM   565  H H    . ASN A 1 3 ? -1.078 -1.616 -1.585 1.00 0.00 ? 3 ASN A H    6  
ATOM   566  H HA   . ASN A 1 3 ? 0.977  -3.676 -0.787 1.00 0.00 ? 3 ASN A HA   6  
ATOM   567  H HB2  . ASN A 1 3 ? 0.263  -2.768 -3.616 1.00 0.00 ? 3 ASN A HB2  6  
ATOM   568  H HB3  . ASN A 1 3 ? 1.764  -3.487 -3.216 1.00 0.00 ? 3 ASN A HB3  6  
ATOM   569  H HD21 . ASN A 1 3 ? -1.371 -3.965 -4.225 1.00 0.00 ? 3 ASN A HD21 6  
ATOM   570  H HD22 . ASN A 1 3 ? -1.479 -5.700 -4.126 1.00 0.00 ? 3 ASN A HD22 6  
ATOM   571  N N    . ASP A 1 4 ? 1.711  -0.839 -2.135 1.00 0.00 ? 4 ASP A N    6  
ATOM   572  C CA   . ASP A 1 4 ? 2.836  0.069  -2.229 1.00 0.00 ? 4 ASP A CA   6  
ATOM   573  C C    . ASP A 1 4 ? 2.890  1.063  -1.079 1.00 0.00 ? 4 ASP A C    6  
ATOM   574  O O    . ASP A 1 4 ? 2.057  1.962  -0.935 1.00 0.00 ? 4 ASP A O    6  
ATOM   575  C CB   . ASP A 1 4 ? 2.902  0.706  -3.618 1.00 0.00 ? 4 ASP A CB   6  
ATOM   576  C CG   . ASP A 1 4 ? 4.112  1.602  -3.851 1.00 0.00 ? 4 ASP A CG   6  
ATOM   577  O OD1  . ASP A 1 4 ? 4.076  2.812  -4.155 1.00 0.00 ? 4 ASP A OD1  6  
ATOM   578  O OD2  . ASP A 1 4 ? 5.227  1.036  -3.747 1.00 0.00 ? 4 ASP A OD2  6  
ATOM   579  H H    . ASP A 1 4 ? 1.025  -0.770 -2.862 1.00 0.00 ? 4 ASP A H    6  
ATOM   580  H HA   . ASP A 1 4 ? 3.769  -0.498 -2.191 1.00 0.00 ? 4 ASP A HA   6  
ATOM   581  H HB2  . ASP A 1 4 ? 2.907  -0.153 -4.284 1.00 0.00 ? 4 ASP A HB2  6  
ATOM   582  H HB3  . ASP A 1 4 ? 2.020  1.334  -3.694 1.00 0.00 ? 4 ASP A HB3  6  
ATOM   583  N N    . THR A 1 5 ? 3.930  0.949  -0.234 1.00 0.00 ? 5 THR A N    6  
ATOM   584  C CA   . THR A 1 5 ? 4.122  1.705  0.983  1.00 0.00 ? 5 THR A CA   6  
ATOM   585  C C    . THR A 1 5 ? 3.053  1.409  2.031  1.00 0.00 ? 5 THR A C    6  
ATOM   586  O O    . THR A 1 5 ? 3.133  1.961  3.120  1.00 0.00 ? 5 THR A O    6  
ATOM   587  C CB   . THR A 1 5 ? 4.506  3.176  0.875  1.00 0.00 ? 5 THR A CB   6  
ATOM   588  O OG1  . THR A 1 5 ? 5.066  3.515  -0.369 1.00 0.00 ? 5 THR A OG1  6  
ATOM   589  C CG2  . THR A 1 5 ? 5.448  3.616  1.998  1.00 0.00 ? 5 THR A CG2  6  
ATOM   590  H H    . THR A 1 5 ? 4.635  0.256  -0.445 1.00 0.00 ? 5 THR A H    6  
ATOM   591  H HA   . THR A 1 5 ? 4.986  1.170  1.382  1.00 0.00 ? 5 THR A HA   6  
ATOM   592  H HB   . THR A 1 5 ? 3.562  3.726  0.989  1.00 0.00 ? 5 THR A HB   6  
ATOM   593  H HG1  . THR A 1 5 ? 5.871  2.988  -0.383 1.00 0.00 ? 5 THR A HG1  6  
ATOM   594  H HG21 . THR A 1 5 ? 5.640  4.667  1.775  1.00 0.00 ? 5 THR A HG21 6  
ATOM   595  H HG22 . THR A 1 5 ? 6.308  2.952  2.057  1.00 0.00 ? 5 THR A HG22 6  
ATOM   596  H HG23 . THR A 1 5 ? 4.980  3.554  2.983  1.00 0.00 ? 5 THR A HG23 6  
HETATM 597  N N    . DSG A 1 6 ? 2.178  0.434  1.789  1.00 0.00 ? 6 DSG A N    6  
HETATM 598  C CA   . DSG A 1 6 ? 0.994  0.165  2.571  1.00 0.00 ? 6 DSG A CA   6  
HETATM 599  C C    . DSG A 1 6 ? -0.261 0.662  1.865  1.00 0.00 ? 6 DSG A C    6  
HETATM 600  O O    . DSG A 1 6 ? -0.749 -0.043 0.981  1.00 0.00 ? 6 DSG A O    6  
HETATM 601  C CB   . DSG A 1 6 ? 0.893  -1.350 2.684  1.00 0.00 ? 6 DSG A CB   6  
HETATM 602  C CG   . DSG A 1 6 ? 1.970  -2.089 3.460  1.00 0.00 ? 6 DSG A CG   6  
HETATM 603  O OD1  . DSG A 1 6 ? 2.934  -1.512 3.969  1.00 0.00 ? 6 DSG A OD1  6  
HETATM 604  N ND2  . DSG A 1 6 ? 1.942  -3.417 3.397  1.00 0.00 ? 6 DSG A ND2  6  
HETATM 605  H H    . DSG A 1 6 ? 2.243  0.006  0.876  1.00 0.00 ? 6 DSG A H    6  
HETATM 606  H HA   . DSG A 1 6 ? 1.017  0.581  3.585  1.00 0.00 ? 6 DSG A HA   6  
HETATM 607  H HB2  . DSG A 1 6 ? 0.970  -1.671 1.635  1.00 0.00 ? 6 DSG A HB2  6  
HETATM 608  H HB3  . DSG A 1 6 ? -0.109 -1.712 2.918  1.00 0.00 ? 6 DSG A HB3  6  
HETATM 609  H HD21 . DSG A 1 6 ? 1.096  -3.880 3.100  1.00 0.00 ? 6 DSG A HD21 6  
HETATM 610  H HD22 . DSG A 1 6 ? 2.688  -4.002 3.746  1.00 0.00 ? 6 DSG A HD22 6  
HETATM 611  N N    . DPR A 1 7 ? -0.810 1.838  2.197  1.00 0.00 ? 7 DPR A N    6  
HETATM 612  C CA   . DPR A 1 7 ? -1.634 2.615  1.297  1.00 0.00 ? 7 DPR A CA   6  
HETATM 613  C CB   . DPR A 1 7 ? -1.911 3.920  2.050  1.00 0.00 ? 7 DPR A CB   6  
HETATM 614  C CG   . DPR A 1 7 ? -0.695 3.999  2.975  1.00 0.00 ? 7 DPR A CG   6  
HETATM 615  C CD   . DPR A 1 7 ? -0.507 2.551  3.418  1.00 0.00 ? 7 DPR A CD   6  
HETATM 616  C C    . DPR A 1 7 ? -2.895 1.917  0.816  1.00 0.00 ? 7 DPR A C    6  
HETATM 617  O O    . DPR A 1 7 ? -3.769 1.522  1.596  1.00 0.00 ? 7 DPR A O    6  
HETATM 618  H HA   . DPR A 1 7 ? -1.024 2.888  0.437  1.00 0.00 ? 7 DPR A HA   6  
HETATM 619  H HB2  . DPR A 1 7 ? -2.837 3.880  2.637  1.00 0.00 ? 7 DPR A HB2  6  
HETATM 620  H HB3  . DPR A 1 7 ? -2.031 4.813  1.445  1.00 0.00 ? 7 DPR A HB3  6  
HETATM 621  H HG2  . DPR A 1 7 ? -1.051 4.625  3.791  1.00 0.00 ? 7 DPR A HG2  6  
HETATM 622  H HG3  . DPR A 1 7 ? 0.163  4.433  2.462  1.00 0.00 ? 7 DPR A HG3  6  
HETATM 623  H HD2  . DPR A 1 7 ? -1.162 2.257  4.240  1.00 0.00 ? 7 DPR A HD2  6  
HETATM 624  H HD3  . DPR A 1 7 ? 0.518  2.342  3.749  1.00 0.00 ? 7 DPR A HD3  6  
ATOM   625  N N    . THR A 1 1 ? -3.123 1.655  -0.414 1.00 0.00 ? 1 THR A N    7  
ATOM   626  C CA   . THR A 1 1 ? -4.191 0.979  -1.124 1.00 0.00 ? 1 THR A CA   7  
ATOM   627  C C    . THR A 1 1 ? -3.965 -0.523 -1.221 1.00 0.00 ? 1 THR A C    7  
ATOM   628  O O    . THR A 1 1 ? -4.796 -1.187 -1.848 1.00 0.00 ? 1 THR A O    7  
ATOM   629  C CB   . THR A 1 1 ? -4.600 1.672  -2.414 1.00 0.00 ? 1 THR A CB   7  
ATOM   630  O OG1  . THR A 1 1 ? -3.445 1.789  -3.223 1.00 0.00 ? 1 THR A OG1  7  
ATOM   631  C CG2  . THR A 1 1 ? -5.242 3.025  -2.110 1.00 0.00 ? 1 THR A CG2  7  
ATOM   632  H H1   . THR A 1 1 ? -2.463 2.128  -1.018 1.00 0.00 ? 1 THR A H1   7  
ATOM   633  H HA   . THR A 1 1 ? -5.095 1.044  -0.527 1.00 0.00 ? 1 THR A HA   7  
ATOM   634  H HB   . THR A 1 1 ? -5.282 1.015  -2.970 1.00 0.00 ? 1 THR A HB   7  
ATOM   635  H HG1  . THR A 1 1 ? -3.745 1.815  -4.133 1.00 0.00 ? 1 THR A HG1  7  
ATOM   636  H HG21 . THR A 1 1 ? -4.591 3.656  -1.503 1.00 0.00 ? 1 THR A HG21 7  
ATOM   637  H HG22 . THR A 1 1 ? -6.159 2.814  -1.569 1.00 0.00 ? 1 THR A HG22 7  
ATOM   638  H HG23 . THR A 1 1 ? -5.550 3.541  -3.017 1.00 0.00 ? 1 THR A HG23 7  
HETATM 639  N N    . DLY A 1 2 ? -2.911 -1.064 -0.616 1.00 0.00 ? 2 DLY A N    7  
HETATM 640  C CA   . DLY A 1 2 ? -2.891 -2.390 -0.033 1.00 0.00 ? 2 DLY A CA   7  
HETATM 641  C C    . DLY A 1 2 ? -1.441 -2.863 -0.075 1.00 0.00 ? 2 DLY A C    7  
HETATM 642  O O    . DLY A 1 2 ? -1.077 -3.711 0.729  1.00 0.00 ? 2 DLY A O    7  
HETATM 643  C CB   . DLY A 1 2 ? -3.416 -2.386 1.403  1.00 0.00 ? 2 DLY A CB   7  
HETATM 644  C CG   . DLY A 1 2 ? -4.945 -2.272 1.512  1.00 0.00 ? 2 DLY A CG   7  
HETATM 645  C CD   . DLY A 1 2 ? -5.815 -3.284 0.783  1.00 0.00 ? 2 DLY A CD   7  
HETATM 646  C CE   . DLY A 1 2 ? -5.337 -4.717 1.006  1.00 0.00 ? 2 DLY A CE   7  
HETATM 647  N NZ   . DLY A 1 2 ? -6.136 -5.627 0.164  1.00 0.00 ? 2 DLY A NZ   7  
HETATM 648  H H    . DLY A 1 2 ? -2.325 -0.387 -0.138 1.00 0.00 ? 2 DLY A H    7  
HETATM 649  H HA   . DLY A 1 2 ? -3.457 -3.053 -0.681 1.00 0.00 ? 2 DLY A HA   7  
HETATM 650  H HB2  . DLY A 1 2 ? -2.953 -1.515 1.863  1.00 0.00 ? 2 DLY A HB2  7  
HETATM 651  H HB3  . DLY A 1 2 ? -3.095 -3.265 1.952  1.00 0.00 ? 2 DLY A HB3  7  
HETATM 652  H HG2  . DLY A 1 2 ? -5.229 -1.294 1.126  1.00 0.00 ? 2 DLY A HG2  7  
HETATM 653  H HG3  . DLY A 1 2 ? -5.121 -2.402 2.581  1.00 0.00 ? 2 DLY A HG3  7  
HETATM 654  H HD2  . DLY A 1 2 ? -5.841 -3.047 -0.281 1.00 0.00 ? 2 DLY A HD2  7  
HETATM 655  H HD3  . DLY A 1 2 ? -6.816 -3.157 1.180  1.00 0.00 ? 2 DLY A HD3  7  
HETATM 656  H HE2  . DLY A 1 2 ? -5.431 -5.047 2.038  1.00 0.00 ? 2 DLY A HE2  7  
HETATM 657  H HE3  . DLY A 1 2 ? -4.259 -4.838 0.859  1.00 0.00 ? 2 DLY A HE3  7  
HETATM 658  H HZ1  . DLY A 1 2 ? -7.125 -5.553 0.318  1.00 0.00 ? 2 DLY A HZ1  7  
HETATM 659  H HZ2  . DLY A 1 2 ? -5.887 -6.603 0.239  1.00 0.00 ? 2 DLY A HZ2  7  
HETATM 660  H HZ3  . DLY A 1 2 ? -5.950 -5.376 -0.796 1.00 0.00 ? 2 DLY A HZ3  7  
ATOM   661  N N    . ASN A 1 3 ? -0.563 -2.286 -0.903 1.00 0.00 ? 3 ASN A N    7  
ATOM   662  C CA   . ASN A 1 3 ? 0.674  -2.906 -1.341 1.00 0.00 ? 3 ASN A CA   7  
ATOM   663  C C    . ASN A 1 3 ? 1.805  -1.896 -1.271 1.00 0.00 ? 3 ASN A C    7  
ATOM   664  O O    . ASN A 1 3 ? 2.586  -1.900 -0.319 1.00 0.00 ? 3 ASN A O    7  
ATOM   665  C CB   . ASN A 1 3 ? 0.465  -3.645 -2.657 1.00 0.00 ? 3 ASN A CB   7  
ATOM   666  C CG   . ASN A 1 3 ? -0.609 -4.709 -2.845 1.00 0.00 ? 3 ASN A CG   7  
ATOM   667  O OD1  . ASN A 1 3 ? -1.374 -4.767 -3.804 1.00 0.00 ? 3 ASN A OD1  7  
ATOM   668  N ND2  . ASN A 1 3 ? -0.626 -5.724 -1.983 1.00 0.00 ? 3 ASN A ND2  7  
ATOM   669  H H    . ASN A 1 3 ? -0.928 -1.433 -1.307 1.00 0.00 ? 3 ASN A H    7  
ATOM   670  H HA   . ASN A 1 3 ? 0.991  -3.716 -0.690 1.00 0.00 ? 3 ASN A HA   7  
ATOM   671  H HB2  . ASN A 1 3 ? 0.124  -2.890 -3.372 1.00 0.00 ? 3 ASN A HB2  7  
ATOM   672  H HB3  . ASN A 1 3 ? 1.425  -4.079 -2.951 1.00 0.00 ? 3 ASN A HB3  7  
ATOM   673  H HD21 . ASN A 1 3 ? 0.077  -5.856 -1.265 1.00 0.00 ? 3 ASN A HD21 7  
ATOM   674  H HD22 . ASN A 1 3 ? -1.356 -6.392 -2.143 1.00 0.00 ? 3 ASN A HD22 7  
ATOM   675  N N    . ASP A 1 4 ? 1.882  -0.981 -2.235 1.00 0.00 ? 4 ASP A N    7  
ATOM   676  C CA   . ASP A 1 4 ? 2.913  0.045  -2.274 1.00 0.00 ? 4 ASP A CA   7  
ATOM   677  C C    . ASP A 1 4 ? 2.800  0.998  -1.094 1.00 0.00 ? 4 ASP A C    7  
ATOM   678  O O    . ASP A 1 4 ? 1.815  1.706  -0.925 1.00 0.00 ? 4 ASP A O    7  
ATOM   679  C CB   . ASP A 1 4 ? 2.997  0.876  -3.554 1.00 0.00 ? 4 ASP A CB   7  
ATOM   680  C CG   . ASP A 1 4 ? 4.332  1.585  -3.771 1.00 0.00 ? 4 ASP A CG   7  
ATOM   681  O OD1  . ASP A 1 4 ? 4.925  1.453  -4.865 1.00 0.00 ? 4 ASP A OD1  7  
ATOM   682  O OD2  . ASP A 1 4 ? 4.788  2.260  -2.820 1.00 0.00 ? 4 ASP A OD2  7  
ATOM   683  H H    . ASP A 1 4 ? 1.143  -0.997 -2.929 1.00 0.00 ? 4 ASP A H    7  
ATOM   684  H HA   . ASP A 1 4 ? 3.837  -0.526 -2.223 1.00 0.00 ? 4 ASP A HA   7  
ATOM   685  H HB2  . ASP A 1 4 ? 2.806  0.225  -4.405 1.00 0.00 ? 4 ASP A HB2  7  
ATOM   686  H HB3  . ASP A 1 4 ? 2.243  1.659  -3.485 1.00 0.00 ? 4 ASP A HB3  7  
ATOM   687  N N    . THR A 1 5 ? 3.834  0.948  -0.246 1.00 0.00 ? 5 THR A N    7  
ATOM   688  C CA   . THR A 1 5 ? 4.068  1.772  0.915  1.00 0.00 ? 5 THR A CA   7  
ATOM   689  C C    . THR A 1 5 ? 3.065  1.462  2.010  1.00 0.00 ? 5 THR A C    7  
ATOM   690  O O    . THR A 1 5 ? 2.987  2.125  3.046  1.00 0.00 ? 5 THR A O    7  
ATOM   691  C CB   . THR A 1 5 ? 4.231  3.255  0.584  1.00 0.00 ? 5 THR A CB   7  
ATOM   692  O OG1  . THR A 1 5 ? 5.201  3.437  -0.425 1.00 0.00 ? 5 THR A OG1  7  
ATOM   693  C CG2  . THR A 1 5 ? 4.723  4.236  1.651  1.00 0.00 ? 5 THR A CG2  7  
ATOM   694  H H    . THR A 1 5 ? 4.581  0.384  -0.642 1.00 0.00 ? 5 THR A H    7  
ATOM   695  H HA   . THR A 1 5 ? 5.081  1.452  1.192  1.00 0.00 ? 5 THR A HA   7  
ATOM   696  H HB   . THR A 1 5 ? 3.328  3.620  0.089  1.00 0.00 ? 5 THR A HB   7  
ATOM   697  H HG1  . THR A 1 5 ? 5.159  2.714  -1.049 1.00 0.00 ? 5 THR A HG1  7  
ATOM   698  H HG21 . THR A 1 5 ? 5.062  5.171  1.215  1.00 0.00 ? 5 THR A HG21 7  
ATOM   699  H HG22 . THR A 1 5 ? 5.542  3.856  2.257  1.00 0.00 ? 5 THR A HG22 7  
ATOM   700  H HG23 . THR A 1 5 ? 3.898  4.511  2.299  1.00 0.00 ? 5 THR A HG23 7  
HETATM 701  N N    . DSG A 1 6 ? 2.224  0.432  1.829  1.00 0.00 ? 6 DSG A N    7  
HETATM 702  C CA   . DSG A 1 6 ? 1.042  0.089  2.593  1.00 0.00 ? 6 DSG A CA   7  
HETATM 703  C C    . DSG A 1 6 ? -0.149 0.606  1.789  1.00 0.00 ? 6 DSG A C    7  
HETATM 704  O O    . DSG A 1 6 ? -0.474 0.064  0.733  1.00 0.00 ? 6 DSG A O    7  
HETATM 705  C CB   . DSG A 1 6 ? 0.991  -1.435 2.685  1.00 0.00 ? 6 DSG A CB   7  
HETATM 706  C CG   . DSG A 1 6 ? 2.185  -2.007 3.433  1.00 0.00 ? 6 DSG A CG   7  
HETATM 707  O OD1  . DSG A 1 6 ? 2.320  -2.189 4.650  1.00 0.00 ? 6 DSG A OD1  7  
HETATM 708  N ND2  . DSG A 1 6 ? 3.283  -2.278 2.729  1.00 0.00 ? 6 DSG A ND2  7  
HETATM 709  H H    . DSG A 1 6 ? 2.236  -0.015 0.929  1.00 0.00 ? 6 DSG A H    7  
HETATM 710  H HA   . DSG A 1 6 ? 0.986  0.505  3.600  1.00 0.00 ? 6 DSG A HA   7  
HETATM 711  H HB2  . DSG A 1 6 ? 1.014  -1.913 1.712  1.00 0.00 ? 6 DSG A HB2  7  
HETATM 712  H HB3  . DSG A 1 6 ? 0.049  -1.692 3.170  1.00 0.00 ? 6 DSG A HB3  7  
HETATM 713  H HD21 . DSG A 1 6 ? 3.244  -2.175 1.728  1.00 0.00 ? 6 DSG A HD21 7  
HETATM 714  H HD22 . DSG A 1 6 ? 4.002  -2.699 3.300  1.00 0.00 ? 6 DSG A HD22 7  
HETATM 715  N N    . DPR A 1 7 ? -0.753 1.717  2.206  1.00 0.00 ? 7 DPR A N    7  
HETATM 716  C CA   . DPR A 1 7 ? -1.613 2.410  1.264  1.00 0.00 ? 7 DPR A CA   7  
HETATM 717  C CB   . DPR A 1 7 ? -1.755 3.816  1.835  1.00 0.00 ? 7 DPR A CB   7  
HETATM 718  C CG   . DPR A 1 7 ? -1.709 3.580  3.343  1.00 0.00 ? 7 DPR A CG   7  
HETATM 719  C CD   . DPR A 1 7 ? -0.663 2.469  3.440  1.00 0.00 ? 7 DPR A CD   7  
HETATM 720  C C    . DPR A 1 7 ? -2.919 1.720  0.900  1.00 0.00 ? 7 DPR A C    7  
HETATM 721  O O    . DPR A 1 7 ? -3.698 1.272  1.730  1.00 0.00 ? 7 DPR A O    7  
HETATM 722  H HA   . DPR A 1 7 ? -1.028 2.435  0.345  1.00 0.00 ? 7 DPR A HA   7  
HETATM 723  H HB2  . DPR A 1 7 ? -2.754 4.185  1.578  1.00 0.00 ? 7 DPR A HB2  7  
HETATM 724  H HB3  . DPR A 1 7 ? -1.039 4.593  1.557  1.00 0.00 ? 7 DPR A HB3  7  
HETATM 725  H HG2  . DPR A 1 7 ? -2.649 3.200  3.743  1.00 0.00 ? 7 DPR A HG2  7  
HETATM 726  H HG3  . DPR A 1 7 ? -1.455 4.528  3.800  1.00 0.00 ? 7 DPR A HG3  7  
HETATM 727  H HD2  . DPR A 1 7 ? -0.793 1.828  4.321  1.00 0.00 ? 7 DPR A HD2  7  
HETATM 728  H HD3  . DPR A 1 7 ? 0.314  2.936  3.505  1.00 0.00 ? 7 DPR A HD3  7  
ATOM   729  N N    . THR A 1 1 ? -3.365 1.450  -0.177 1.00 0.00 ? 1 THR A N    8  
ATOM   730  C CA   . THR A 1 1 ? -4.620 0.747  -0.342 1.00 0.00 ? 1 THR A CA   8  
ATOM   731  C C    . THR A 1 1 ? -4.387 -0.732 -0.589 1.00 0.00 ? 1 THR A C    8  
ATOM   732  O O    . THR A 1 1 ? -5.338 -1.479 -0.810 1.00 0.00 ? 1 THR A O    8  
ATOM   733  C CB   . THR A 1 1 ? -5.508 1.321  -1.438 1.00 0.00 ? 1 THR A CB   8  
ATOM   734  O OG1  . THR A 1 1 ? -4.914 1.357  -2.709 1.00 0.00 ? 1 THR A OG1  8  
ATOM   735  C CG2  . THR A 1 1 ? -5.981 2.715  -1.053 1.00 0.00 ? 1 THR A CG2  8  
ATOM   736  H H1   . THR A 1 1 ? -2.704 1.301  -0.929 1.00 0.00 ? 1 THR A H1   8  
ATOM   737  H HA   . THR A 1 1 ? -5.138 0.778  0.616  1.00 0.00 ? 1 THR A HA   8  
ATOM   738  H HB   . THR A 1 1 ? -6.409 0.716  -1.549 1.00 0.00 ? 1 THR A HB   8  
ATOM   739  H HG1  . THR A 1 1 ? -4.358 2.146  -2.735 1.00 0.00 ? 1 THR A HG1  8  
ATOM   740  H HG21 . THR A 1 1 ? -6.332 3.177  -1.983 1.00 0.00 ? 1 THR A HG21 8  
ATOM   741  H HG22 . THR A 1 1 ? -5.134 3.182  -0.562 1.00 0.00 ? 1 THR A HG22 8  
ATOM   742  H HG23 . THR A 1 1 ? -6.867 2.572  -0.434 1.00 0.00 ? 1 THR A HG23 8  
HETATM 743  N N    . DLY A 1 2 ? -3.182 -1.314 -0.489 1.00 0.00 ? 2 DLY A N    8  
HETATM 744  C CA   . DLY A 1 2 ? -3.016 -2.743 -0.381 1.00 0.00 ? 2 DLY A CA   8  
HETATM 745  C C    . DLY A 1 2 ? -1.638 -3.249 -0.770 1.00 0.00 ? 2 DLY A C    8  
HETATM 746  O O    . DLY A 1 2 ? -1.418 -4.455 -0.871 1.00 0.00 ? 2 DLY A O    8  
HETATM 747  C CB   . DLY A 1 2 ? -3.534 -3.319 0.934  1.00 0.00 ? 2 DLY A CB   8  
HETATM 748  C CG   . DLY A 1 2 ? -2.857 -2.712 2.157  1.00 0.00 ? 2 DLY A CG   8  
HETATM 749  C CD   . DLY A 1 2 ? -3.191 -3.530 3.410  1.00 0.00 ? 2 DLY A CD   8  
HETATM 750  C CE   . DLY A 1 2 ? -2.567 -2.842 4.616  1.00 0.00 ? 2 DLY A CE   8  
HETATM 751  N NZ   . DLY A 1 2 ? -2.752 -3.611 5.860  1.00 0.00 ? 2 DLY A NZ   8  
HETATM 752  H H    . DLY A 1 2 ? -2.417 -0.699 -0.270 1.00 0.00 ? 2 DLY A H    8  
HETATM 753  H HA   . DLY A 1 2 ? -3.721 -3.138 -1.118 1.00 0.00 ? 2 DLY A HA   8  
HETATM 754  H HB2  . DLY A 1 2 ? -3.271 -4.371 0.942  1.00 0.00 ? 2 DLY A HB2  8  
HETATM 755  H HB3  . DLY A 1 2 ? -4.626 -3.235 0.899  1.00 0.00 ? 2 DLY A HB3  8  
HETATM 756  H HG2  . DLY A 1 2 ? -3.274 -1.707 2.190  1.00 0.00 ? 2 DLY A HG2  8  
HETATM 757  H HG3  . DLY A 1 2 ? -1.780 -2.689 2.009  1.00 0.00 ? 2 DLY A HG3  8  
HETATM 758  H HD2  . DLY A 1 2 ? -2.674 -4.486 3.328  1.00 0.00 ? 2 DLY A HD2  8  
HETATM 759  H HD3  . DLY A 1 2 ? -4.269 -3.683 3.518  1.00 0.00 ? 2 DLY A HD3  8  
HETATM 760  H HE2  . DLY A 1 2 ? -3.039 -1.871 4.747  1.00 0.00 ? 2 DLY A HE2  8  
HETATM 761  H HE3  . DLY A 1 2 ? -1.500 -2.746 4.420  1.00 0.00 ? 2 DLY A HE3  8  
HETATM 762  H HZ1  . DLY A 1 2 ? -3.650 -4.046 5.780  1.00 0.00 ? 2 DLY A HZ1  8  
HETATM 763  H HZ2  . DLY A 1 2 ? -2.821 -3.026 6.688  1.00 0.00 ? 2 DLY A HZ2  8  
HETATM 764  H HZ3  . DLY A 1 2 ? -2.071 -4.343 6.029  1.00 0.00 ? 2 DLY A HZ3  8  
ATOM   765  N N    . ASN A 1 3 ? -0.758 -2.319 -1.141 1.00 0.00 ? 3 ASN A N    8  
ATOM   766  C CA   . ASN A 1 3 ? 0.458  -2.656 -1.861 1.00 0.00 ? 3 ASN A CA   8  
ATOM   767  C C    . ASN A 1 3 ? 1.547  -1.715 -1.364 1.00 0.00 ? 3 ASN A C    8  
ATOM   768  O O    . ASN A 1 3 ? 2.052  -1.798 -0.238 1.00 0.00 ? 3 ASN A O    8  
ATOM   769  C CB   . ASN A 1 3 ? 0.177  -2.613 -3.364 1.00 0.00 ? 3 ASN A CB   8  
ATOM   770  C CG   . ASN A 1 3 ? -0.587 -3.843 -3.830 1.00 0.00 ? 3 ASN A CG   8  
ATOM   771  O OD1  . ASN A 1 3 ? -0.242 -4.997 -3.573 1.00 0.00 ? 3 ASN A OD1  8  
ATOM   772  N ND2  . ASN A 1 3 ? -1.621 -3.631 -4.647 1.00 0.00 ? 3 ASN A ND2  8  
ATOM   773  H H    . ASN A 1 3 ? -0.946 -1.351 -0.955 1.00 0.00 ? 3 ASN A H    8  
ATOM   774  H HA   . ASN A 1 3 ? 0.791  -3.644 -1.526 1.00 0.00 ? 3 ASN A HA   8  
ATOM   775  H HB2  . ASN A 1 3 ? -0.312 -1.660 -3.575 1.00 0.00 ? 3 ASN A HB2  8  
ATOM   776  H HB3  . ASN A 1 3 ? 1.160  -2.629 -3.839 1.00 0.00 ? 3 ASN A HB3  8  
ATOM   777  H HD21 . ASN A 1 3 ? -1.876 -2.680 -4.908 1.00 0.00 ? 3 ASN A HD21 8  
ATOM   778  H HD22 . ASN A 1 3 ? -2.135 -4.401 -5.040 1.00 0.00 ? 3 ASN A HD22 8  
ATOM   779  N N    . ASP A 1 4 ? 2.031  -0.817 -2.218 1.00 0.00 ? 4 ASP A N    8  
ATOM   780  C CA   . ASP A 1 4 ? 3.297  -0.120 -2.034 1.00 0.00 ? 4 ASP A CA   8  
ATOM   781  C C    . ASP A 1 4 ? 3.261  0.819  -0.838 1.00 0.00 ? 4 ASP A C    8  
ATOM   782  O O    . ASP A 1 4 ? 2.330  1.603  -0.678 1.00 0.00 ? 4 ASP A O    8  
ATOM   783  C CB   . ASP A 1 4 ? 3.704  0.546  -3.343 1.00 0.00 ? 4 ASP A CB   8  
ATOM   784  C CG   . ASP A 1 4 ? 5.171  0.967  -3.311 1.00 0.00 ? 4 ASP A CG   8  
ATOM   785  O OD1  . ASP A 1 4 ? 6.039  0.186  -2.859 1.00 0.00 ? 4 ASP A OD1  8  
ATOM   786  O OD2  . ASP A 1 4 ? 5.462  2.072  -3.817 1.00 0.00 ? 4 ASP A OD2  8  
ATOM   787  H H    . ASP A 1 4 ? 1.629  -0.768 -3.137 1.00 0.00 ? 4 ASP A H    8  
ATOM   788  H HA   . ASP A 1 4 ? 4.092  -0.833 -1.793 1.00 0.00 ? 4 ASP A HA   8  
ATOM   789  H HB2  . ASP A 1 4 ? 3.620  -0.190 -4.144 1.00 0.00 ? 4 ASP A HB2  8  
ATOM   790  H HB3  . ASP A 1 4 ? 3.064  1.364  -3.651 1.00 0.00 ? 4 ASP A HB3  8  
ATOM   791  N N    . THR A 1 5 ? 4.309  0.808  -0.023 1.00 0.00 ? 5 THR A N    8  
ATOM   792  C CA   . THR A 1 5 ? 4.413  1.596  1.197  1.00 0.00 ? 5 THR A CA   8  
ATOM   793  C C    . THR A 1 5 ? 3.323  1.443  2.254  1.00 0.00 ? 5 THR A C    8  
ATOM   794  O O    . THR A 1 5 ? 3.650  1.849  3.375  1.00 0.00 ? 5 THR A O    8  
ATOM   795  C CB   . THR A 1 5 ? 4.682  3.067  0.922  1.00 0.00 ? 5 THR A CB   8  
ATOM   796  O OG1  . THR A 1 5 ? 3.603  3.690  0.256  1.00 0.00 ? 5 THR A OG1  8  
ATOM   797  C CG2  . THR A 1 5 ? 5.901  3.298  0.034  1.00 0.00 ? 5 THR A CG2  8  
ATOM   798  H H    . THR A 1 5 ? 4.998  0.086  -0.157 1.00 0.00 ? 5 THR A H    8  
ATOM   799  H HA   . THR A 1 5 ? 5.261  1.203  1.747  1.00 0.00 ? 5 THR A HA   8  
ATOM   800  H HB   . THR A 1 5 ? 4.979  3.649  1.792  1.00 0.00 ? 5 THR A HB   8  
ATOM   801  H HG1  . THR A 1 5 ? 3.081  2.954  -0.069 1.00 0.00 ? 5 THR A HG1  8  
ATOM   802  H HG21 . THR A 1 5 ? 6.338  4.301  0.059  1.00 0.00 ? 5 THR A HG21 8  
ATOM   803  H HG22 . THR A 1 5 ? 5.704  3.037  -1.009 1.00 0.00 ? 5 THR A HG22 8  
ATOM   804  H HG23 . THR A 1 5 ? 6.733  2.634  0.285  1.00 0.00 ? 5 THR A HG23 8  
HETATM 805  N N    . DSG A 1 6 ? 2.148  0.935  1.881  1.00 0.00 ? 6 DSG A N    8  
HETATM 806  C CA   . DSG A 1 6 ? 0.992  0.576  2.679  1.00 0.00 ? 6 DSG A CA   8  
HETATM 807  C C    . DSG A 1 6 ? -0.257 0.933  1.901  1.00 0.00 ? 6 DSG A C    8  
HETATM 808  O O    . DSG A 1 6 ? -0.969 0.094  1.343  1.00 0.00 ? 6 DSG A O    8  
HETATM 809  C CB   . DSG A 1 6 ? 1.096  -0.906 3.050  1.00 0.00 ? 6 DSG A CB   8  
HETATM 810  C CG   . DSG A 1 6 ? 2.321  -1.053 3.939  1.00 0.00 ? 6 DSG A CG   8  
HETATM 811  O OD1  . DSG A 1 6 ? 2.225  -0.587 5.080  1.00 0.00 ? 6 DSG A OD1  8  
HETATM 812  N ND2  . DSG A 1 6 ? 3.419  -1.674 3.525  1.00 0.00 ? 6 DSG A ND2  8  
HETATM 813  H H    . DSG A 1 6 ? 2.034  0.820  0.886  1.00 0.00 ? 6 DSG A H    8  
HETATM 814  H HA   . DSG A 1 6 ? 1.058  1.113  3.620  1.00 0.00 ? 6 DSG A HA   8  
HETATM 815  H HB2  . DSG A 1 6 ? 1.196  -1.521 2.149  1.00 0.00 ? 6 DSG A HB2  8  
HETATM 816  H HB3  . DSG A 1 6 ? 0.238  -1.150 3.677  1.00 0.00 ? 6 DSG A HB3  8  
HETATM 817  H HD21 . DSG A 1 6 ? 3.498  -2.033 2.573  1.00 0.00 ? 6 DSG A HD21 8  
HETATM 818  H HD22 . DSG A 1 6 ? 4.199  -1.760 4.152  1.00 0.00 ? 6 DSG A HD22 8  
HETATM 819  N N    . DPR A 1 7 ? -0.649 2.210  1.827  1.00 0.00 ? 7 DPR A N    8  
HETATM 820  C CA   . DPR A 1 7 ? -1.525 2.601  0.742  1.00 0.00 ? 7 DPR A CA   8  
HETATM 821  C CB   . DPR A 1 7 ? -1.443 4.118  0.685  1.00 0.00 ? 7 DPR A CB   8  
HETATM 822  C CG   . DPR A 1 7 ? -0.881 4.486  2.052  1.00 0.00 ? 7 DPR A CG   8  
HETATM 823  C CD   . DPR A 1 7 ? 0.027  3.332  2.440  1.00 0.00 ? 7 DPR A CD   8  
HETATM 824  C C    . DPR A 1 7 ? -2.961 2.118  0.909  1.00 0.00 ? 7 DPR A C    8  
HETATM 825  O O    . DPR A 1 7 ? -3.625 2.347  1.918  1.00 0.00 ? 7 DPR A O    8  
HETATM 826  H HA   . DPR A 1 7 ? -1.116 2.190  -0.175 1.00 0.00 ? 7 DPR A HA   8  
HETATM 827  H HB2  . DPR A 1 7 ? -2.381 4.619  0.450  1.00 0.00 ? 7 DPR A HB2  8  
HETATM 828  H HB3  . DPR A 1 7 ? -0.582 4.365  0.068  1.00 0.00 ? 7 DPR A HB3  8  
HETATM 829  H HG2  . DPR A 1 7 ? -1.715 4.467  2.764  1.00 0.00 ? 7 DPR A HG2  8  
HETATM 830  H HG3  . DPR A 1 7 ? -0.503 5.501  2.142  1.00 0.00 ? 7 DPR A HG3  8  
HETATM 831  H HD2  . DPR A 1 7 ? 0.123  3.177  3.519  1.00 0.00 ? 7 DPR A HD2  8  
HETATM 832  H HD3  . DPR A 1 7 ? 0.983  3.463  1.934  1.00 0.00 ? 7 DPR A HD3  8  
ATOM   833  N N    . THR A 1 1 ? -3.474 1.383  -0.329 1.00 0.00 ? 1 THR A N    9  
ATOM   834  C CA   . THR A 1 1 ? -4.641 0.518  -0.423 1.00 0.00 ? 1 THR A CA   9  
ATOM   835  C C    . THR A 1 1 ? -4.430 -0.929 -0.020 1.00 0.00 ? 1 THR A C    9  
ATOM   836  O O    . THR A 1 1 ? -5.409 -1.614 0.276  1.00 0.00 ? 1 THR A O    9  
ATOM   837  C CB   . THR A 1 1 ? -5.381 0.591  -1.750 1.00 0.00 ? 1 THR A CB   9  
ATOM   838  O OG1  . THR A 1 1 ? -4.477 0.255  -2.784 1.00 0.00 ? 1 THR A OG1  9  
ATOM   839  C CG2  . THR A 1 1 ? -5.965 1.943  -2.145 1.00 0.00 ? 1 THR A CG2  9  
ATOM   840  H H1   . THR A 1 1 ? -3.008 1.635  -1.183 1.00 0.00 ? 1 THR A H1   9  
ATOM   841  H HA   . THR A 1 1 ? -5.340 0.980  0.289  1.00 0.00 ? 1 THR A HA   9  
ATOM   842  H HB   . THR A 1 1 ? -6.275 -0.035 -1.774 1.00 0.00 ? 1 THR A HB   9  
ATOM   843  H HG1  . THR A 1 1 ? -3.839 0.959  -2.895 1.00 0.00 ? 1 THR A HG1  9  
ATOM   844  H HG21 . THR A 1 1 ? -6.376 2.387  -1.232 1.00 0.00 ? 1 THR A HG21 9  
ATOM   845  H HG22 . THR A 1 1 ? -6.661 1.917  -2.981 1.00 0.00 ? 1 THR A HG22 9  
ATOM   846  H HG23 . THR A 1 1 ? -5.194 2.664  -2.421 1.00 0.00 ? 1 THR A HG23 9  
HETATM 847  N N    . DLY A 1 2 ? -3.178 -1.376 -0.105 1.00 0.00 ? 2 DLY A N    9  
HETATM 848  C CA   . DLY A 1 2 ? -2.780 -2.753 0.106  1.00 0.00 ? 2 DLY A CA   9  
HETATM 849  C C    . DLY A 1 2 ? -1.685 -3.106 -0.888 1.00 0.00 ? 2 DLY A C    9  
HETATM 850  O O    . DLY A 1 2 ? -1.605 -4.186 -1.471 1.00 0.00 ? 2 DLY A O    9  
HETATM 851  C CB   . DLY A 1 2 ? -2.367 -2.929 1.568  1.00 0.00 ? 2 DLY A CB   9  
HETATM 852  C CG   . DLY A 1 2 ? -3.332 -2.743 2.738  1.00 0.00 ? 2 DLY A CG   9  
HETATM 853  C CD   . DLY A 1 2 ? -2.622 -3.199 4.004  1.00 0.00 ? 2 DLY A CD   9  
HETATM 854  C CE   . DLY A 1 2 ? -3.304 -2.769 5.304  1.00 0.00 ? 2 DLY A CE   9  
HETATM 855  N NZ   . DLY A 1 2 ? -2.793 -3.593 6.408  1.00 0.00 ? 2 DLY A NZ   9  
HETATM 856  H H    . DLY A 1 2 ? -2.546 -0.687 -0.470 1.00 0.00 ? 2 DLY A H    9  
HETATM 857  H HA   . DLY A 1 2 ? -3.631 -3.396 -0.132 1.00 0.00 ? 2 DLY A HA   9  
HETATM 858  H HB2  . DLY A 1 2 ? -1.444 -2.378 1.735  1.00 0.00 ? 2 DLY A HB2  9  
HETATM 859  H HB3  . DLY A 1 2 ? -2.139 -3.987 1.471  1.00 0.00 ? 2 DLY A HB3  9  
HETATM 860  H HG2  . DLY A 1 2 ? -4.197 -3.387 2.634  1.00 0.00 ? 2 DLY A HG2  9  
HETATM 861  H HG3  . DLY A 1 2 ? -3.608 -1.687 2.786  1.00 0.00 ? 2 DLY A HG3  9  
HETATM 862  H HD2  . DLY A 1 2 ? -1.594 -2.834 3.979  1.00 0.00 ? 2 DLY A HD2  9  
HETATM 863  H HD3  . DLY A 1 2 ? -2.701 -4.281 3.958  1.00 0.00 ? 2 DLY A HD3  9  
HETATM 864  H HE2  . DLY A 1 2 ? -4.377 -2.840 5.148  1.00 0.00 ? 2 DLY A HE2  9  
HETATM 865  H HE3  . DLY A 1 2 ? -3.060 -1.716 5.467  1.00 0.00 ? 2 DLY A HE3  9  
HETATM 866  H HZ1  . DLY A 1 2 ? -1.789 -3.476 6.513  1.00 0.00 ? 2 DLY A HZ1  9  
HETATM 867  H HZ2  . DLY A 1 2 ? -2.973 -4.582 6.381  1.00 0.00 ? 2 DLY A HZ2  9  
HETATM 868  H HZ3  . DLY A 1 2 ? -3.107 -3.103 7.231  1.00 0.00 ? 2 DLY A HZ3  9  
ATOM   869  N N    . ASN A 1 3 ? -0.732 -2.170 -1.002 1.00 0.00 ? 3 ASN A N    9  
ATOM   870  C CA   . ASN A 1 3 ? 0.210  -1.975 -2.087 1.00 0.00 ? 3 ASN A CA   9  
ATOM   871  C C    . ASN A 1 3 ? 1.529  -1.378 -1.627 1.00 0.00 ? 3 ASN A C    9  
ATOM   872  O O    . ASN A 1 3 ? 1.815  -1.338 -0.426 1.00 0.00 ? 3 ASN A O    9  
ATOM   873  C CB   . ASN A 1 3 ? -0.512 -1.219 -3.207 1.00 0.00 ? 3 ASN A CB   9  
ATOM   874  C CG   . ASN A 1 3 ? -1.271 -2.187 -4.107 1.00 0.00 ? 3 ASN A CG   9  
ATOM   875  O OD1  . ASN A 1 3 ? -2.496 -2.222 -4.080 1.00 0.00 ? 3 ASN A OD1  9  
ATOM   876  N ND2  . ASN A 1 3 ? -0.570 -3.059 -4.832 1.00 0.00 ? 3 ASN A ND2  9  
ATOM   877  H H    . ASN A 1 3 ? -0.824 -1.347 -0.433 1.00 0.00 ? 3 ASN A H    9  
ATOM   878  H HA   . ASN A 1 3 ? 0.467  -2.979 -2.428 1.00 0.00 ? 3 ASN A HA   9  
ATOM   879  H HB2  . ASN A 1 3 ? -1.252 -0.609 -2.688 1.00 0.00 ? 3 ASN A HB2  9  
ATOM   880  H HB3  . ASN A 1 3 ? 0.122  -0.495 -3.717 1.00 0.00 ? 3 ASN A HB3  9  
ATOM   881  H HD21 . ASN A 1 3 ? 0.441  -2.970 -4.824 1.00 0.00 ? 3 ASN A HD21 9  
ATOM   882  H HD22 . ASN A 1 3 ? -0.985 -3.575 -5.599 1.00 0.00 ? 3 ASN A HD22 9  
ATOM   883  N N    . ASP A 1 4 ? 2.354  -0.794 -2.501 1.00 0.00 ? 4 ASP A N    9  
ATOM   884  C CA   . ASP A 1 4 ? 3.665  -0.285 -2.172 1.00 0.00 ? 4 ASP A CA   9  
ATOM   885  C C    . ASP A 1 4 ? 3.660  0.702  -1.017 1.00 0.00 ? 4 ASP A C    9  
ATOM   886  O O    . ASP A 1 4 ? 2.844  1.611  -1.066 1.00 0.00 ? 4 ASP A O    9  
ATOM   887  C CB   . ASP A 1 4 ? 4.196  0.354  -3.454 1.00 0.00 ? 4 ASP A CB   9  
ATOM   888  C CG   . ASP A 1 4 ? 5.611  0.895  -3.262 1.00 0.00 ? 4 ASP A CG   9  
ATOM   889  O OD1  . ASP A 1 4 ? 6.167  1.284  -4.311 1.00 0.00 ? 4 ASP A OD1  9  
ATOM   890  O OD2  . ASP A 1 4 ? 6.160  1.068  -2.149 1.00 0.00 ? 4 ASP A OD2  9  
ATOM   891  H H    . ASP A 1 4 ? 2.089  -0.891 -3.470 1.00 0.00 ? 4 ASP A H    9  
ATOM   892  H HA   . ASP A 1 4 ? 4.359  -1.079 -1.902 1.00 0.00 ? 4 ASP A HA   9  
ATOM   893  H HB2  . ASP A 1 4 ? 4.108  -0.233 -4.370 1.00 0.00 ? 4 ASP A HB2  9  
ATOM   894  H HB3  . ASP A 1 4 ? 3.534  1.203  -3.616 1.00 0.00 ? 4 ASP A HB3  9  
ATOM   895  N N    . THR A 1 5 ? 4.389  0.348  0.054  1.00 0.00 ? 5 THR A N    9  
ATOM   896  C CA   . THR A 1 5 ? 4.508  1.175  1.246  1.00 0.00 ? 5 THR A CA   9  
ATOM   897  C C    . THR A 1 5 ? 3.227  1.366  2.033  1.00 0.00 ? 5 THR A C    9  
ATOM   898  O O    . THR A 1 5 ? 3.277  1.943  3.109  1.00 0.00 ? 5 THR A O    9  
ATOM   899  C CB   . THR A 1 5 ? 5.184  2.508  0.932  1.00 0.00 ? 5 THR A CB   9  
ATOM   900  O OG1  . THR A 1 5 ? 6.391  2.154  0.296  1.00 0.00 ? 5 THR A OG1  9  
ATOM   901  C CG2  . THR A 1 5 ? 5.546  3.282  2.192  1.00 0.00 ? 5 THR A CG2  9  
ATOM   902  H H    . THR A 1 5 ? 5.102  -0.360 0.041  1.00 0.00 ? 5 THR A H    9  
ATOM   903  H HA   . THR A 1 5 ? 5.157  0.662  1.949  1.00 0.00 ? 5 THR A HA   9  
ATOM   904  H HB   . THR A 1 5 ? 4.597  3.100  0.225  1.00 0.00 ? 5 THR A HB   9  
ATOM   905  H HG1  . THR A 1 5 ? 6.155  1.651  -0.491 1.00 0.00 ? 5 THR A HG1  9  
ATOM   906  H HG21 . THR A 1 5 ? 6.191  4.118  1.940  1.00 0.00 ? 5 THR A HG21 9  
ATOM   907  H HG22 . THR A 1 5 ? 6.014  2.623  2.931  1.00 0.00 ? 5 THR A HG22 9  
ATOM   908  H HG23 . THR A 1 5 ? 4.653  3.718  2.637  1.00 0.00 ? 5 THR A HG23 9  
HETATM 909  N N    . DSG A 1 6 ? 2.074  0.824  1.614  1.00 0.00 ? 6 DSG A N    9  
HETATM 910  C CA   . DSG A 1 6 ? 0.916  0.601  2.445  1.00 0.00 ? 6 DSG A CA   9  
HETATM 911  C C    . DSG A 1 6 ? -0.317 0.985  1.633  1.00 0.00 ? 6 DSG A C    9  
HETATM 912  O O    . DSG A 1 6 ? -0.779 0.190  0.820  1.00 0.00 ? 6 DSG A O    9  
HETATM 913  C CB   . DSG A 1 6 ? 0.897  -0.859 2.902  1.00 0.00 ? 6 DSG A CB   9  
HETATM 914  C CG   . DSG A 1 6 ? 2.020  -1.172 3.865  1.00 0.00 ? 6 DSG A CG   9  
HETATM 915  O OD1  . DSG A 1 6 ? 1.850  -1.225 5.088  1.00 0.00 ? 6 DSG A OD1  9  
HETATM 916  N ND2  . DSG A 1 6 ? 3.252  -1.407 3.413  1.00 0.00 ? 6 DSG A ND2  9  
HETATM 917  H H    . DSG A 1 6 ? 2.043  0.509  0.653  1.00 0.00 ? 6 DSG A H    9  
HETATM 918  H HA   . DSG A 1 6 ? 1.049  1.157  3.367  1.00 0.00 ? 6 DSG A HA   9  
HETATM 919  H HB2  . DSG A 1 6 ? 0.987  -1.508 2.037  1.00 0.00 ? 6 DSG A HB2  9  
HETATM 920  H HB3  . DSG A 1 6 ? -0.066 -1.034 3.392  1.00 0.00 ? 6 DSG A HB3  9  
HETATM 921  H HD21 . DSG A 1 6 ? 3.536  -1.357 2.435  1.00 0.00 ? 6 DSG A HD21 9  
HETATM 922  H HD22 . DSG A 1 6 ? 3.911  -1.665 4.120  1.00 0.00 ? 6 DSG A HD22 9  
HETATM 923  N N    . DPR A 1 7 ? -0.786 2.233  1.699  1.00 0.00 ? 7 DPR A N    9  
HETATM 924  C CA   . DPR A 1 7 ? -1.880 2.720  0.884  1.00 0.00 ? 7 DPR A CA   9  
HETATM 925  C CB   . DPR A 1 7 ? -2.202 4.110  1.434  1.00 0.00 ? 7 DPR A CB   9  
HETATM 926  C CG   . DPR A 1 7 ? -0.986 4.537  2.266  1.00 0.00 ? 7 DPR A CG   9  
HETATM 927  C CD   . DPR A 1 7 ? -0.533 3.168  2.784  1.00 0.00 ? 7 DPR A CD   9  
HETATM 928  C C    . DPR A 1 7 ? -3.093 1.806  0.879  1.00 0.00 ? 7 DPR A C    9  
HETATM 929  O O    . DPR A 1 7 ? -3.516 1.285  1.917  1.00 0.00 ? 7 DPR A O    9  
HETATM 930  H HA   . DPR A 1 7 ? -1.538 2.872  -0.134 1.00 0.00 ? 7 DPR A HA   9  
HETATM 931  H HB2  . DPR A 1 7 ? -3.031 4.130  2.135  1.00 0.00 ? 7 DPR A HB2  9  
HETATM 932  H HB3  . DPR A 1 7 ? -2.490 4.734  0.583  1.00 0.00 ? 7 DPR A HB3  9  
HETATM 933  H HG2  . DPR A 1 7 ? -1.309 5.239  3.032  1.00 0.00 ? 7 DPR A HG2  9  
HETATM 934  H HG3  . DPR A 1 7 ? -0.248 5.002  1.614  1.00 0.00 ? 7 DPR A HG3  9  
HETATM 935  H HD2  . DPR A 1 7 ? -1.164 2.830  3.605  1.00 0.00 ? 7 DPR A HD2  9  
HETATM 936  H HD3  . DPR A 1 7 ? 0.542  3.167  2.990  1.00 0.00 ? 7 DPR A HD3  9  
ATOM   937  N N    . THR A 1 1 ? -3.009 1.768  -0.436 1.00 0.00 ? 1 THR A N    10 
ATOM   938  C CA   . THR A 1 1 ? -4.102 1.076  -1.085 1.00 0.00 ? 1 THR A CA   10 
ATOM   939  C C    . THR A 1 1 ? -4.044 -0.448 -1.014 1.00 0.00 ? 1 THR A C    10 
ATOM   940  O O    . THR A 1 1 ? -5.100 -1.021 -1.297 1.00 0.00 ? 1 THR A O    10 
ATOM   941  C CB   . THR A 1 1 ? -4.330 1.614  -2.494 1.00 0.00 ? 1 THR A CB   10 
ATOM   942  O OG1  . THR A 1 1 ? -3.256 1.093  -3.247 1.00 0.00 ? 1 THR A OG1  10 
ATOM   943  C CG2  . THR A 1 1 ? -4.246 3.135  -2.639 1.00 0.00 ? 1 THR A CG2  10 
ATOM   944  H H1   . THR A 1 1 ? -2.212 2.161  -0.925 1.00 0.00 ? 1 THR A H1   10 
ATOM   945  H HA   . THR A 1 1 ? -5.030 1.363  -0.596 1.00 0.00 ? 1 THR A HA   10 
ATOM   946  H HB   . THR A 1 1 ? -5.288 1.291  -2.898 1.00 0.00 ? 1 THR A HB   10 
ATOM   947  H HG1  . THR A 1 1 ? -3.323 1.438  -4.145 1.00 0.00 ? 1 THR A HG1  10 
ATOM   948  H HG21 . THR A 1 1 ? -5.018 3.693  -2.114 1.00 0.00 ? 1 THR A HG21 10 
ATOM   949  H HG22 . THR A 1 1 ? -4.393 3.385  -3.698 1.00 0.00 ? 1 THR A HG22 10 
ATOM   950  H HG23 . THR A 1 1 ? -3.279 3.472  -2.273 1.00 0.00 ? 1 THR A HG23 10 
HETATM 951  N N    . DLY A 1 2 ? -2.973 -1.097 -0.547 1.00 0.00 ? 2 DLY A N    10 
HETATM 952  C CA   . DLY A 1 2 ? -2.934 -2.504 -0.212 1.00 0.00 ? 2 DLY A CA   10 
HETATM 953  C C    . DLY A 1 2 ? -1.508 -3.033 -0.264 1.00 0.00 ? 2 DLY A C    10 
HETATM 954  O O    . DLY A 1 2 ? -1.083 -3.820 0.578  1.00 0.00 ? 2 DLY A O    10 
HETATM 955  C CB   . DLY A 1 2 ? -3.572 -2.729 1.153  1.00 0.00 ? 2 DLY A CB   10 
HETATM 956  C CG   . DLY A 1 2 ? -3.759 -4.113 1.762  1.00 0.00 ? 2 DLY A CG   10 
HETATM 957  C CD   . DLY A 1 2 ? -4.489 -5.135 0.896  1.00 0.00 ? 2 DLY A CD   10 
HETATM 958  C CE   . DLY A 1 2 ? -4.387 -6.516 1.540  1.00 0.00 ? 2 DLY A CE   10 
HETATM 959  N NZ   . DLY A 1 2 ? -5.708 -6.894 2.044  1.00 0.00 ? 2 DLY A NZ   10 
HETATM 960  H H    . DLY A 1 2 ? -2.171 -0.536 -0.304 1.00 0.00 ? 2 DLY A H    10 
HETATM 961  H HA   . DLY A 1 2 ? -3.540 -2.976 -0.982 1.00 0.00 ? 2 DLY A HA   10 
HETATM 962  H HB2  . DLY A 1 2 ? -4.562 -2.284 1.078  1.00 0.00 ? 2 DLY A HB2  10 
HETATM 963  H HB3  . DLY A 1 2 ? -2.953 -2.120 1.827  1.00 0.00 ? 2 DLY A HB3  10 
HETATM 964  H HG2  . DLY A 1 2 ? -4.415 -3.897 2.614  1.00 0.00 ? 2 DLY A HG2  10 
HETATM 965  H HG3  . DLY A 1 2 ? -2.826 -4.537 2.131  1.00 0.00 ? 2 DLY A HG3  10 
HETATM 966  H HD2  . DLY A 1 2 ? -3.935 -5.190 -0.041 1.00 0.00 ? 2 DLY A HD2  10 
HETATM 967  H HD3  . DLY A 1 2 ? -5.546 -4.963 0.665  1.00 0.00 ? 2 DLY A HD3  10 
HETATM 968  H HE2  . DLY A 1 2 ? -3.530 -6.508 2.221  1.00 0.00 ? 2 DLY A HE2  10 
HETATM 969  H HE3  . DLY A 1 2 ? -4.150 -7.231 0.750  1.00 0.00 ? 2 DLY A HE3  10 
HETATM 970  H HZ1  . DLY A 1 2 ? -6.440 -6.919 1.349  1.00 0.00 ? 2 DLY A HZ1  10 
HETATM 971  H HZ2  . DLY A 1 2 ? -6.061 -6.293 2.780  1.00 0.00 ? 2 DLY A HZ2  10 
HETATM 972  H HZ3  . DLY A 1 2 ? -5.704 -7.789 2.505  1.00 0.00 ? 2 DLY A HZ3  10 
ATOM   973  N N    . ASN A 1 3 ? -0.663 -2.558 -1.181 1.00 0.00 ? 3 ASN A N    10 
ATOM   974  C CA   . ASN A 1 3 ? 0.734  -2.978 -1.249 1.00 0.00 ? 3 ASN A CA   10 
ATOM   975  C C    . ASN A 1 3 ? 1.771  -1.877 -1.121 1.00 0.00 ? 3 ASN A C    10 
ATOM   976  O O    . ASN A 1 3 ? 2.644  -2.027 -0.267 1.00 0.00 ? 3 ASN A O    10 
ATOM   977  C CB   . ASN A 1 3 ? 0.958  -3.638 -2.611 1.00 0.00 ? 3 ASN A CB   10 
ATOM   978  C CG   . ASN A 1 3 ? 0.193  -4.919 -2.886 1.00 0.00 ? 3 ASN A CG   10 
ATOM   979  O OD1  . ASN A 1 3 ? -0.923 -4.884 -3.410 1.00 0.00 ? 3 ASN A OD1  10 
ATOM   980  N ND2  . ASN A 1 3 ? 0.772  -6.081 -2.610 1.00 0.00 ? 3 ASN A ND2  10 
ATOM   981  H H    . ASN A 1 3 ? -0.986 -1.797 -1.748 1.00 0.00 ? 3 ASN A H    10 
ATOM   982  H HA   . ASN A 1 3 ? 0.992  -3.776 -0.549 1.00 0.00 ? 3 ASN A HA   10 
ATOM   983  H HB2  . ASN A 1 3 ? 0.780  -2.903 -3.396 1.00 0.00 ? 3 ASN A HB2  10 
ATOM   984  H HB3  . ASN A 1 3 ? 2.020  -3.865 -2.716 1.00 0.00 ? 3 ASN A HB3  10 
ATOM   985  H HD21 . ASN A 1 3 ? 1.738  -6.124 -2.309 1.00 0.00 ? 3 ASN A HD21 10 
ATOM   986  H HD22 . ASN A 1 3 ? 0.422  -6.961 -2.958 1.00 0.00 ? 3 ASN A HD22 10 
ATOM   987  N N    . ASP A 1 4 ? 1.795  -0.891 -2.018 1.00 0.00 ? 4 ASP A N    10 
ATOM   988  C CA   . ASP A 1 4 ? 2.930  -0.020 -2.245 1.00 0.00 ? 4 ASP A CA   10 
ATOM   989  C C    . ASP A 1 4 ? 2.922  1.115  -1.228 1.00 0.00 ? 4 ASP A C    10 
ATOM   990  O O    . ASP A 1 4 ? 1.956  1.866  -1.121 1.00 0.00 ? 4 ASP A O    10 
ATOM   991  C CB   . ASP A 1 4 ? 3.007  0.577  -3.645 1.00 0.00 ? 4 ASP A CB   10 
ATOM   992  C CG   . ASP A 1 4 ? 4.231  1.452  -3.934 1.00 0.00 ? 4 ASP A CG   10 
ATOM   993  O OD1  . ASP A 1 4 ? 4.237  2.107  -4.989 1.00 0.00 ? 4 ASP A OD1  10 
ATOM   994  O OD2  . ASP A 1 4 ? 5.224  1.331  -3.186 1.00 0.00 ? 4 ASP A OD2  10 
ATOM   995  H H    . ASP A 1 4 ? 0.994  -0.778 -2.625 1.00 0.00 ? 4 ASP A H    10 
ATOM   996  H HA   . ASP A 1 4 ? 3.806  -0.659 -2.154 1.00 0.00 ? 4 ASP A HA   10 
ATOM   997  H HB2  . ASP A 1 4 ? 2.986  -0.266 -4.326 1.00 0.00 ? 4 ASP A HB2  10 
ATOM   998  H HB3  . ASP A 1 4 ? 2.082  1.143  -3.724 1.00 0.00 ? 4 ASP A HB3  10 
ATOM   999  N N    . THR A 1 5 ? 3.952  1.163  -0.377 1.00 0.00 ? 5 THR A N    10 
ATOM   1000 C CA   . THR A 1 5 ? 4.025  1.865  0.890  1.00 0.00 ? 5 THR A CA   10 
ATOM   1001 C C    . THR A 1 5 ? 3.135  1.294  1.982  1.00 0.00 ? 5 THR A C    10 
ATOM   1002 O O    . THR A 1 5 ? 3.256  1.723  3.122  1.00 0.00 ? 5 THR A O    10 
ATOM   1003 C CB   . THR A 1 5 ? 3.974  3.386  0.938  1.00 0.00 ? 5 THR A CB   10 
ATOM   1004 O OG1  . THR A 1 5 ? 2.700  3.833  0.531  1.00 0.00 ? 5 THR A OG1  10 
ATOM   1005 C CG2  . THR A 1 5 ? 4.971  4.000  -0.047 1.00 0.00 ? 5 THR A CG2  10 
ATOM   1006 H H    . THR A 1 5 ? 4.766  0.607  -0.606 1.00 0.00 ? 5 THR A H    10 
ATOM   1007 H HA   . THR A 1 5 ? 5.057  1.669  1.206  1.00 0.00 ? 5 THR A HA   10 
ATOM   1008 H HB   . THR A 1 5 ? 4.238  3.744  1.927  1.00 0.00 ? 5 THR A HB   10 
ATOM   1009 H HG1  . THR A 1 5 ? 2.328  3.166  -0.049 1.00 0.00 ? 5 THR A HG1  10 
ATOM   1010 H HG21 . THR A 1 5 ? 4.720  5.047  -0.184 1.00 0.00 ? 5 THR A HG21 10 
ATOM   1011 H HG22 . THR A 1 5 ? 5.073  3.437  -0.972 1.00 0.00 ? 5 THR A HG22 10 
ATOM   1012 H HG23 . THR A 1 5 ? 5.928  4.009  0.480  1.00 0.00 ? 5 THR A HG23 10 
HETATM 1013 N N    . DSG A 1 6 ? 2.240  0.347  1.664  1.00 0.00 ? 6 DSG A N    10 
HETATM 1014 C CA   . DSG A 1 6 ? 1.047  0.056  2.432  1.00 0.00 ? 6 DSG A CA   10 
HETATM 1015 C C    . DSG A 1 6 ? -0.165 0.627  1.715  1.00 0.00 ? 6 DSG A C    10 
HETATM 1016 O O    . DSG A 1 6 ? -0.569 0.087  0.684  1.00 0.00 ? 6 DSG A O    10 
HETATM 1017 C CB   . DSG A 1 6 ? 1.004  -1.462 2.621  1.00 0.00 ? 6 DSG A CB   10 
HETATM 1018 C CG   . DSG A 1 6 ? 2.161  -2.157 3.320  1.00 0.00 ? 6 DSG A CG   10 
HETATM 1019 O OD1  . DSG A 1 6 ? 2.248  -2.259 4.552  1.00 0.00 ? 6 DSG A OD1  10 
HETATM 1020 N ND2  . DSG A 1 6 ? 3.117  -2.743 2.603  1.00 0.00 ? 6 DSG A ND2  10 
HETATM 1021 H H    . DSG A 1 6 ? 2.230  0.161  0.669  1.00 0.00 ? 6 DSG A H    10 
HETATM 1022 H HA   . DSG A 1 6 ? 1.113  0.517  3.422  1.00 0.00 ? 6 DSG A HA   10 
HETATM 1023 H HB2  . DSG A 1 6 ? 0.778  -2.070 1.741  1.00 0.00 ? 6 DSG A HB2  10 
HETATM 1024 H HB3  . DSG A 1 6 ? 0.136  -1.711 3.232  1.00 0.00 ? 6 DSG A HB3  10 
HETATM 1025 H HD21 . DSG A 1 6 ? 3.189  -2.532 1.615  1.00 0.00 ? 6 DSG A HD21 10 
HETATM 1026 H HD22 . DSG A 1 6 ? 3.939  -3.051 3.103  1.00 0.00 ? 6 DSG A HD22 10 
HETATM 1027 N N    . DPR A 1 7 ? -0.832 1.647  2.247  1.00 0.00 ? 7 DPR A N    10 
HETATM 1028 C CA   . DPR A 1 7 ? -1.698 2.505  1.469  1.00 0.00 ? 7 DPR A CA   10 
HETATM 1029 C CB   . DPR A 1 7 ? -2.113 3.665  2.368  1.00 0.00 ? 7 DPR A CB   10 
HETATM 1030 C CG   . DPR A 1 7 ? -1.872 3.122  3.779  1.00 0.00 ? 7 DPR A CG   10 
HETATM 1031 C CD   . DPR A 1 7 ? -0.721 2.142  3.608  1.00 0.00 ? 7 DPR A CD   10 
HETATM 1032 C C    . DPR A 1 7 ? -2.924 1.804  0.893  1.00 0.00 ? 7 DPR A C    10 
HETATM 1033 O O    . DPR A 1 7 ? -3.821 1.504  1.672  1.00 0.00 ? 7 DPR A O    10 
HETATM 1034 H HA   . DPR A 1 7 ? -1.106 2.862  0.636  1.00 0.00 ? 7 DPR A HA   10 
HETATM 1035 H HB2  . DPR A 1 7 ? -3.162 3.946  2.264  1.00 0.00 ? 7 DPR A HB2  10 
HETATM 1036 H HB3  . DPR A 1 7 ? -1.470 4.536  2.236  1.00 0.00 ? 7 DPR A HB3  10 
HETATM 1037 H HG2  . DPR A 1 7 ? -2.766 2.587  4.097  1.00 0.00 ? 7 DPR A HG2  10 
HETATM 1038 H HG3  . DPR A 1 7 ? -1.601 3.945  4.452  1.00 0.00 ? 7 DPR A HG3  10 
HETATM 1039 H HD2  . DPR A 1 7 ? -0.748 1.308  4.315  1.00 0.00 ? 7 DPR A HD2  10 
HETATM 1040 H HD3  . DPR A 1 7 ? 0.269  2.592  3.712  1.00 0.00 ? 7 DPR A HD3  10 
ATOM   1041 N N    . THR A 1 1 ? -3.175 1.593  -0.336 1.00 0.00 ? 1 THR A N    11 
ATOM   1042 C CA   . THR A 1 1 ? -4.132 0.701  -0.959 1.00 0.00 ? 1 THR A CA   11 
ATOM   1043 C C    . THR A 1 1 ? -3.851 -0.763 -0.658 1.00 0.00 ? 1 THR A C    11 
ATOM   1044 O O    . THR A 1 1 ? -4.706 -1.620 -0.837 1.00 0.00 ? 1 THR A O    11 
ATOM   1045 C CB   . THR A 1 1 ? -4.383 0.894  -2.453 1.00 0.00 ? 1 THR A CB   11 
ATOM   1046 O OG1  . THR A 1 1 ? -3.156 0.888  -3.147 1.00 0.00 ? 1 THR A OG1  11 
ATOM   1047 C CG2  . THR A 1 1 ? -5.145 2.214  -2.615 1.00 0.00 ? 1 THR A CG2  11 
ATOM   1048 H H1   . THR A 1 1 ? -2.493 1.949  -0.995 1.00 0.00 ? 1 THR A H1   11 
ATOM   1049 H HA   . THR A 1 1 ? -5.061 0.948  -0.426 1.00 0.00 ? 1 THR A HA   11 
ATOM   1050 H HB   . THR A 1 1 ? -5.009 0.049  -2.758 1.00 0.00 ? 1 THR A HB   11 
ATOM   1051 H HG1  . THR A 1 1 ? -3.205 0.206  -3.818 1.00 0.00 ? 1 THR A HG1  11 
ATOM   1052 H HG21 . THR A 1 1 ? -4.734 3.016  -1.999 1.00 0.00 ? 1 THR A HG21 11 
ATOM   1053 H HG22 . THR A 1 1 ? -6.181 2.173  -2.281 1.00 0.00 ? 1 THR A HG22 11 
ATOM   1054 H HG23 . THR A 1 1 ? -5.027 2.594  -3.634 1.00 0.00 ? 1 THR A HG23 11 
HETATM 1055 N N    . DLY A 1 2 ? -2.689 -1.059 -0.082 1.00 0.00 ? 2 DLY A N    11 
HETATM 1056 C CA   . DLY A 1 2 ? -2.334 -2.430 0.242  1.00 0.00 ? 2 DLY A CA   11 
HETATM 1057 C C    . DLY A 1 2 ? -0.932 -2.710 -0.289 1.00 0.00 ? 2 DLY A C    11 
HETATM 1058 O O    . DLY A 1 2 ? -0.176 -3.454 0.329  1.00 0.00 ? 2 DLY A O    11 
HETATM 1059 C CB   . DLY A 1 2 ? -2.499 -2.686 1.742  1.00 0.00 ? 2 DLY A CB   11 
HETATM 1060 C CG   . DLY A 1 2 ? -3.952 -2.636 2.234  1.00 0.00 ? 2 DLY A CG   11 
HETATM 1061 C CD   . DLY A 1 2 ? -4.867 -3.711 1.661  1.00 0.00 ? 2 DLY A CD   11 
HETATM 1062 C CE   . DLY A 1 2 ? -6.194 -3.954 2.384  1.00 0.00 ? 2 DLY A CE   11 
HETATM 1063 N NZ   . DLY A 1 2 ? -6.860 -5.225 2.058  1.00 0.00 ? 2 DLY A NZ   11 
HETATM 1064 H H    . DLY A 1 2 ? -2.053 -0.318 0.173  1.00 0.00 ? 2 DLY A H    11 
HETATM 1065 H HA   . DLY A 1 2 ? -3.010 -3.019 -0.381 1.00 0.00 ? 2 DLY A HA   11 
HETATM 1066 H HB2  . DLY A 1 2 ? -1.838 -1.965 2.225  1.00 0.00 ? 2 DLY A HB2  11 
HETATM 1067 H HB3  . DLY A 1 2 ? -2.224 -3.738 1.844  1.00 0.00 ? 2 DLY A HB3  11 
HETATM 1068 H HG2  . DLY A 1 2 ? -4.403 -1.704 1.877  1.00 0.00 ? 2 DLY A HG2  11 
HETATM 1069 H HG3  . DLY A 1 2 ? -3.853 -2.716 3.310  1.00 0.00 ? 2 DLY A HG3  11 
HETATM 1070 H HD2  . DLY A 1 2 ? -4.307 -4.657 1.724  1.00 0.00 ? 2 DLY A HD2  11 
HETATM 1071 H HD3  . DLY A 1 2 ? -4.939 -3.512 0.587  1.00 0.00 ? 2 DLY A HD3  11 
HETATM 1072 H HE2  . DLY A 1 2 ? -6.891 -3.143 2.172  1.00 0.00 ? 2 DLY A HE2  11 
HETATM 1073 H HE3  . DLY A 1 2 ? -5.993 -4.006 3.453  1.00 0.00 ? 2 DLY A HE3  11 
HETATM 1074 H HZ1  . DLY A 1 2 ? -7.566 -5.518 2.720  1.00 0.00 ? 2 DLY A HZ1  11 
HETATM 1075 H HZ2  . DLY A 1 2 ? -6.152 -5.914 1.896  1.00 0.00 ? 2 DLY A HZ2  11 
HETATM 1076 H HZ3  . DLY A 1 2 ? -7.299 -5.114 1.147  1.00 0.00 ? 2 DLY A HZ3  11 
ATOM   1077 N N    . ASN A 1 3 ? -0.642 -2.306 -1.529 1.00 0.00 ? 3 ASN A N    11 
ATOM   1078 C CA   . ASN A 1 3 ? 0.312  -3.004 -2.358 1.00 0.00 ? 3 ASN A CA   11 
ATOM   1079 C C    . ASN A 1 3 ? 1.749  -2.508 -2.305 1.00 0.00 ? 3 ASN A C    11 
ATOM   1080 O O    . ASN A 1 3 ? 2.717  -3.239 -2.475 1.00 0.00 ? 3 ASN A O    11 
ATOM   1081 C CB   . ASN A 1 3 ? -0.242 -3.270 -3.763 1.00 0.00 ? 3 ASN A CB   11 
ATOM   1082 C CG   . ASN A 1 3 ? 0.486  -4.352 -4.546 1.00 0.00 ? 3 ASN A CG   11 
ATOM   1083 O OD1  . ASN A 1 3 ? 0.762  -5.458 -4.092 1.00 0.00 ? 3 ASN A OD1  11 
ATOM   1084 N ND2  . ASN A 1 3 ? 0.730  -4.193 -5.844 1.00 0.00 ? 3 ASN A ND2  11 
ATOM   1085 H H    . ASN A 1 3 ? -1.210 -1.593 -1.964 1.00 0.00 ? 3 ASN A H    11 
ATOM   1086 H HA   . ASN A 1 3 ? 0.341  -4.013 -1.944 1.00 0.00 ? 3 ASN A HA   11 
ATOM   1087 H HB2  . ASN A 1 3 ? -1.306 -3.506 -3.693 1.00 0.00 ? 3 ASN A HB2  11 
ATOM   1088 H HB3  . ASN A 1 3 ? -0.073 -2.319 -4.268 1.00 0.00 ? 3 ASN A HB3  11 
ATOM   1089 H HD21 . ASN A 1 3 ? 0.878  -3.264 -6.213 1.00 0.00 ? 3 ASN A HD21 11 
ATOM   1090 H HD22 . ASN A 1 3 ? 1.441  -4.814 -6.208 1.00 0.00 ? 3 ASN A HD22 11 
ATOM   1091 N N    . ASP A 1 4 ? 1.905  -1.188 -2.186 1.00 0.00 ? 4 ASP A N    11 
ATOM   1092 C CA   . ASP A 1 4 ? 3.118  -0.388 -2.154 1.00 0.00 ? 4 ASP A CA   11 
ATOM   1093 C C    . ASP A 1 4 ? 2.962  0.742  -1.141 1.00 0.00 ? 4 ASP A C    11 
ATOM   1094 O O    . ASP A 1 4 ? 2.081  1.594  -1.163 1.00 0.00 ? 4 ASP A O    11 
ATOM   1095 C CB   . ASP A 1 4 ? 3.133  0.242  -3.539 1.00 0.00 ? 4 ASP A CB   11 
ATOM   1096 C CG   . ASP A 1 4 ? 4.238  1.273  -3.751 1.00 0.00 ? 4 ASP A CG   11 
ATOM   1097 O OD1  . ASP A 1 4 ? 5.059  1.515  -2.844 1.00 0.00 ? 4 ASP A OD1  11 
ATOM   1098 O OD2  . ASP A 1 4 ? 4.379  1.718  -4.911 1.00 0.00 ? 4 ASP A OD2  11 
ATOM   1099 H H    . ASP A 1 4 ? 1.103  -0.599 -2.323 1.00 0.00 ? 4 ASP A H    11 
ATOM   1100 H HA   . ASP A 1 4 ? 3.979  -1.039 -1.995 1.00 0.00 ? 4 ASP A HA   11 
ATOM   1101 H HB2  . ASP A 1 4 ? 3.148  -0.603 -4.224 1.00 0.00 ? 4 ASP A HB2  11 
ATOM   1102 H HB3  . ASP A 1 4 ? 2.195  0.770  -3.726 1.00 0.00 ? 4 ASP A HB3  11 
ATOM   1103 N N    . THR A 1 5 ? 3.922  0.764  -0.212 1.00 0.00 ? 5 THR A N    11 
ATOM   1104 C CA   . THR A 1 5 ? 4.052  1.651  0.936  1.00 0.00 ? 5 THR A CA   11 
ATOM   1105 C C    . THR A 1 5 ? 2.825  1.834  1.823  1.00 0.00 ? 5 THR A C    11 
ATOM   1106 O O    . THR A 1 5 ? 2.491  2.934  2.260  1.00 0.00 ? 5 THR A O    11 
ATOM   1107 C CB   . THR A 1 5 ? 4.693  2.958  0.487  1.00 0.00 ? 5 THR A CB   11 
ATOM   1108 O OG1  . THR A 1 5 ? 5.676  2.748  -0.503 1.00 0.00 ? 5 THR A OG1  11 
ATOM   1109 C CG2  . THR A 1 5 ? 5.397  3.720  1.607  1.00 0.00 ? 5 THR A CG2  11 
ATOM   1110 H H    . THR A 1 5 ? 4.517  -0.049 -0.313 1.00 0.00 ? 5 THR A H    11 
ATOM   1111 H HA   . THR A 1 5 ? 4.775  1.180  1.602  1.00 0.00 ? 5 THR A HA   11 
ATOM   1112 H HB   . THR A 1 5 ? 3.853  3.538  0.089  1.00 0.00 ? 5 THR A HB   11 
ATOM   1113 H HG1  . THR A 1 5 ? 5.294  2.196  -1.184 1.00 0.00 ? 5 THR A HG1  11 
ATOM   1114 H HG21 . THR A 1 5 ? 6.364  3.305  1.855  1.00 0.00 ? 5 THR A HG21 11 
ATOM   1115 H HG22 . THR A 1 5 ? 4.750  3.691  2.486  1.00 0.00 ? 5 THR A HG22 11 
ATOM   1116 H HG23 . THR A 1 5 ? 5.585  4.758  1.329  1.00 0.00 ? 5 THR A HG23 11 
HETATM 1117 N N    . DSG A 1 6 ? 2.154  0.728  2.142  1.00 0.00 ? 6 DSG A N    11 
HETATM 1118 C CA   . DSG A 1 6 ? 0.900  0.673  2.871  1.00 0.00 ? 6 DSG A CA   11 
HETATM 1119 C C    . DSG A 1 6 ? -0.222 1.095  1.937  1.00 0.00 ? 6 DSG A C    11 
HETATM 1120 O O    . DSG A 1 6 ? -0.457 0.479  0.900  1.00 0.00 ? 6 DSG A O    11 
HETATM 1121 C CB   . DSG A 1 6 ? 0.723  -0.756 3.372  1.00 0.00 ? 6 DSG A CB   11 
HETATM 1122 C CG   . DSG A 1 6 ? 1.792  -1.118 4.392  1.00 0.00 ? 6 DSG A CG   11 
HETATM 1123 O OD1  . DSG A 1 6 ? 1.780  -0.681 5.540  1.00 0.00 ? 6 DSG A OD1  11 
HETATM 1124 N ND2  . DSG A 1 6 ? 2.774  -1.925 4.010  1.00 0.00 ? 6 DSG A ND2  11 
HETATM 1125 H H    . DSG A 1 6 ? 2.364  -0.136 1.675  1.00 0.00 ? 6 DSG A H    11 
HETATM 1126 H HA   . DSG A 1 6 ? 0.862  1.311  3.759  1.00 0.00 ? 6 DSG A HA   11 
HETATM 1127 H HB2  . DSG A 1 6 ? 0.723  -1.499 2.579  1.00 0.00 ? 6 DSG A HB2  11 
HETATM 1128 H HB3  . DSG A 1 6 ? -0.203 -0.783 3.954  1.00 0.00 ? 6 DSG A HB3  11 
HETATM 1129 H HD21 . DSG A 1 6 ? 2.860  -2.141 3.022  1.00 0.00 ? 6 DSG A HD21 11 
HETATM 1130 H HD22 . DSG A 1 6 ? 3.504  -2.209 4.653  1.00 0.00 ? 6 DSG A HD22 11 
HETATM 1131 N N    . DPR A 1 7 ? -0.968 2.135  2.301  1.00 0.00 ? 7 DPR A N    11 
HETATM 1132 C CA   . DPR A 1 7 ? -1.916 2.798  1.421  1.00 0.00 ? 7 DPR A CA   11 
HETATM 1133 C CB   . DPR A 1 7 ? -2.416 4.038  2.165  1.00 0.00 ? 7 DPR A CB   11 
HETATM 1134 C CG   . DPR A 1 7 ? -2.337 3.572  3.612  1.00 0.00 ? 7 DPR A CG   11 
HETATM 1135 C CD   . DPR A 1 7 ? -1.065 2.716  3.635  1.00 0.00 ? 7 DPR A CD   11 
HETATM 1136 C C    . DPR A 1 7 ? -2.995 1.825  0.960  1.00 0.00 ? 7 DPR A C    11 
HETATM 1137 O O    . DPR A 1 7 ? -3.729 1.291  1.801  1.00 0.00 ? 7 DPR A O    11 
HETATM 1138 H HA   . DPR A 1 7 ? -1.336 3.106  0.542  1.00 0.00 ? 7 DPR A HA   11 
HETATM 1139 H HB2  . DPR A 1 7 ? -3.437 4.324  1.922  1.00 0.00 ? 7 DPR A HB2  11 
HETATM 1140 H HB3  . DPR A 1 7 ? -1.794 4.912  1.929  1.00 0.00 ? 7 DPR A HB3  11 
HETATM 1141 H HG2  . DPR A 1 7 ? -3.172 2.909  3.791  1.00 0.00 ? 7 DPR A HG2  11 
HETATM 1142 H HG3  . DPR A 1 7 ? -2.360 4.451  4.270  1.00 0.00 ? 7 DPR A HG3  11 
HETATM 1143 H HD2  . DPR A 1 7 ? -1.114 1.935  4.383  1.00 0.00 ? 7 DPR A HD2  11 
HETATM 1144 H HD3  . DPR A 1 7 ? -0.135 3.248  3.814  1.00 0.00 ? 7 DPR A HD3  11 
ATOM   1145 N N    . THR A 1 1 ? -3.284 1.422  -0.284 1.00 0.00 ? 1 THR A N    12 
ATOM   1146 C CA   . THR A 1 1 ? -4.388 0.554  -0.611 1.00 0.00 ? 1 THR A CA   12 
ATOM   1147 C C    . THR A 1 1 ? -4.141 -0.929 -0.325 1.00 0.00 ? 1 THR A C    12 
ATOM   1148 O O    . THR A 1 1 ? -5.090 -1.654 -0.047 1.00 0.00 ? 1 THR A O    12 
ATOM   1149 C CB   . THR A 1 1 ? -4.858 0.727  -2.049 1.00 0.00 ? 1 THR A CB   12 
ATOM   1150 O OG1  . THR A 1 1 ? -5.125 2.083  -2.305 1.00 0.00 ? 1 THR A OG1  12 
ATOM   1151 C CG2  . THR A 1 1 ? -6.142 -0.076 -2.240 1.00 0.00 ? 1 THR A CG2  12 
ATOM   1152 H H1   . THR A 1 1 ? -2.924 2.060  -0.977 1.00 0.00 ? 1 THR A H1   12 
ATOM   1153 H HA   . THR A 1 1 ? -5.247 0.777  0.017  1.00 0.00 ? 1 THR A HA   12 
ATOM   1154 H HB   . THR A 1 1 ? -4.125 0.298  -2.730 1.00 0.00 ? 1 THR A HB   12 
ATOM   1155 H HG1  . THR A 1 1 ? -5.537 2.441  -1.518 1.00 0.00 ? 1 THR A HG1  12 
ATOM   1156 H HG21 . THR A 1 1 ? -6.640 0.493  -3.023 1.00 0.00 ? 1 THR A HG21 12 
ATOM   1157 H HG22 . THR A 1 1 ? -6.781 0.030  -1.361 1.00 0.00 ? 1 THR A HG22 12 
ATOM   1158 H HG23 . THR A 1 1 ? -5.883 -1.112 -2.445 1.00 0.00 ? 1 THR A HG23 12 
HETATM 1159 N N    . DLY A 1 2 ? -2.891 -1.351 -0.534 1.00 0.00 ? 2 DLY A N    12 
HETATM 1160 C CA   . DLY A 1 2 ? -2.373 -2.586 0.032  1.00 0.00 ? 2 DLY A CA   12 
HETATM 1161 C C    . DLY A 1 2 ? -1.386 -3.268 -0.908 1.00 0.00 ? 2 DLY A C    12 
HETATM 1162 O O    . DLY A 1 2 ? -1.145 -4.471 -0.876 1.00 0.00 ? 2 DLY A O    12 
HETATM 1163 C CB   . DLY A 1 2 ? -1.628 -2.380 1.347  1.00 0.00 ? 2 DLY A CB   12 
HETATM 1164 C CG   . DLY A 1 2 ? -2.458 -2.036 2.580  1.00 0.00 ? 2 DLY A CG   12 
HETATM 1165 C CD   . DLY A 1 2 ? -3.322 -3.170 3.119  1.00 0.00 ? 2 DLY A CD   12 
HETATM 1166 C CE   . DLY A 1 2 ? -3.976 -2.875 4.462  1.00 0.00 ? 2 DLY A CE   12 
HETATM 1167 N NZ   . DLY A 1 2 ? -5.143 -3.731 4.751  1.00 0.00 ? 2 DLY A NZ   12 
HETATM 1168 H H    . DLY A 1 2 ? -2.210 -0.707 -0.894 1.00 0.00 ? 2 DLY A H    12 
HETATM 1169 H HA   . DLY A 1 2 ? -3.281 -3.199 0.063  1.00 0.00 ? 2 DLY A HA   12 
HETATM 1170 H HB2  . DLY A 1 2 ? -0.949 -1.560 1.106  1.00 0.00 ? 2 DLY A HB2  12 
HETATM 1171 H HB3  . DLY A 1 2 ? -1.021 -3.244 1.602  1.00 0.00 ? 2 DLY A HB3  12 
HETATM 1172 H HG2  . DLY A 1 2 ? -3.041 -1.141 2.370  1.00 0.00 ? 2 DLY A HG2  12 
HETATM 1173 H HG3  . DLY A 1 2 ? -1.794 -1.785 3.410  1.00 0.00 ? 2 DLY A HG3  12 
HETATM 1174 H HD2  . DLY A 1 2 ? -2.647 -4.018 3.212  1.00 0.00 ? 2 DLY A HD2  12 
HETATM 1175 H HD3  . DLY A 1 2 ? -4.160 -3.368 2.451  1.00 0.00 ? 2 DLY A HD3  12 
HETATM 1176 H HE2  . DLY A 1 2 ? -4.253 -1.823 4.564  1.00 0.00 ? 2 DLY A HE2  12 
HETATM 1177 H HE3  . DLY A 1 2 ? -3.219 -3.078 5.219  1.00 0.00 ? 2 DLY A HE3  12 
HETATM 1178 H HZ1  . DLY A 1 2 ? -5.498 -3.745 5.688  1.00 0.00 ? 2 DLY A HZ1  12 
HETATM 1179 H HZ2  . DLY A 1 2 ? -4.765 -4.613 4.449  1.00 0.00 ? 2 DLY A HZ2  12 
HETATM 1180 H HZ3  . DLY A 1 2 ? -5.803 -3.418 4.057  1.00 0.00 ? 2 DLY A HZ3  12 
ATOM   1181 N N    . ASN A 1 3 ? -0.715 -2.546 -1.803 1.00 0.00 ? 3 ASN A N    12 
ATOM   1182 C CA   . ASN A 1 3 ? 0.292  -3.019 -2.728 1.00 0.00 ? 3 ASN A CA   12 
ATOM   1183 C C    . ASN A 1 3 ? 1.665  -2.391 -2.515 1.00 0.00 ? 3 ASN A C    12 
ATOM   1184 O O    . ASN A 1 3 ? 2.710  -2.974 -2.829 1.00 0.00 ? 3 ASN A O    12 
ATOM   1185 C CB   . ASN A 1 3 ? -0.227 -2.766 -4.144 1.00 0.00 ? 3 ASN A CB   12 
ATOM   1186 C CG   . ASN A 1 3 ? -1.554 -3.500 -4.276 1.00 0.00 ? 3 ASN A CG   12 
ATOM   1187 O OD1  . ASN A 1 3 ? -2.598 -2.857 -4.331 1.00 0.00 ? 3 ASN A OD1  12 
ATOM   1188 N ND2  . ASN A 1 3 ? -1.580 -4.839 -4.224 1.00 0.00 ? 3 ASN A ND2  12 
ATOM   1189 H H    . ASN A 1 3 ? -1.050 -1.590 -1.883 1.00 0.00 ? 3 ASN A H    12 
ATOM   1190 H HA   . ASN A 1 3 ? 0.372  -4.101 -2.598 1.00 0.00 ? 3 ASN A HA   12 
ATOM   1191 H HB2  . ASN A 1 3 ? -0.360 -1.712 -4.384 1.00 0.00 ? 3 ASN A HB2  12 
ATOM   1192 H HB3  . ASN A 1 3 ? 0.501  -3.240 -4.799 1.00 0.00 ? 3 ASN A HB3  12 
ATOM   1193 H HD21 . ASN A 1 3 ? -0.807 -5.469 -4.124 1.00 0.00 ? 3 ASN A HD21 12 
ATOM   1194 H HD22 . ASN A 1 3 ? -2.511 -5.225 -4.155 1.00 0.00 ? 3 ASN A HD22 12 
ATOM   1195 N N    . ASP A 1 4 ? 1.818  -1.112 -2.180 1.00 0.00 ? 4 ASP A N    12 
ATOM   1196 C CA   . ASP A 1 4 ? 3.090  -0.447 -1.975 1.00 0.00 ? 4 ASP A CA   12 
ATOM   1197 C C    . ASP A 1 4 ? 3.113  0.624  -0.890 1.00 0.00 ? 4 ASP A C    12 
ATOM   1198 O O    . ASP A 1 4 ? 2.388  1.620  -0.868 1.00 0.00 ? 4 ASP A O    12 
ATOM   1199 C CB   . ASP A 1 4 ? 3.550  0.316  -3.214 1.00 0.00 ? 4 ASP A CB   12 
ATOM   1200 C CG   . ASP A 1 4 ? 4.884  1.046  -3.113 1.00 0.00 ? 4 ASP A CG   12 
ATOM   1201 O OD1  . ASP A 1 4 ? 5.765  0.518  -2.408 1.00 0.00 ? 4 ASP A OD1  12 
ATOM   1202 O OD2  . ASP A 1 4 ? 5.119  1.979  -3.904 1.00 0.00 ? 4 ASP A OD2  12 
ATOM   1203 H H    . ASP A 1 4 ? 0.986  -0.628 -1.863 1.00 0.00 ? 4 ASP A H    12 
ATOM   1204 H HA   . ASP A 1 4 ? 3.888  -1.170 -1.780 1.00 0.00 ? 4 ASP A HA   12 
ATOM   1205 H HB2  . ASP A 1 4 ? 3.569  -0.364 -4.061 1.00 0.00 ? 4 ASP A HB2  12 
ATOM   1206 H HB3  . ASP A 1 4 ? 2.876  1.122  -3.495 1.00 0.00 ? 4 ASP A HB3  12 
ATOM   1207 N N    . THR A 1 5 ? 4.073  0.585  0.024  1.00 0.00 ? 5 THR A N    12 
ATOM   1208 C CA   . THR A 1 5 ? 4.358  1.440  1.156  1.00 0.00 ? 5 THR A CA   12 
ATOM   1209 C C    . THR A 1 5 ? 3.149  1.814  1.997  1.00 0.00 ? 5 THR A C    12 
ATOM   1210 O O    . THR A 1 5 ? 3.025  2.895  2.553  1.00 0.00 ? 5 THR A O    12 
ATOM   1211 C CB   . THR A 1 5 ? 5.163  2.574  0.519  1.00 0.00 ? 5 THR A CB   12 
ATOM   1212 O OG1  . THR A 1 5 ? 6.162  2.082  -0.347 1.00 0.00 ? 5 THR A OG1  12 
ATOM   1213 C CG2  . THR A 1 5 ? 5.974  3.543  1.367  1.00 0.00 ? 5 THR A CG2  12 
ATOM   1214 H H    . THR A 1 5 ? 4.607  -0.264 -0.101 1.00 0.00 ? 5 THR A H    12 
ATOM   1215 H HA   . THR A 1 5 ? 5.084  1.009  1.841  1.00 0.00 ? 5 THR A HA   12 
ATOM   1216 H HB   . THR A 1 5 ? 4.435  3.111  -0.096 1.00 0.00 ? 5 THR A HB   12 
ATOM   1217 H HG1  . THR A 1 5 ? 5.816  1.452  -0.987 1.00 0.00 ? 5 THR A HG1  12 
ATOM   1218 H HG21 . THR A 1 5 ? 6.864  3.099  1.811  1.00 0.00 ? 5 THR A HG21 12 
ATOM   1219 H HG22 . THR A 1 5 ? 5.369  4.018  2.133  1.00 0.00 ? 5 THR A HG22 12 
ATOM   1220 H HG23 . THR A 1 5 ? 6.225  4.373  0.707  1.00 0.00 ? 5 THR A HG23 12 
HETATM 1221 N N    . DSG A 1 6 ? 2.195  0.894  2.172  1.00 0.00 ? 6 DSG A N    12 
HETATM 1222 C CA   . DSG A 1 6 ? 0.981  1.174  2.918  1.00 0.00 ? 6 DSG A CA   12 
HETATM 1223 C C    . DSG A 1 6 ? -0.103 1.506  1.899  1.00 0.00 ? 6 DSG A C    12 
HETATM 1224 O O    . DSG A 1 6 ? -0.213 0.825  0.875  1.00 0.00 ? 6 DSG A O    12 
HETATM 1225 C CB   . DSG A 1 6 ? 0.564  0.049  3.860  1.00 0.00 ? 6 DSG A CB   12 
HETATM 1226 C CG   . DSG A 1 6 ? 1.769  -0.403 4.663  1.00 0.00 ? 6 DSG A CG   12 
HETATM 1227 O OD1  . DSG A 1 6 ? 1.958  -0.086 5.835  1.00 0.00 ? 6 DSG A OD1  12 
HETATM 1228 N ND2  . DSG A 1 6 ? 2.661  -1.182 4.047  1.00 0.00 ? 6 DSG A ND2  12 
HETATM 1229 H H    . DSG A 1 6 ? 2.218  0.007  1.681  1.00 0.00 ? 6 DSG A H    12 
HETATM 1230 H HA   . DSG A 1 6 ? 1.220  2.014  3.555  1.00 0.00 ? 6 DSG A HA   12 
HETATM 1231 H HB2  . DSG A 1 6 ? 0.240  -0.792 3.239  1.00 0.00 ? 6 DSG A HB2  12 
HETATM 1232 H HB3  . DSG A 1 6 ? -0.099 0.452  4.627  1.00 0.00 ? 6 DSG A HB3  12 
HETATM 1233 H HD21 . DSG A 1 6 ? 2.457  -1.589 3.138  1.00 0.00 ? 6 DSG A HD21 12 
HETATM 1234 H HD22 . DSG A 1 6 ? 3.513  -1.409 4.543  1.00 0.00 ? 6 DSG A HD22 12 
HETATM 1235 N N    . DPR A 1 7 ? -0.942 2.509  2.155  1.00 0.00 ? 7 DPR A N    12 
HETATM 1236 C CA   . DPR A 1 7 ? -1.960 2.884  1.208  1.00 0.00 ? 7 DPR A CA   12 
HETATM 1237 C CB   . DPR A 1 7 ? -2.676 4.111  1.766  1.00 0.00 ? 7 DPR A CB   12 
HETATM 1238 C CG   . DPR A 1 7 ? -1.701 4.687  2.788  1.00 0.00 ? 7 DPR A CG   12 
HETATM 1239 C CD   . DPR A 1 7 ? -1.036 3.411  3.291  1.00 0.00 ? 7 DPR A CD   12 
HETATM 1240 C C    . DPR A 1 7 ? -3.025 1.810  0.974  1.00 0.00 ? 7 DPR A C    12 
HETATM 1241 O O    . DPR A 1 7 ? -3.695 1.360  1.894  1.00 0.00 ? 7 DPR A O    12 
HETATM 1242 H HA   . DPR A 1 7 ? -1.446 3.144  0.281  1.00 0.00 ? 7 DPR A HA   12 
HETATM 1243 H HB2  . DPR A 1 7 ? -3.585 3.870  2.315  1.00 0.00 ? 7 DPR A HB2  12 
HETATM 1244 H HB3  . DPR A 1 7 ? -2.895 4.842  0.986  1.00 0.00 ? 7 DPR A HB3  12 
HETATM 1245 H HG2  . DPR A 1 7 ? -2.244 5.186  3.593  1.00 0.00 ? 7 DPR A HG2  12 
HETATM 1246 H HG3  . DPR A 1 7 ? -1.060 5.439  2.336  1.00 0.00 ? 7 DPR A HG3  12 
HETATM 1247 H HD2  . DPR A 1 7 ? -1.657 2.938  4.053  1.00 0.00 ? 7 DPR A HD2  12 
HETATM 1248 H HD3  . DPR A 1 7 ? -0.067 3.654  3.719  1.00 0.00 ? 7 DPR A HD3  12 
ATOM   1249 N N    . THR A 1 1 ? -3.082 1.766  -0.523 1.00 0.00 ? 1 THR A N    13 
ATOM   1250 C CA   . THR A 1 1 ? -4.031 1.043  -1.335 1.00 0.00 ? 1 THR A CA   13 
ATOM   1251 C C    . THR A 1 1 ? -3.961 -0.464 -1.153 1.00 0.00 ? 1 THR A C    13 
ATOM   1252 O O    . THR A 1 1 ? -4.882 -1.227 -1.436 1.00 0.00 ? 1 THR A O    13 
ATOM   1253 C CB   . THR A 1 1 ? -3.883 1.416  -2.812 1.00 0.00 ? 1 THR A CB   13 
ATOM   1254 O OG1  . THR A 1 1 ? -2.627 1.061  -3.364 1.00 0.00 ? 1 THR A OG1  13 
ATOM   1255 C CG2  . THR A 1 1 ? -4.098 2.881  -3.141 1.00 0.00 ? 1 THR A CG2  13 
ATOM   1256 H H1   . THR A 1 1 ? -2.304 2.175  -1.016 1.00 0.00 ? 1 THR A H1   13 
ATOM   1257 H HA   . THR A 1 1 ? -5.032 1.384  -1.068 1.00 0.00 ? 1 THR A HA   13 
ATOM   1258 H HB   . THR A 1 1 ? -4.584 0.883  -3.451 1.00 0.00 ? 1 THR A HB   13 
ATOM   1259 H HG1  . THR A 1 1 ? -1.969 1.562  -2.879 1.00 0.00 ? 1 THR A HG1  13 
ATOM   1260 H HG21 . THR A 1 1 ? -5.141 3.186  -3.054 1.00 0.00 ? 1 THR A HG21 13 
ATOM   1261 H HG22 . THR A 1 1 ? -3.982 2.987  -4.221 1.00 0.00 ? 1 THR A HG22 13 
ATOM   1262 H HG23 . THR A 1 1 ? -3.536 3.579  -2.520 1.00 0.00 ? 1 THR A HG23 13 
HETATM 1263 N N    . DLY A 1 2 ? -2.894 -1.042 -0.595 1.00 0.00 ? 2 DLY A N    13 
HETATM 1264 C CA   . DLY A 1 2 ? -2.835 -2.382 -0.023 1.00 0.00 ? 2 DLY A CA   13 
HETATM 1265 C C    . DLY A 1 2 ? -1.472 -3.046 -0.099 1.00 0.00 ? 2 DLY A C    13 
HETATM 1266 O O    . DLY A 1 2 ? -1.190 -4.056 0.541  1.00 0.00 ? 2 DLY A O    13 
HETATM 1267 C CB   . DLY A 1 2 ? -3.343 -2.348 1.414  1.00 0.00 ? 2 DLY A CB   13 
HETATM 1268 C CG   . DLY A 1 2 ? -4.852 -2.372 1.637  1.00 0.00 ? 2 DLY A CG   13 
HETATM 1269 C CD   . DLY A 1 2 ? -5.657 -3.513 1.009  1.00 0.00 ? 2 DLY A CD   13 
HETATM 1270 C CE   . DLY A 1 2 ? -7.112 -3.256 1.384  1.00 0.00 ? 2 DLY A CE   13 
HETATM 1271 N NZ   . DLY A 1 2 ? -7.998 -4.254 0.753  1.00 0.00 ? 2 DLY A NZ   13 
HETATM 1272 H H    . DLY A 1 2 ? -2.125 -0.420 -0.403 1.00 0.00 ? 2 DLY A H    13 
HETATM 1273 H HA   . DLY A 1 2 ? -3.527 -3.036 -0.542 1.00 0.00 ? 2 DLY A HA   13 
HETATM 1274 H HB2  . DLY A 1 2 ? -2.853 -1.560 1.983  1.00 0.00 ? 2 DLY A HB2  13 
HETATM 1275 H HB3  . DLY A 1 2 ? -3.028 -3.316 1.809  1.00 0.00 ? 2 DLY A HB3  13 
HETATM 1276 H HG2  . DLY A 1 2 ? -5.271 -1.436 1.254  1.00 0.00 ? 2 DLY A HG2  13 
HETATM 1277 H HG3  . DLY A 1 2 ? -5.087 -2.399 2.697  1.00 0.00 ? 2 DLY A HG3  13 
HETATM 1278 H HD2  . DLY A 1 2 ? -5.379 -4.493 1.387  1.00 0.00 ? 2 DLY A HD2  13 
HETATM 1279 H HD3  . DLY A 1 2 ? -5.627 -3.473 -0.078 1.00 0.00 ? 2 DLY A HD3  13 
HETATM 1280 H HE2  . DLY A 1 2 ? -7.324 -2.242 1.032  1.00 0.00 ? 2 DLY A HE2  13 
HETATM 1281 H HE3  . DLY A 1 2 ? -7.199 -3.154 2.463  1.00 0.00 ? 2 DLY A HE3  13 
HETATM 1282 H HZ1  . DLY A 1 2 ? -8.045 -5.137 1.232  1.00 0.00 ? 2 DLY A HZ1  13 
HETATM 1283 H HZ2  . DLY A 1 2 ? -7.730 -4.447 -0.201 1.00 0.00 ? 2 DLY A HZ2  13 
HETATM 1284 H HZ3  . DLY A 1 2 ? -8.914 -3.825 0.687  1.00 0.00 ? 2 DLY A HZ3  13 
ATOM   1285 N N    . ASN A 1 3 ? -0.602 -2.514 -0.964 1.00 0.00 ? 3 ASN A N    13 
ATOM   1286 C CA   . ASN A 1 3 ? 0.766  -2.962 -1.183 1.00 0.00 ? 3 ASN A CA   13 
ATOM   1287 C C    . ASN A 1 3 ? 1.768  -1.820 -1.151 1.00 0.00 ? 3 ASN A C    13 
ATOM   1288 O O    . ASN A 1 3 ? 2.610  -1.820 -0.257 1.00 0.00 ? 3 ASN A O    13 
ATOM   1289 C CB   . ASN A 1 3 ? 1.008  -3.804 -2.430 1.00 0.00 ? 3 ASN A CB   13 
ATOM   1290 C CG   . ASN A 1 3 ? 0.096  -5.008 -2.646 1.00 0.00 ? 3 ASN A CG   13 
ATOM   1291 O OD1  . ASN A 1 3 ? -0.385 -5.353 -3.719 1.00 0.00 ? 3 ASN A OD1  13 
ATOM   1292 N ND2  . ASN A 1 3 ? -0.028 -5.881 -1.640 1.00 0.00 ? 3 ASN A ND2  13 
ATOM   1293 H H    . ASN A 1 3 ? -0.989 -1.721 -1.459 1.00 0.00 ? 3 ASN A H    13 
ATOM   1294 H HA   . ASN A 1 3 ? 1.086  -3.607 -0.372 1.00 0.00 ? 3 ASN A HA   13 
ATOM   1295 H HB2  . ASN A 1 3 ? 0.953  -3.215 -3.348 1.00 0.00 ? 3 ASN A HB2  13 
ATOM   1296 H HB3  . ASN A 1 3 ? 1.986  -4.216 -2.202 1.00 0.00 ? 3 ASN A HB3  13 
ATOM   1297 H HD21 . ASN A 1 3 ? 0.545  -5.791 -0.822 1.00 0.00 ? 3 ASN A HD21 13 
ATOM   1298 H HD22 . ASN A 1 3 ? -0.652 -6.675 -1.679 1.00 0.00 ? 3 ASN A HD22 13 
ATOM   1299 N N    . ASP A 1 4 ? 1.720  -0.924 -2.138 1.00 0.00 ? 4 ASP A N    13 
ATOM   1300 C CA   . ASP A 1 4 ? 2.696  0.144  -2.276 1.00 0.00 ? 4 ASP A CA   13 
ATOM   1301 C C    . ASP A 1 4 ? 2.667  1.111  -1.106 1.00 0.00 ? 4 ASP A C    13 
ATOM   1302 O O    . ASP A 1 4 ? 1.692  1.796  -0.792 1.00 0.00 ? 4 ASP A O    13 
ATOM   1303 C CB   . ASP A 1 4 ? 2.531  0.919  -3.578 1.00 0.00 ? 4 ASP A CB   13 
ATOM   1304 C CG   . ASP A 1 4 ? 3.697  1.892  -3.737 1.00 0.00 ? 4 ASP A CG   13 
ATOM   1305 O OD1  . ASP A 1 4 ? 4.835  1.393  -3.535 1.00 0.00 ? 4 ASP A OD1  13 
ATOM   1306 O OD2  . ASP A 1 4 ? 3.571  3.018  -4.247 1.00 0.00 ? 4 ASP A OD2  13 
ATOM   1307 H H    . ASP A 1 4 ? 1.051  -1.112 -2.870 1.00 0.00 ? 4 ASP A H    13 
ATOM   1308 H HA   . ASP A 1 4 ? 3.642  -0.391 -2.288 1.00 0.00 ? 4 ASP A HA   13 
ATOM   1309 H HB2  . ASP A 1 4 ? 2.508  0.218  -4.406 1.00 0.00 ? 4 ASP A HB2  13 
ATOM   1310 H HB3  . ASP A 1 4 ? 1.608  1.478  -3.467 1.00 0.00 ? 4 ASP A HB3  13 
ATOM   1311 N N    . THR A 1 5 ? 3.861  1.120  -0.489 1.00 0.00 ? 5 THR A N    13 
ATOM   1312 C CA   . THR A 1 5 ? 4.110  1.699  0.812  1.00 0.00 ? 5 THR A CA   13 
ATOM   1313 C C    . THR A 1 5 ? 2.910  1.543  1.716  1.00 0.00 ? 5 THR A C    13 
ATOM   1314 O O    . THR A 1 5 ? 2.604  2.429  2.514  1.00 0.00 ? 5 THR A O    13 
ATOM   1315 C CB   . THR A 1 5 ? 4.550  3.160  0.780  1.00 0.00 ? 5 THR A CB   13 
ATOM   1316 O OG1  . THR A 1 5 ? 5.278  3.366  -0.413 1.00 0.00 ? 5 THR A OG1  13 
ATOM   1317 C CG2  . THR A 1 5 ? 5.506  3.675  1.858  1.00 0.00 ? 5 THR A CG2  13 
ATOM   1318 H H    . THR A 1 5 ? 4.577  0.493  -0.832 1.00 0.00 ? 5 THR A H    13 
ATOM   1319 H HA   . THR A 1 5 ? 4.870  1.047  1.240  1.00 0.00 ? 5 THR A HA   13 
ATOM   1320 H HB   . THR A 1 5 ? 3.708  3.848  0.716  1.00 0.00 ? 5 THR A HB   13 
ATOM   1321 H HG1  . THR A 1 5 ? 5.824  2.580  -0.454 1.00 0.00 ? 5 THR A HG1  13 
ATOM   1322 H HG21 . THR A 1 5 ? 6.126  4.454  1.410  1.00 0.00 ? 5 THR A HG21 13 
ATOM   1323 H HG22 . THR A 1 5 ? 6.179  2.889  2.200  1.00 0.00 ? 5 THR A HG22 13 
ATOM   1324 H HG23 . THR A 1 5 ? 4.928  4.115  2.667  1.00 0.00 ? 5 THR A HG23 13 
HETATM 1325 N N    . DSG A 1 6 ? 2.315  0.351  1.798  1.00 0.00 ? 6 DSG A N    13 
HETATM 1326 C CA   . DSG A 1 6 ? 1.083  0.027  2.488  1.00 0.00 ? 6 DSG A CA   13 
HETATM 1327 C C    . DSG A 1 6 ? -0.080 0.601  1.700  1.00 0.00 ? 6 DSG A C    13 
HETATM 1328 O O    . DSG A 1 6 ? -0.452 0.108  0.636  1.00 0.00 ? 6 DSG A O    13 
HETATM 1329 C CB   . DSG A 1 6 ? 0.826  -1.483 2.596  1.00 0.00 ? 6 DSG A CB   13 
HETATM 1330 C CG   . DSG A 1 6 ? 1.969  -2.229 3.261  1.00 0.00 ? 6 DSG A CG   13 
HETATM 1331 O OD1  . DSG A 1 6 ? 2.092  -2.162 4.483  1.00 0.00 ? 6 DSG A OD1  13 
HETATM 1332 N ND2  . DSG A 1 6 ? 2.744  -2.976 2.479  1.00 0.00 ? 6 DSG A ND2  13 
HETATM 1333 H H    . DSG A 1 6 ? 2.590  -0.342 1.112  1.00 0.00 ? 6 DSG A H    13 
HETATM 1334 H HA   . DSG A 1 6 ? 1.241  0.479  3.462  1.00 0.00 ? 6 DSG A HA   13 
HETATM 1335 H HB2  . DSG A 1 6 ? 0.650  -1.861 1.593  1.00 0.00 ? 6 DSG A HB2  13 
HETATM 1336 H HB3  . DSG A 1 6 ? -0.054 -1.497 3.231  1.00 0.00 ? 6 DSG A HB3  13 
HETATM 1337 H HD21 . DSG A 1 6 ? 2.661  -2.659 1.523  1.00 0.00 ? 6 DSG A HD21 13 
HETATM 1338 H HD22 . DSG A 1 6 ? 3.591  -3.378 2.852  1.00 0.00 ? 6 DSG A HD22 13 
HETATM 1339 N N    . DPR A 1 7 ? -0.939 1.491  2.214  1.00 0.00 ? 7 DPR A N    13 
HETATM 1340 C CA   . DPR A 1 7 ? -1.788 2.430  1.516  1.00 0.00 ? 7 DPR A CA   13 
HETATM 1341 C CB   . DPR A 1 7 ? -2.130 3.592  2.448  1.00 0.00 ? 7 DPR A CB   13 
HETATM 1342 C CG   . DPR A 1 7 ? -1.183 3.446  3.635  1.00 0.00 ? 7 DPR A CG   13 
HETATM 1343 C CD   . DPR A 1 7 ? -0.831 1.962  3.579  1.00 0.00 ? 7 DPR A CD   13 
HETATM 1344 C C    . DPR A 1 7 ? -2.965 1.771  0.805  1.00 0.00 ? 7 DPR A C    13 
HETATM 1345 O O    . DPR A 1 7 ? -3.817 1.248  1.531  1.00 0.00 ? 7 DPR A O    13 
HETATM 1346 H HA   . DPR A 1 7 ? -1.233 2.942  0.719  1.00 0.00 ? 7 DPR A HA   13 
HETATM 1347 H HB2  . DPR A 1 7 ? -3.135 3.414  2.829  1.00 0.00 ? 7 DPR A HB2  13 
HETATM 1348 H HB3  . DPR A 1 7 ? -2.218 4.588  2.008  1.00 0.00 ? 7 DPR A HB3  13 
HETATM 1349 H HG2  . DPR A 1 7 ? -1.602 3.795  4.574  1.00 0.00 ? 7 DPR A HG2  13 
HETATM 1350 H HG3  . DPR A 1 7 ? -0.230 3.927  3.400  1.00 0.00 ? 7 DPR A HG3  13 
HETATM 1351 H HD2  . DPR A 1 7 ? -1.405 1.320  4.259  1.00 0.00 ? 7 DPR A HD2  13 
HETATM 1352 H HD3  . DPR A 1 7 ? 0.213  1.996  3.891  1.00 0.00 ? 7 DPR A HD3  13 
ATOM   1353 N N    . THR A 1 1 ? -3.405 1.619  -0.518 1.00 0.00 ? 1 THR A N    14 
ATOM   1354 C CA   . THR A 1 1 ? -4.415 0.659  -0.898 1.00 0.00 ? 1 THR A CA   14 
ATOM   1355 C C    . THR A 1 1 ? -4.052 -0.801 -0.686 1.00 0.00 ? 1 THR A C    14 
ATOM   1356 O O    . THR A 1 1 ? -4.828 -1.741 -0.894 1.00 0.00 ? 1 THR A O    14 
ATOM   1357 C CB   . THR A 1 1 ? -4.921 0.786  -2.325 1.00 0.00 ? 1 THR A CB   14 
ATOM   1358 O OG1  . THR A 1 1 ? -3.832 1.233  -3.105 1.00 0.00 ? 1 THR A OG1  14 
ATOM   1359 C CG2  . THR A 1 1 ? -6.016 1.844  -2.489 1.00 0.00 ? 1 THR A CG2  14 
ATOM   1360 H H1   . THR A 1 1 ? -2.943 2.148  -1.250 1.00 0.00 ? 1 THR A H1   14 
ATOM   1361 H HA   . THR A 1 1 ? -5.298 0.769  -0.261 1.00 0.00 ? 1 THR A HA   14 
ATOM   1362 H HB   . THR A 1 1 ? -5.371 -0.132 -2.714 1.00 0.00 ? 1 THR A HB   14 
ATOM   1363 H HG1  . THR A 1 1 ? -4.033 2.070  -3.518 1.00 0.00 ? 1 THR A HG1  14 
ATOM   1364 H HG21 . THR A 1 1 ? -5.555 2.786  -2.162 1.00 0.00 ? 1 THR A HG21 14 
ATOM   1365 H HG22 . THR A 1 1 ? -6.918 1.679  -1.904 1.00 0.00 ? 1 THR A HG22 14 
ATOM   1366 H HG23 . THR A 1 1 ? -6.283 1.891  -3.543 1.00 0.00 ? 1 THR A HG23 14 
HETATM 1367 N N    . DLY A 1 2 ? -2.839 -1.132 -0.239 1.00 0.00 ? 2 DLY A N    14 
HETATM 1368 C CA   . DLY A 1 2 ? -2.438 -2.423 0.302  1.00 0.00 ? 2 DLY A CA   14 
HETATM 1369 C C    . DLY A 1 2 ? -1.108 -2.938 -0.237 1.00 0.00 ? 2 DLY A C    14 
HETATM 1370 O O    . DLY A 1 2 ? -0.400 -3.750 0.358  1.00 0.00 ? 2 DLY A O    14 
HETATM 1371 C CB   . DLY A 1 2 ? -2.453 -2.427 1.829  1.00 0.00 ? 2 DLY A CB   14 
HETATM 1372 C CG   . DLY A 1 2 ? -3.816 -2.249 2.486  1.00 0.00 ? 2 DLY A CG   14 
HETATM 1373 C CD   . DLY A 1 2 ? -3.821 -2.575 3.976  1.00 0.00 ? 2 DLY A CD   14 
HETATM 1374 C CE   . DLY A 1 2 ? -5.097 -2.307 4.751  1.00 0.00 ? 2 DLY A CE   14 
HETATM 1375 N NZ   . DLY A 1 2 ? -6.251 -3.039 4.191  1.00 0.00 ? 2 DLY A NZ   14 
HETATM 1376 H H    . DLY A 1 2 ? -2.156 -0.407 -0.107 1.00 0.00 ? 2 DLY A H    14 
HETATM 1377 H HA   . DLY A 1 2 ? -3.184 -3.122 -0.044 1.00 0.00 ? 2 DLY A HA   14 
HETATM 1378 H HB2  . DLY A 1 2 ? -1.912 -1.581 2.269  1.00 0.00 ? 2 DLY A HB2  14 
HETATM 1379 H HB3  . DLY A 1 2 ? -2.013 -3.370 2.145  1.00 0.00 ? 2 DLY A HB3  14 
HETATM 1380 H HG2  . DLY A 1 2 ? -4.475 -2.973 2.014  1.00 0.00 ? 2 DLY A HG2  14 
HETATM 1381 H HG3  . DLY A 1 2 ? -4.173 -1.224 2.336  1.00 0.00 ? 2 DLY A HG3  14 
HETATM 1382 H HD2  . DLY A 1 2 ? -3.069 -1.931 4.437  1.00 0.00 ? 2 DLY A HD2  14 
HETATM 1383 H HD3  . DLY A 1 2 ? -3.522 -3.629 4.070  1.00 0.00 ? 2 DLY A HD3  14 
HETATM 1384 H HE2  . DLY A 1 2 ? -5.293 -1.233 4.716  1.00 0.00 ? 2 DLY A HE2  14 
HETATM 1385 H HE3  . DLY A 1 2 ? -4.962 -2.512 5.808  1.00 0.00 ? 2 DLY A HE3  14 
HETATM 1386 H HZ1  . DLY A 1 2 ? -6.559 -2.602 3.339  1.00 0.00 ? 2 DLY A HZ1  14 
HETATM 1387 H HZ2  . DLY A 1 2 ? -7.052 -3.029 4.803  1.00 0.00 ? 2 DLY A HZ2  14 
HETATM 1388 H HZ3  . DLY A 1 2 ? -5.946 -4.003 4.107  1.00 0.00 ? 2 DLY A HZ3  14 
ATOM   1389 N N    . ASN A 1 3 ? -0.649 -2.384 -1.361 1.00 0.00 ? 3 ASN A N    14 
ATOM   1390 C CA   . ASN A 1 3 ? 0.351  -2.937 -2.243 1.00 0.00 ? 3 ASN A CA   14 
ATOM   1391 C C    . ASN A 1 3 ? 1.664  -2.176 -2.176 1.00 0.00 ? 3 ASN A C    14 
ATOM   1392 O O    . ASN A 1 3 ? 2.651  -2.902 -2.107 1.00 0.00 ? 3 ASN A O    14 
ATOM   1393 C CB   . ASN A 1 3 ? -0.096 -2.761 -3.697 1.00 0.00 ? 3 ASN A CB   14 
ATOM   1394 C CG   . ASN A 1 3 ? -1.368 -3.559 -3.908 1.00 0.00 ? 3 ASN A CG   14 
ATOM   1395 O OD1  . ASN A 1 3 ? -1.494 -4.749 -3.649 1.00 0.00 ? 3 ASN A OD1  14 
ATOM   1396 N ND2  . ASN A 1 3 ? -2.354 -2.988 -4.614 1.00 0.00 ? 3 ASN A ND2  14 
ATOM   1397 H H    . ASN A 1 3 ? -1.214 -1.632 -1.735 1.00 0.00 ? 3 ASN A H    14 
ATOM   1398 H HA   . ASN A 1 3 ? 0.577  -3.954 -1.931 1.00 0.00 ? 3 ASN A HA   14 
ATOM   1399 H HB2  . ASN A 1 3 ? -0.223 -1.711 -3.986 1.00 0.00 ? 3 ASN A HB2  14 
ATOM   1400 H HB3  . ASN A 1 3 ? 0.629  -3.232 -4.360 1.00 0.00 ? 3 ASN A HB3  14 
ATOM   1401 H HD21 . ASN A 1 3 ? -2.256 -2.055 -4.973 1.00 0.00 ? 3 ASN A HD21 14 
ATOM   1402 H HD22 . ASN A 1 3 ? -3.239 -3.473 -4.533 1.00 0.00 ? 3 ASN A HD22 14 
ATOM   1403 N N    . ASP A 1 4 ? 1.725  -0.836 -2.224 1.00 0.00 ? 4 ASP A N    14 
ATOM   1404 C CA   . ASP A 1 4 ? 2.961  -0.082 -2.145 1.00 0.00 ? 4 ASP A CA   14 
ATOM   1405 C C    . ASP A 1 4 ? 2.970  0.843  -0.929 1.00 0.00 ? 4 ASP A C    14 
ATOM   1406 O O    . ASP A 1 4 ? 1.985  1.549  -0.723 1.00 0.00 ? 4 ASP A O    14 
ATOM   1407 C CB   . ASP A 1 4 ? 3.167  0.777  -3.389 1.00 0.00 ? 4 ASP A CB   14 
ATOM   1408 C CG   . ASP A 1 4 ? 4.480  1.539  -3.382 1.00 0.00 ? 4 ASP A CG   14 
ATOM   1409 O OD1  . ASP A 1 4 ? 4.480  2.754  -3.668 1.00 0.00 ? 4 ASP A OD1  14 
ATOM   1410 O OD2  . ASP A 1 4 ? 5.488  0.854  -3.114 1.00 0.00 ? 4 ASP A OD2  14 
ATOM   1411 H H    . ASP A 1 4 ? 0.855  -0.332 -2.268 1.00 0.00 ? 4 ASP A H    14 
ATOM   1412 H HA   . ASP A 1 4 ? 3.807  -0.756 -2.099 1.00 0.00 ? 4 ASP A HA   14 
ATOM   1413 H HB2  . ASP A 1 4 ? 3.041  0.133  -4.263 1.00 0.00 ? 4 ASP A HB2  14 
ATOM   1414 H HB3  . ASP A 1 4 ? 2.327  1.475  -3.410 1.00 0.00 ? 4 ASP A HB3  14 
ATOM   1415 N N    . THR A 1 5 ? 4.007  0.742  -0.090 1.00 0.00 ? 5 THR A N    14 
ATOM   1416 C CA   . THR A 1 5 ? 4.242  1.492  1.120  1.00 0.00 ? 5 THR A CA   14 
ATOM   1417 C C    . THR A 1 5 ? 3.076  1.632  2.097  1.00 0.00 ? 5 THR A C    14 
ATOM   1418 O O    . THR A 1 5 ? 2.920  2.600  2.838  1.00 0.00 ? 5 THR A O    14 
ATOM   1419 C CB   . THR A 1 5 ? 5.015  2.777  0.815  1.00 0.00 ? 5 THR A CB   14 
ATOM   1420 O OG1  . THR A 1 5 ? 5.433  3.494  1.955  1.00 0.00 ? 5 THR A OG1  14 
ATOM   1421 C CG2  . THR A 1 5 ? 4.274  3.773  -0.080 1.00 0.00 ? 5 THR A CG2  14 
ATOM   1422 H H    . THR A 1 5 ? 4.640  -0.023 -0.284 1.00 0.00 ? 5 THR A H    14 
ATOM   1423 H HA   . THR A 1 5 ? 4.945  0.833  1.625  1.00 0.00 ? 5 THR A HA   14 
ATOM   1424 H HB   . THR A 1 5 ? 5.988  2.562  0.392  1.00 0.00 ? 5 THR A HB   14 
ATOM   1425 H HG1  . THR A 1 5 ? 4.644  3.911  2.297  1.00 0.00 ? 5 THR A HG1  14 
ATOM   1426 H HG21 . THR A 1 5 ? 4.065  3.318  -1.053 1.00 0.00 ? 5 THR A HG21 14 
ATOM   1427 H HG22 . THR A 1 5 ? 4.992  4.584  -0.233 1.00 0.00 ? 5 THR A HG22 14 
ATOM   1428 H HG23 . THR A 1 5 ? 3.340  4.131  0.338  1.00 0.00 ? 5 THR A HG23 14 
HETATM 1429 N N    . DSG A 1 6 ? 2.228  0.609  2.200  1.00 0.00 ? 6 DSG A N    14 
HETATM 1430 C CA   . DSG A 1 6 ? 0.952  0.641  2.882  1.00 0.00 ? 6 DSG A CA   14 
HETATM 1431 C C    . DSG A 1 6 ? -0.207 0.988  1.946  1.00 0.00 ? 6 DSG A C    14 
HETATM 1432 O O    . DSG A 1 6 ? -0.538 0.213  1.062  1.00 0.00 ? 6 DSG A O    14 
HETATM 1433 C CB   . DSG A 1 6 ? 0.695  -0.658 3.635  1.00 0.00 ? 6 DSG A CB   14 
HETATM 1434 C CG   . DSG A 1 6 ? 1.803  -1.066 4.605  1.00 0.00 ? 6 DSG A CG   14 
HETATM 1435 O OD1  . DSG A 1 6 ? 1.627  -0.855 5.809  1.00 0.00 ? 6 DSG A OD1  14 
HETATM 1436 N ND2  . DSG A 1 6 ? 2.945  -1.543 4.106  1.00 0.00 ? 6 DSG A ND2  14 
HETATM 1437 H H    . DSG A 1 6 ? 2.325  -0.197 1.598  1.00 0.00 ? 6 DSG A H    14 
HETATM 1438 H HA   . DSG A 1 6 ? 0.995  1.415  3.645  1.00 0.00 ? 6 DSG A HA   14 
HETATM 1439 H HB2  . DSG A 1 6 ? 0.609  -1.452 2.890  1.00 0.00 ? 6 DSG A HB2  14 
HETATM 1440 H HB3  . DSG A 1 6 ? -0.202 -0.572 4.241  1.00 0.00 ? 6 DSG A HB3  14 
HETATM 1441 H HD21 . DSG A 1 6 ? 3.169  -1.653 3.127  1.00 0.00 ? 6 DSG A HD21 14 
HETATM 1442 H HD22 . DSG A 1 6 ? 3.733  -1.628 4.732  1.00 0.00 ? 6 DSG A HD22 14 
HETATM 1443 N N    . DPR A 1 7 ? -0.912 2.118  2.098  1.00 0.00 ? 7 DPR A N    14 
HETATM 1444 C CA   . DPR A 1 7 ? -1.652 2.650  0.981  1.00 0.00 ? 7 DPR A CA   14 
HETATM 1445 C CB   . DPR A 1 7 ? -1.946 4.093  1.365  1.00 0.00 ? 7 DPR A CB   14 
HETATM 1446 C CG   . DPR A 1 7 ? -1.686 4.260  2.858  1.00 0.00 ? 7 DPR A CG   14 
HETATM 1447 C CD   . DPR A 1 7 ? -0.743 3.100  3.155  1.00 0.00 ? 7 DPR A CD   14 
HETATM 1448 C C    . DPR A 1 7 ? -2.904 1.818  0.701  1.00 0.00 ? 7 DPR A C    14 
HETATM 1449 O O    . DPR A 1 7 ? -3.465 1.394  1.704  1.00 0.00 ? 7 DPR A O    14 
HETATM 1450 H HA   . DPR A 1 7 ? -1.098 2.734  0.049  1.00 0.00 ? 7 DPR A HA   14 
HETATM 1451 H HB2  . DPR A 1 7 ? -2.972 4.246  1.038  1.00 0.00 ? 7 DPR A HB2  14 
HETATM 1452 H HB3  . DPR A 1 7 ? -1.276 4.763  0.818  1.00 0.00 ? 7 DPR A HB3  14 
HETATM 1453 H HG2  . DPR A 1 7 ? -2.655 4.263  3.362  1.00 0.00 ? 7 DPR A HG2  14 
HETATM 1454 H HG3  . DPR A 1 7 ? -1.168 5.205  3.011  1.00 0.00 ? 7 DPR A HG3  14 
HETATM 1455 H HD2  . DPR A 1 7 ? -0.942 2.722  4.154  1.00 0.00 ? 7 DPR A HD2  14 
HETATM 1456 H HD3  . DPR A 1 7 ? 0.252  3.526  3.031  1.00 0.00 ? 7 DPR A HD3  14 
ATOM   1457 N N    . THR A 1 1 ? -2.825 1.718  -0.374 1.00 0.00 ? 1 THR A N    15 
ATOM   1458 C CA   . THR A 1 1 ? -3.750 1.149  -1.329 1.00 0.00 ? 1 THR A CA   15 
ATOM   1459 C C    . THR A 1 1 ? -3.701 -0.372 -1.397 1.00 0.00 ? 1 THR A C    15 
ATOM   1460 O O    . THR A 1 1 ? -4.691 -0.915 -1.894 1.00 0.00 ? 1 THR A O    15 
ATOM   1461 C CB   . THR A 1 1 ? -3.402 1.782  -2.675 1.00 0.00 ? 1 THR A CB   15 
ATOM   1462 O OG1  . THR A 1 1 ? -2.109 1.368  -3.060 1.00 0.00 ? 1 THR A OG1  15 
ATOM   1463 C CG2  . THR A 1 1 ? -3.575 3.293  -2.716 1.00 0.00 ? 1 THR A CG2  15 
ATOM   1464 H H1   . THR A 1 1 ? -2.084 2.252  -0.800 1.00 0.00 ? 1 THR A H1   15 
ATOM   1465 H HA   . THR A 1 1 ? -4.730 1.471  -1.001 1.00 0.00 ? 1 THR A HA   15 
ATOM   1466 H HB   . THR A 1 1 ? -4.062 1.298  -3.394 1.00 0.00 ? 1 THR A HB   15 
ATOM   1467 H HG1  . THR A 1 1 ? -1.549 2.110  -2.817 1.00 0.00 ? 1 THR A HG1  15 
ATOM   1468 H HG21 . THR A 1 1 ? -3.200 3.665  -3.675 1.00 0.00 ? 1 THR A HG21 15 
ATOM   1469 H HG22 . THR A 1 1 ? -3.038 3.802  -1.924 1.00 0.00 ? 1 THR A HG22 15 
ATOM   1470 H HG23 . THR A 1 1 ? -4.623 3.537  -2.552 1.00 0.00 ? 1 THR A HG23 15 
HETATM 1471 N N    . DLY A 1 2 ? -2.803 -1.027 -0.667 1.00 0.00 ? 2 DLY A N    15 
HETATM 1472 C CA   . DLY A 1 2 ? -2.837 -2.423 -0.284 1.00 0.00 ? 2 DLY A CA   15 
HETATM 1473 C C    . DLY A 1 2 ? -1.453 -3.055 -0.220 1.00 0.00 ? 2 DLY A C    15 
HETATM 1474 O O    . DLY A 1 2 ? -1.368 -4.129 0.379  1.00 0.00 ? 2 DLY A O    15 
HETATM 1475 C CB   . DLY A 1 2 ? -3.590 -2.661 1.021  1.00 0.00 ? 2 DLY A CB   15 
HETATM 1476 C CG   . DLY A 1 2 ? -5.050 -2.232 1.019  1.00 0.00 ? 2 DLY A CG   15 
HETATM 1477 C CD   . DLY A 1 2 ? -5.805 -2.693 2.263  1.00 0.00 ? 2 DLY A CD   15 
HETATM 1478 C CE   . DLY A 1 2 ? -7.316 -2.490 2.229  1.00 0.00 ? 2 DLY A CE   15 
HETATM 1479 N NZ   . DLY A 1 2 ? -7.950 -2.985 3.454  1.00 0.00 ? 2 DLY A NZ   15 
HETATM 1480 H H    . DLY A 1 2 ? -2.147 -0.382 -0.252 1.00 0.00 ? 2 DLY A H    15 
HETATM 1481 H HA   . DLY A 1 2 ? -3.301 -2.980 -1.092 1.00 0.00 ? 2 DLY A HA   15 
HETATM 1482 H HB2  . DLY A 1 2 ? -2.938 -2.247 1.799  1.00 0.00 ? 2 DLY A HB2  15 
HETATM 1483 H HB3  . DLY A 1 2 ? -3.661 -3.743 1.158  1.00 0.00 ? 2 DLY A HB3  15 
HETATM 1484 H HG2  . DLY A 1 2 ? -5.500 -2.693 0.138  1.00 0.00 ? 2 DLY A HG2  15 
HETATM 1485 H HG3  . DLY A 1 2 ? -5.023 -1.137 1.010  1.00 0.00 ? 2 DLY A HG3  15 
HETATM 1486 H HD2  . DLY A 1 2 ? -5.442 -2.170 3.148  1.00 0.00 ? 2 DLY A HD2  15 
HETATM 1487 H HD3  . DLY A 1 2 ? -5.639 -3.746 2.491  1.00 0.00 ? 2 DLY A HD3  15 
HETATM 1488 H HE2  . DLY A 1 2 ? -7.709 -3.088 1.399  1.00 0.00 ? 2 DLY A HE2  15 
HETATM 1489 H HE3  . DLY A 1 2 ? -7.436 -1.411 2.107  1.00 0.00 ? 2 DLY A HE3  15 
HETATM 1490 H HZ1  . DLY A 1 2 ? -8.773 -2.437 3.662  1.00 0.00 ? 2 DLY A HZ1  15 
HETATM 1491 H HZ2  . DLY A 1 2 ? -7.404 -2.901 4.299  1.00 0.00 ? 2 DLY A HZ2  15 
HETATM 1492 H HZ3  . DLY A 1 2 ? -8.121 -3.987 3.477  1.00 0.00 ? 2 DLY A HZ3  15 
ATOM   1493 N N    . ASN A 1 3 ? -0.411 -2.538 -0.878 1.00 0.00 ? 3 ASN A N    15 
ATOM   1494 C CA   . ASN A 1 3 ? 0.964  -3.015 -0.926 1.00 0.00 ? 3 ASN A CA   15 
ATOM   1495 C C    . ASN A 1 3 ? 1.966  -1.883 -1.084 1.00 0.00 ? 3 ASN A C    15 
ATOM   1496 O O    . ASN A 1 3 ? 2.913  -1.794 -0.297 1.00 0.00 ? 3 ASN A O    15 
ATOM   1497 C CB   . ASN A 1 3 ? 1.131  -4.038 -2.046 1.00 0.00 ? 3 ASN A CB   15 
ATOM   1498 C CG   . ASN A 1 3 ? 0.242  -5.268 -2.093 1.00 0.00 ? 3 ASN A CG   15 
ATOM   1499 O OD1  . ASN A 1 3 ? -0.475 -5.508 -3.063 1.00 0.00 ? 3 ASN A OD1  15 
ATOM   1500 N ND2  . ASN A 1 3 ? 0.177  -6.074 -1.024 1.00 0.00 ? 3 ASN A ND2  15 
ATOM   1501 H H    . ASN A 1 3 ? -0.705 -1.816 -1.520 1.00 0.00 ? 3 ASN A H    15 
ATOM   1502 H HA   . ASN A 1 3 ? 1.152  -3.579 -0.010 1.00 0.00 ? 3 ASN A HA   15 
ATOM   1503 H HB2  . ASN A 1 3 ? 0.746  -3.467 -2.891 1.00 0.00 ? 3 ASN A HB2  15 
ATOM   1504 H HB3  . ASN A 1 3 ? 2.196  -4.190 -2.241 1.00 0.00 ? 3 ASN A HB3  15 
ATOM   1505 H HD21 . ASN A 1 3 ? 0.634  -5.844 -0.152 1.00 0.00 ? 3 ASN A HD21 15 
ATOM   1506 H HD22 . ASN A 1 3 ? -0.548 -6.770 -0.979 1.00 0.00 ? 3 ASN A HD22 15 
ATOM   1507 N N    . ASP A 1 4 ? 1.799  -1.062 -2.116 1.00 0.00 ? 4 ASP A N    15 
ATOM   1508 C CA   . ASP A 1 4 ? 2.543  0.119  -2.487 1.00 0.00 ? 4 ASP A CA   15 
ATOM   1509 C C    . ASP A 1 4 ? 2.724  1.120  -1.346 1.00 0.00 ? 4 ASP A C    15 
ATOM   1510 O O    . ASP A 1 4 ? 1.975  2.079  -1.216 1.00 0.00 ? 4 ASP A O    15 
ATOM   1511 C CB   . ASP A 1 4 ? 1.980  0.770  -3.749 1.00 0.00 ? 4 ASP A CB   15 
ATOM   1512 C CG   . ASP A 1 4 ? 2.580  2.091  -4.207 1.00 0.00 ? 4 ASP A CG   15 
ATOM   1513 O OD1  . ASP A 1 4 ? 3.772  2.362  -3.958 1.00 0.00 ? 4 ASP A OD1  15 
ATOM   1514 O OD2  . ASP A 1 4 ? 1.871  2.833  -4.914 1.00 0.00 ? 4 ASP A OD2  15 
ATOM   1515 H H    . ASP A 1 4 ? 1.007  -1.270 -2.713 1.00 0.00 ? 4 ASP A H    15 
ATOM   1516 H HA   . ASP A 1 4 ? 3.536  -0.186 -2.811 1.00 0.00 ? 4 ASP A HA   15 
ATOM   1517 H HB2  . ASP A 1 4 ? 2.077  0.096  -4.606 1.00 0.00 ? 4 ASP A HB2  15 
ATOM   1518 H HB3  . ASP A 1 4 ? 0.914  0.914  -3.565 1.00 0.00 ? 4 ASP A HB3  15 
ATOM   1519 N N    . THR A 1 5 ? 3.745  0.959  -0.506 1.00 0.00 ? 5 THR A N    15 
ATOM   1520 C CA   . THR A 1 5 ? 3.958  1.635  0.760  1.00 0.00 ? 5 THR A CA   15 
ATOM   1521 C C    . THR A 1 5 ? 2.757  1.570  1.688  1.00 0.00 ? 5 THR A C    15 
ATOM   1522 O O    . THR A 1 5 ? 2.356  2.481  2.416  1.00 0.00 ? 5 THR A O    15 
ATOM   1523 C CB   . THR A 1 5 ? 4.437  3.078  0.690  1.00 0.00 ? 5 THR A CB   15 
ATOM   1524 O OG1  . THR A 1 5 ? 5.126  3.273  -0.522 1.00 0.00 ? 5 THR A OG1  15 
ATOM   1525 C CG2  . THR A 1 5 ? 5.506  3.467  1.713  1.00 0.00 ? 5 THR A CG2  15 
ATOM   1526 H H    . THR A 1 5 ? 4.402  0.244  -0.775 1.00 0.00 ? 5 THR A H    15 
ATOM   1527 H HA   . THR A 1 5 ? 4.758  1.045  1.234  1.00 0.00 ? 5 THR A HA   15 
ATOM   1528 H HB   . THR A 1 5 ? 3.619  3.800  0.670  1.00 0.00 ? 5 THR A HB   15 
ATOM   1529 H HG1  . THR A 1 5 ? 4.491  3.529  -1.189 1.00 0.00 ? 5 THR A HG1  15 
ATOM   1530 H HG21 . THR A 1 5 ? 6.132  4.236  1.266  1.00 0.00 ? 5 THR A HG21 15 
ATOM   1531 H HG22 . THR A 1 5 ? 6.075  2.598  2.047  1.00 0.00 ? 5 THR A HG22 15 
ATOM   1532 H HG23 . THR A 1 5 ? 4.910  3.648  2.617  1.00 0.00 ? 5 THR A HG23 15 
HETATM 1533 N N    . DSG A 1 6 ? 2.116  0.404  1.665  1.00 0.00 ? 6 DSG A N    15 
HETATM 1534 C CA   . DSG A 1 6 ? 1.035  0.053  2.554  1.00 0.00 ? 6 DSG A CA   15 
HETATM 1535 C C    . DSG A 1 6 ? -0.257 0.656  2.013  1.00 0.00 ? 6 DSG A C    15 
HETATM 1536 O O    . DSG A 1 6 ? -0.772 -0.015 1.107  1.00 0.00 ? 6 DSG A O    15 
HETATM 1537 C CB   . DSG A 1 6 ? 1.060  -1.458 2.764  1.00 0.00 ? 6 DSG A CB   15 
HETATM 1538 C CG   . DSG A 1 6 ? 2.346  -2.047 3.322  1.00 0.00 ? 6 DSG A CG   15 
HETATM 1539 O OD1  . DSG A 1 6 ? 2.474  -2.357 4.497  1.00 0.00 ? 6 DSG A OD1  15 
HETATM 1540 N ND2  . DSG A 1 6 ? 3.380  -2.322 2.518  1.00 0.00 ? 6 DSG A ND2  15 
HETATM 1541 H H    . DSG A 1 6 ? 2.401  -0.245 0.932  1.00 0.00 ? 6 DSG A H    15 
HETATM 1542 H HA   . DSG A 1 6 ? 1.261  0.519  3.508  1.00 0.00 ? 6 DSG A HA   15 
HETATM 1543 H HB2  . DSG A 1 6 ? 0.750  -1.950 1.834  1.00 0.00 ? 6 DSG A HB2  15 
HETATM 1544 H HB3  . DSG A 1 6 ? 0.310  -1.694 3.513  1.00 0.00 ? 6 DSG A HB3  15 
HETATM 1545 H HD21 . DSG A 1 6 ? 3.305  -2.051 1.541  1.00 0.00 ? 6 DSG A HD21 15 
HETATM 1546 H HD22 . DSG A 1 6 ? 4.251  -2.611 2.922  1.00 0.00 ? 6 DSG A HD22 15 
HETATM 1547 N N    . DPR A 1 7 ? -0.917 1.721  2.449  1.00 0.00 ? 7 DPR A N    15 
HETATM 1548 C CA   . DPR A 1 7 ? -1.912 2.483  1.713  1.00 0.00 ? 7 DPR A CA   15 
HETATM 1549 C CB   . DPR A 1 7 ? -2.395 3.596  2.642  1.00 0.00 ? 7 DPR A CB   15 
HETATM 1550 C CG   . DPR A 1 7 ? -1.192 3.838  3.555  1.00 0.00 ? 7 DPR A CG   15 
HETATM 1551 C CD   . DPR A 1 7 ? -0.650 2.422  3.693  1.00 0.00 ? 7 DPR A CD   15 
HETATM 1552 C C    . DPR A 1 7 ? -2.984 1.721  0.949  1.00 0.00 ? 7 DPR A C    15 
HETATM 1553 O O    . DPR A 1 7 ? -3.841 1.040  1.521  1.00 0.00 ? 7 DPR A O    15 
HETATM 1554 H HA   . DPR A 1 7 ? -1.371 3.020  0.936  1.00 0.00 ? 7 DPR A HA   15 
HETATM 1555 H HB2  . DPR A 1 7 ? -3.204 3.225  3.265  1.00 0.00 ? 7 DPR A HB2  15 
HETATM 1556 H HB3  . DPR A 1 7 ? -2.691 4.519  2.146  1.00 0.00 ? 7 DPR A HB3  15 
HETATM 1557 H HG2  . DPR A 1 7 ? -1.539 4.253  4.498  1.00 0.00 ? 7 DPR A HG2  15 
HETATM 1558 H HG3  . DPR A 1 7 ? -0.474 4.441  2.996  1.00 0.00 ? 7 DPR A HG3  15 
HETATM 1559 H HD2  . DPR A 1 7 ? -1.206 1.970  4.511  1.00 0.00 ? 7 DPR A HD2  15 
HETATM 1560 H HD3  . DPR A 1 7 ? 0.375  2.561  4.049  1.00 0.00 ? 7 DPR A HD3  15 
ATOM   1561 N N    . THR A 1 1 ? -3.220 1.660  -0.013 1.00 0.00 ? 1 THR A N    16 
ATOM   1562 C CA   . THR A 1 1 ? -4.342 1.112  -0.732 1.00 0.00 ? 1 THR A CA   16 
ATOM   1563 C C    . THR A 1 1 ? -4.172 -0.278 -1.329 1.00 0.00 ? 1 THR A C    16 
ATOM   1564 O O    . THR A 1 1 ? -4.791 -0.680 -2.320 1.00 0.00 ? 1 THR A O    16 
ATOM   1565 C CB   . THR A 1 1 ? -4.809 2.118  -1.789 1.00 0.00 ? 1 THR A CB   16 
ATOM   1566 O OG1  . THR A 1 1 ? -3.776 2.767  -2.501 1.00 0.00 ? 1 THR A OG1  16 
ATOM   1567 C CG2  . THR A 1 1 ? -5.619 3.231  -1.123 1.00 0.00 ? 1 THR A CG2  16 
ATOM   1568 H H1   . THR A 1 1 ? -2.643 2.258  -0.579 1.00 0.00 ? 1 THR A H1   16 
ATOM   1569 H HA   . THR A 1 1 ? -5.223 1.086  -0.081 1.00 0.00 ? 1 THR A HA   16 
ATOM   1570 H HB   . THR A 1 1 ? -5.420 1.550  -2.484 1.00 0.00 ? 1 THR A HB   16 
ATOM   1571 H HG1  . THR A 1 1 ? -3.266 2.123  -2.993 1.00 0.00 ? 1 THR A HG1  16 
ATOM   1572 H HG21 . THR A 1 1 ? -6.484 2.756  -0.658 1.00 0.00 ? 1 THR A HG21 16 
ATOM   1573 H HG22 . THR A 1 1 ? -6.006 4.035  -1.751 1.00 0.00 ? 1 THR A HG22 16 
ATOM   1574 H HG23 . THR A 1 1 ? -5.044 3.560  -0.259 1.00 0.00 ? 1 THR A HG23 16 
HETATM 1575 N N    . DLY A 1 2 ? -3.401 -1.127 -0.660 1.00 0.00 ? 2 DLY A N    16 
HETATM 1576 C CA   . DLY A 1 2 ? -2.821 -2.359 -1.167 1.00 0.00 ? 2 DLY A CA   16 
HETATM 1577 C C    . DLY A 1 2 ? -1.449 -2.634 -0.573 1.00 0.00 ? 2 DLY A C    16 
HETATM 1578 O O    . DLY A 1 2 ? -1.393 -2.817 0.645  1.00 0.00 ? 2 DLY A O    16 
HETATM 1579 C CB   . DLY A 1 2 ? -3.755 -3.540 -0.921 1.00 0.00 ? 2 DLY A CB   16 
HETATM 1580 C CG   . DLY A 1 2 ? -3.390 -4.759 -1.763 1.00 0.00 ? 2 DLY A CG   16 
HETATM 1581 C CD   . DLY A 1 2 ? -4.551 -5.748 -1.700 1.00 0.00 ? 2 DLY A CD   16 
HETATM 1582 C CE   . DLY A 1 2 ? -4.173 -6.950 -2.554 1.00 0.00 ? 2 DLY A CE   16 
HETATM 1583 N NZ   . DLY A 1 2 ? -4.178 -6.638 -3.993 1.00 0.00 ? 2 DLY A NZ   16 
HETATM 1584 H H    . DLY A 1 2 ? -3.160 -0.695 0.216  1.00 0.00 ? 2 DLY A H    16 
HETATM 1585 H HA   . DLY A 1 2 ? -2.720 -2.224 -2.240 1.00 0.00 ? 2 DLY A HA   16 
HETATM 1586 H HB2  . DLY A 1 2 ? -4.773 -3.248 -1.161 1.00 0.00 ? 2 DLY A HB2  16 
HETATM 1587 H HB3  . DLY A 1 2 ? -3.734 -3.803 0.143  1.00 0.00 ? 2 DLY A HB3  16 
HETATM 1588 H HG2  . DLY A 1 2 ? -2.496 -5.176 -1.281 1.00 0.00 ? 2 DLY A HG2  16 
HETATM 1589 H HG3  . DLY A 1 2 ? -3.231 -4.384 -2.775 1.00 0.00 ? 2 DLY A HG3  16 
HETATM 1590 H HD2  . DLY A 1 2 ? -5.468 -5.268 -2.032 1.00 0.00 ? 2 DLY A HD2  16 
HETATM 1591 H HD3  . DLY A 1 2 ? -4.781 -6.049 -0.667 1.00 0.00 ? 2 DLY A HD3  16 
HETATM 1592 H HE2  . DLY A 1 2 ? -4.914 -7.754 -2.448 1.00 0.00 ? 2 DLY A HE2  16 
HETATM 1593 H HE3  . DLY A 1 2 ? -3.190 -7.348 -2.326 1.00 0.00 ? 2 DLY A HE3  16 
HETATM 1594 H HZ1  . DLY A 1 2 ? -5.026 -6.157 -4.253 1.00 0.00 ? 2 DLY A HZ1  16 
HETATM 1595 H HZ2  . DLY A 1 2 ? -4.075 -7.477 -4.531 1.00 0.00 ? 2 DLY A HZ2  16 
HETATM 1596 H HZ3  . DLY A 1 2 ? -3.413 -6.041 -4.281 1.00 0.00 ? 2 DLY A HZ3  16 
ATOM   1597 N N    . ASN A 1 3 ? -0.390 -2.711 -1.381 1.00 0.00 ? 3 ASN A N    16 
ATOM   1598 C CA   . ASN A 1 3 ? 0.880  -3.158 -0.842 1.00 0.00 ? 3 ASN A CA   16 
ATOM   1599 C C    . ASN A 1 3 ? 1.948  -2.079 -0.988 1.00 0.00 ? 3 ASN A C    16 
ATOM   1600 O O    . ASN A 1 3 ? 2.703  -1.890 -0.045 1.00 0.00 ? 3 ASN A O    16 
ATOM   1601 C CB   . ASN A 1 3 ? 1.293  -4.502 -1.440 1.00 0.00 ? 3 ASN A CB   16 
ATOM   1602 C CG   . ASN A 1 3 ? 0.336  -5.665 -1.222 1.00 0.00 ? 3 ASN A CG   16 
ATOM   1603 O OD1  . ASN A 1 3 ? -0.130 -6.326 -2.143 1.00 0.00 ? 3 ASN A OD1  16 
ATOM   1604 N ND2  . ASN A 1 3 ? -0.155 -5.900 -0.002 1.00 0.00 ? 3 ASN A ND2  16 
ATOM   1605 H H    . ASN A 1 3 ? -0.592 -2.719 -2.365 1.00 0.00 ? 3 ASN A H    16 
ATOM   1606 H HA   . ASN A 1 3 ? 0.878  -3.367 0.232  1.00 0.00 ? 3 ASN A HA   16 
ATOM   1607 H HB2  . ASN A 1 3 ? 1.440  -4.440 -2.514 1.00 0.00 ? 3 ASN A HB2  16 
ATOM   1608 H HB3  . ASN A 1 3 ? 2.262  -4.763 -1.010 1.00 0.00 ? 3 ASN A HB3  16 
ATOM   1609 H HD21 . ASN A 1 3 ? 0.128  -5.411 0.831  1.00 0.00 ? 3 ASN A HD21 16 
ATOM   1610 H HD22 . ASN A 1 3 ? -0.921 -6.560 0.058  1.00 0.00 ? 3 ASN A HD22 16 
ATOM   1611 N N    . ASP A 1 4 ? 2.011  -1.374 -2.117 1.00 0.00 ? 4 ASP A N    16 
ATOM   1612 C CA   . ASP A 1 4 ? 3.003  -0.335 -2.325 1.00 0.00 ? 4 ASP A CA   16 
ATOM   1613 C C    . ASP A 1 4 ? 2.884  0.705  -1.224 1.00 0.00 ? 4 ASP A C    16 
ATOM   1614 O O    . ASP A 1 4 ? 1.907  1.420  -1.007 1.00 0.00 ? 4 ASP A O    16 
ATOM   1615 C CB   . ASP A 1 4 ? 2.854  0.310  -3.706 1.00 0.00 ? 4 ASP A CB   16 
ATOM   1616 C CG   . ASP A 1 4 ? 3.712  1.559  -3.902 1.00 0.00 ? 4 ASP A CG   16 
ATOM   1617 O OD1  . ASP A 1 4 ? 3.343  2.357  -4.797 1.00 0.00 ? 4 ASP A OD1  16 
ATOM   1618 O OD2  . ASP A 1 4 ? 4.751  1.744  -3.230 1.00 0.00 ? 4 ASP A OD2  16 
ATOM   1619 H H    . ASP A 1 4 ? 1.216  -1.460 -2.741 1.00 0.00 ? 4 ASP A H    16 
ATOM   1620 H HA   . ASP A 1 4 ? 4.004  -0.756 -2.374 1.00 0.00 ? 4 ASP A HA   16 
ATOM   1621 H HB2  . ASP A 1 4 ? 2.937  -0.460 -4.474 1.00 0.00 ? 4 ASP A HB2  16 
ATOM   1622 H HB3  . ASP A 1 4 ? 1.825  0.655  -3.801 1.00 0.00 ? 4 ASP A HB3  16 
ATOM   1623 N N    . THR A 1 5 ? 3.933  0.918  -0.426 1.00 0.00 ? 5 THR A N    16 
ATOM   1624 C CA   . THR A 1 5 ? 4.024  1.885  0.641  1.00 0.00 ? 5 THR A CA   16 
ATOM   1625 C C    . THR A 1 5 ? 2.899  1.817  1.658  1.00 0.00 ? 5 THR A C    16 
ATOM   1626 O O    . THR A 1 5 ? 2.397  2.845  2.129  1.00 0.00 ? 5 THR A O    16 
ATOM   1627 C CB   . THR A 1 5 ? 4.325  3.294  0.129  1.00 0.00 ? 5 THR A CB   16 
ATOM   1628 O OG1  . THR A 1 5 ? 5.319  3.196  -0.870 1.00 0.00 ? 5 THR A OG1  16 
ATOM   1629 C CG2  . THR A 1 5 ? 5.053  4.217  1.115  1.00 0.00 ? 5 THR A CG2  16 
ATOM   1630 H H    . THR A 1 5 ? 4.777  0.376  -0.551 1.00 0.00 ? 5 THR A H    16 
ATOM   1631 H HA   . THR A 1 5 ? 4.954  1.636  1.170  1.00 0.00 ? 5 THR A HA   16 
ATOM   1632 H HB   . THR A 1 5 ? 3.537  3.816  -0.402 1.00 0.00 ? 5 THR A HB   16 
ATOM   1633 H HG1  . THR A 1 5 ? 4.939  2.861  -1.682 1.00 0.00 ? 5 THR A HG1  16 
ATOM   1634 H HG21 . THR A 1 5 ? 6.004  3.772  1.383  1.00 0.00 ? 5 THR A HG21 16 
ATOM   1635 H HG22 . THR A 1 5 ? 4.481  4.293  2.035  1.00 0.00 ? 5 THR A HG22 16 
ATOM   1636 H HG23 . THR A 1 5 ? 5.284  5.161  0.625  1.00 0.00 ? 5 THR A HG23 16 
HETATM 1637 N N    . DSG A 1 6 ? 2.301  0.645  1.859  1.00 0.00 ? 6 DSG A N    16 
HETATM 1638 C CA   . DSG A 1 6 ? 1.128  0.326  2.654  1.00 0.00 ? 6 DSG A CA   16 
HETATM 1639 C C    . DSG A 1 6 ? -0.139 0.825  1.971  1.00 0.00 ? 6 DSG A C    16 
HETATM 1640 O O    . DSG A 1 6 ? -0.461 0.231  0.944  1.00 0.00 ? 6 DSG A O    16 
HETATM 1641 C CB   . DSG A 1 6 ? 1.043  -1.187 2.774  1.00 0.00 ? 6 DSG A CB   16 
HETATM 1642 C CG   . DSG A 1 6 ? 2.213  -1.833 3.500  1.00 0.00 ? 6 DSG A CG   16 
HETATM 1643 O OD1  . DSG A 1 6 ? 2.349  -1.577 4.700  1.00 0.00 ? 6 DSG A OD1  16 
HETATM 1644 N ND2  . DSG A 1 6 ? 3.153  -2.548 2.893  1.00 0.00 ? 6 DSG A ND2  16 
HETATM 1645 H H    . DSG A 1 6 ? 2.670  -0.078 1.260  1.00 0.00 ? 6 DSG A H    16 
HETATM 1646 H HA   . DSG A 1 6 ? 1.236  0.701  3.677  1.00 0.00 ? 6 DSG A HA   16 
HETATM 1647 H HB2  . DSG A 1 6 ? 0.918  -1.611 1.777  1.00 0.00 ? 6 DSG A HB2  16 
HETATM 1648 H HB3  . DSG A 1 6 ? 0.111  -1.379 3.316  1.00 0.00 ? 6 DSG A HB3  16 
HETATM 1649 H HD21 . DSG A 1 6 ? 3.181  -2.724 1.897  1.00 0.00 ? 6 DSG A HD21 16 
HETATM 1650 H HD22 . DSG A 1 6 ? 3.884  -3.000 3.430  1.00 0.00 ? 6 DSG A HD22 16 
HETATM 1651 N N    . DPR A 1 7 ? -0.758 1.907  2.458  1.00 0.00 ? 7 DPR A N    16 
HETATM 1652 C CA   . DPR A 1 7 ? -1.872 2.529  1.770  1.00 0.00 ? 7 DPR A CA   16 
HETATM 1653 C CB   . DPR A 1 7 ? -2.501 3.541  2.729  1.00 0.00 ? 7 DPR A CB   16 
HETATM 1654 C CG   . DPR A 1 7 ? -1.348 3.871  3.675  1.00 0.00 ? 7 DPR A CG   16 
HETATM 1655 C CD   . DPR A 1 7 ? -0.567 2.558  3.734  1.00 0.00 ? 7 DPR A CD   16 
HETATM 1656 C C    . DPR A 1 7 ? -2.896 1.513  1.279  1.00 0.00 ? 7 DPR A C    16 
HETATM 1657 O O    . DPR A 1 7 ? -3.434 0.699  2.009  1.00 0.00 ? 7 DPR A O    16 
HETATM 1658 H HA   . DPR A 1 7 ? -1.568 3.122  0.906  1.00 0.00 ? 7 DPR A HA   16 
HETATM 1659 H HB2  . DPR A 1 7 ? -3.171 2.942  3.342  1.00 0.00 ? 7 DPR A HB2  16 
HETATM 1660 H HB3  . DPR A 1 7 ? -2.917 4.403  2.220  1.00 0.00 ? 7 DPR A HB3  16 
HETATM 1661 H HG2  . DPR A 1 7 ? -1.710 4.268  4.625  1.00 0.00 ? 7 DPR A HG2  16 
HETATM 1662 H HG3  . DPR A 1 7 ? -0.663 4.654  3.355  1.00 0.00 ? 7 DPR A HG3  16 
HETATM 1663 H HD2  . DPR A 1 7 ? -0.951 2.026  4.602  1.00 0.00 ? 7 DPR A HD2  16 
HETATM 1664 H HD3  . DPR A 1 7 ? 0.475  2.846  3.901  1.00 0.00 ? 7 DPR A HD3  16 
ATOM   1665 N N    . THR A 1 1 ? -3.223 1.465  -0.334 1.00 0.00 ? 1 THR A N    17 
ATOM   1666 C CA   . THR A 1 1 ? -4.328 0.536  -0.450 1.00 0.00 ? 1 THR A CA   17 
ATOM   1667 C C    . THR A 1 1 ? -3.990 -0.919 -0.188 1.00 0.00 ? 1 THR A C    17 
ATOM   1668 O O    . THR A 1 1 ? -4.918 -1.709 -0.001 1.00 0.00 ? 1 THR A O    17 
ATOM   1669 C CB   . THR A 1 1 ? -4.999 0.616  -1.825 1.00 0.00 ? 1 THR A CB   17 
ATOM   1670 O OG1  . THR A 1 1 ? -4.060 0.802  -2.858 1.00 0.00 ? 1 THR A OG1  17 
ATOM   1671 C CG2  . THR A 1 1 ? -6.004 1.771  -1.811 1.00 0.00 ? 1 THR A CG2  17 
ATOM   1672 H H1   . THR A 1 1 ? -2.620 1.446  -1.137 1.00 0.00 ? 1 THR A H1   17 
ATOM   1673 H HA   . THR A 1 1 ? -5.130 0.789  0.241  1.00 0.00 ? 1 THR A HA   17 
ATOM   1674 H HB   . THR A 1 1 ? -5.551 -0.300 -2.038 1.00 0.00 ? 1 THR A HB   17 
ATOM   1675 H HG1  . THR A 1 1 ? -3.880 -0.073 -3.220 1.00 0.00 ? 1 THR A HG1  17 
ATOM   1676 H HG21 . THR A 1 1 ? -6.645 1.731  -2.689 1.00 0.00 ? 1 THR A HG21 17 
ATOM   1677 H HG22 . THR A 1 1 ? -5.428 2.693  -1.711 1.00 0.00 ? 1 THR A HG22 17 
ATOM   1678 H HG23 . THR A 1 1 ? -6.704 1.656  -0.983 1.00 0.00 ? 1 THR A HG23 17 
HETATM 1679 N N    . DLY A 1 2 ? -2.704 -1.258 -0.107 1.00 0.00 ? 2 DLY A N    17 
HETATM 1680 C CA   . DLY A 1 2 ? -2.274 -2.624 0.144  1.00 0.00 ? 2 DLY A CA   17 
HETATM 1681 C C    . DLY A 1 2 ? -0.979 -2.961 -0.587 1.00 0.00 ? 2 DLY A C    17 
HETATM 1682 O O    . DLY A 1 2 ? -0.299 -3.849 -0.067 1.00 0.00 ? 2 DLY A O    17 
HETATM 1683 C CB   . DLY A 1 2 ? -2.169 -2.781 1.654  1.00 0.00 ? 2 DLY A CB   17 
HETATM 1684 C CG   . DLY A 1 2 ? -3.326 -2.256 2.501  1.00 0.00 ? 2 DLY A CG   17 
HETATM 1685 C CD   . DLY A 1 2 ? -3.040 -2.446 3.991  1.00 0.00 ? 2 DLY A CD   17 
HETATM 1686 C CE   . DLY A 1 2 ? -4.270 -2.280 4.886  1.00 0.00 ? 2 DLY A CE   17 
HETATM 1687 N NZ   . DLY A 1 2 ? -4.638 -0.861 4.966  1.00 0.00 ? 2 DLY A NZ   17 
HETATM 1688 H H    . DLY A 1 2 ? -2.001 -0.545 -0.241 1.00 0.00 ? 2 DLY A H    17 
HETATM 1689 H HA   . DLY A 1 2 ? -3.044 -3.290 -0.257 1.00 0.00 ? 2 DLY A HA   17 
HETATM 1690 H HB2  . DLY A 1 2 ? -1.257 -2.359 2.084  1.00 0.00 ? 2 DLY A HB2  17 
HETATM 1691 H HB3  . DLY A 1 2 ? -2.168 -3.860 1.787  1.00 0.00 ? 2 DLY A HB3  17 
HETATM 1692 H HG2  . DLY A 1 2 ? -4.216 -2.824 2.236  1.00 0.00 ? 2 DLY A HG2  17 
HETATM 1693 H HG3  . DLY A 1 2 ? -3.472 -1.193 2.286  1.00 0.00 ? 2 DLY A HG3  17 
HETATM 1694 H HD2  . DLY A 1 2 ? -2.230 -1.807 4.345  1.00 0.00 ? 2 DLY A HD2  17 
HETATM 1695 H HD3  . DLY A 1 2 ? -2.779 -3.494 4.138  1.00 0.00 ? 2 DLY A HD3  17 
HETATM 1696 H HE2  . DLY A 1 2 ? -3.900 -2.648 5.850  1.00 0.00 ? 2 DLY A HE2  17 
HETATM 1697 H HE3  . DLY A 1 2 ? -5.060 -2.859 4.396  1.00 0.00 ? 2 DLY A HE3  17 
HETATM 1698 H HZ1  . DLY A 1 2 ? -4.802 -0.562 4.019  1.00 0.00 ? 2 DLY A HZ1  17 
HETATM 1699 H HZ2  . DLY A 1 2 ? -3.919 -0.314 5.407  1.00 0.00 ? 2 DLY A HZ2  17 
HETATM 1700 H HZ3  . DLY A 1 2 ? -5.385 -0.741 5.638  1.00 0.00 ? 2 DLY A HZ3  17 
ATOM   1701 N N    . ASN A 1 3 ? -0.787 -2.494 -1.820 1.00 0.00 ? 3 ASN A N    17 
ATOM   1702 C CA   . ASN A 1 3 ? 0.322  -2.965 -2.633 1.00 0.00 ? 3 ASN A CA   17 
ATOM   1703 C C    . ASN A 1 3 ? 1.629  -2.233 -2.357 1.00 0.00 ? 3 ASN A C    17 
ATOM   1704 O O    . ASN A 1 3 ? 2.674  -2.866 -2.337 1.00 0.00 ? 3 ASN A O    17 
ATOM   1705 C CB   . ASN A 1 3 ? -0.090 -2.827 -4.094 1.00 0.00 ? 3 ASN A CB   17 
ATOM   1706 C CG   . ASN A 1 3 ? 1.002  -3.333 -5.015 1.00 0.00 ? 3 ASN A CG   17 
ATOM   1707 O OD1  . ASN A 1 3 ? 1.475  -2.572 -5.848 1.00 0.00 ? 3 ASN A OD1  17 
ATOM   1708 N ND2  . ASN A 1 3 ? 1.406  -4.599 -4.914 1.00 0.00 ? 3 ASN A ND2  17 
ATOM   1709 H H    . ASN A 1 3 ? -1.531 -1.954 -2.231 1.00 0.00 ? 3 ASN A H    17 
ATOM   1710 H HA   . ASN A 1 3 ? 0.610  -3.965 -2.319 1.00 0.00 ? 3 ASN A HA   17 
ATOM   1711 H HB2  . ASN A 1 3 ? -1.007 -3.411 -4.196 1.00 0.00 ? 3 ASN A HB2  17 
ATOM   1712 H HB3  . ASN A 1 3 ? -0.233 -1.790 -4.386 1.00 0.00 ? 3 ASN A HB3  17 
ATOM   1713 H HD21 . ASN A 1 3 ? 0.905  -5.290 -4.366 1.00 0.00 ? 3 ASN A HD21 17 
ATOM   1714 H HD22 . ASN A 1 3 ? 2.055  -4.982 -5.591 1.00 0.00 ? 3 ASN A HD22 17 
ATOM   1715 N N    . ASP A 1 4 ? 1.649  -0.931 -2.055 1.00 0.00 ? 4 ASP A N    17 
ATOM   1716 C CA   . ASP A 1 4 ? 2.854  -0.121 -1.966 1.00 0.00 ? 4 ASP A CA   17 
ATOM   1717 C C    . ASP A 1 4 ? 2.850  0.775  -0.745 1.00 0.00 ? 4 ASP A C    17 
ATOM   1718 O O    . ASP A 1 4 ? 2.121  1.763  -0.642 1.00 0.00 ? 4 ASP A O    17 
ATOM   1719 C CB   . ASP A 1 4 ? 3.028  0.708  -3.232 1.00 0.00 ? 4 ASP A CB   17 
ATOM   1720 C CG   . ASP A 1 4 ? 4.241  1.631  -3.238 1.00 0.00 ? 4 ASP A CG   17 
ATOM   1721 O OD1  . ASP A 1 4 ? 5.239  1.424  -2.516 1.00 0.00 ? 4 ASP A OD1  17 
ATOM   1722 O OD2  . ASP A 1 4 ? 4.187  2.639  -3.973 1.00 0.00 ? 4 ASP A OD2  17 
ATOM   1723 H H    . ASP A 1 4 ? 0.774  -0.455 -1.872 1.00 0.00 ? 4 ASP A H    17 
ATOM   1724 H HA   . ASP A 1 4 ? 3.780  -0.702 -1.917 1.00 0.00 ? 4 ASP A HA   17 
ATOM   1725 H HB2  . ASP A 1 4 ? 3.191  0.086  -4.109 1.00 0.00 ? 4 ASP A HB2  17 
ATOM   1726 H HB3  . ASP A 1 4 ? 2.100  1.259  -3.413 1.00 0.00 ? 4 ASP A HB3  17 
ATOM   1727 N N    . THR A 1 5 ? 3.826  0.542  0.126  1.00 0.00 ? 5 THR A N    17 
ATOM   1728 C CA   . THR A 1 5 ? 4.204  1.338  1.276  1.00 0.00 ? 5 THR A CA   17 
ATOM   1729 C C    . THR A 1 5 ? 3.037  1.616  2.199  1.00 0.00 ? 5 THR A C    17 
ATOM   1730 O O    . THR A 1 5 ? 3.068  2.566  2.986  1.00 0.00 ? 5 THR A O    17 
ATOM   1731 C CB   . THR A 1 5 ? 5.067  2.542  0.871  1.00 0.00 ? 5 THR A CB   17 
ATOM   1732 O OG1  . THR A 1 5 ? 6.124  2.100  0.046  1.00 0.00 ? 5 THR A OG1  17 
ATOM   1733 C CG2  . THR A 1 5 ? 5.856  3.237  1.969  1.00 0.00 ? 5 THR A CG2  17 
ATOM   1734 H H    . THR A 1 5 ? 4.548  -0.128 -0.114 1.00 0.00 ? 5 THR A H    17 
ATOM   1735 H HA   . THR A 1 5 ? 4.911  0.661  1.768  1.00 0.00 ? 5 THR A HA   17 
ATOM   1736 H HB   . THR A 1 5 ? 4.559  3.329  0.323  1.00 0.00 ? 5 THR A HB   17 
ATOM   1737 H HG1  . THR A 1 5 ? 5.757  1.873  -0.806 1.00 0.00 ? 5 THR A HG1  17 
ATOM   1738 H HG21 . THR A 1 5 ? 5.175  3.659  2.711  1.00 0.00 ? 5 THR A HG21 17 
ATOM   1739 H HG22 . THR A 1 5 ? 6.539  3.995  1.585  1.00 0.00 ? 5 THR A HG22 17 
ATOM   1740 H HG23 . THR A 1 5 ? 6.444  2.500  2.520  1.00 0.00 ? 5 THR A HG23 17 
HETATM 1741 N N    . DSG A 1 6 ? 2.010  0.768  2.131  1.00 0.00 ? 6 DSG A N    17 
HETATM 1742 C CA   . DSG A 1 6 ? 0.801  0.902  2.908  1.00 0.00 ? 6 DSG A CA   17 
HETATM 1743 C C    . DSG A 1 6 ? -0.284 1.290  1.912  1.00 0.00 ? 6 DSG A C    17 
HETATM 1744 O O    . DSG A 1 6 ? -0.632 0.441  1.109  1.00 0.00 ? 6 DSG A O    17 
HETATM 1745 C CB   . DSG A 1 6 ? 0.495  -0.470 3.518  1.00 0.00 ? 6 DSG A CB   17 
HETATM 1746 C CG   . DSG A 1 6 ? 1.614  -0.823 4.481  1.00 0.00 ? 6 DSG A CG   17 
HETATM 1747 O OD1  . DSG A 1 6 ? 1.653  -0.254 5.567  1.00 0.00 ? 6 DSG A OD1  17 
HETATM 1748 N ND2  . DSG A 1 6 ? 2.502  -1.765 4.144  1.00 0.00 ? 6 DSG A ND2  17 
HETATM 1749 H H    . DSG A 1 6 ? 1.923  0.177  1.312  1.00 0.00 ? 6 DSG A H    17 
HETATM 1750 H HA   . DSG A 1 6 ? 0.848  1.631  3.719  1.00 0.00 ? 6 DSG A HA   17 
HETATM 1751 H HB2  . DSG A 1 6 ? 0.297  -1.258 2.782  1.00 0.00 ? 6 DSG A HB2  17 
HETATM 1752 H HB3  . DSG A 1 6 ? -0.455 -0.265 4.016  1.00 0.00 ? 6 DSG A HB3  17 
HETATM 1753 H HD21 . DSG A 1 6 ? 2.492  -2.095 3.194  1.00 0.00 ? 6 DSG A HD21 17 
HETATM 1754 H HD22 . DSG A 1 6 ? 3.322  -1.958 4.702  1.00 0.00 ? 6 DSG A HD22 17 
HETATM 1755 N N    . DPR A 1 7 ? -0.656 2.571  1.770  1.00 0.00 ? 7 DPR A N    17 
HETATM 1756 C CA   . DPR A 1 7 ? -1.581 2.934  0.720  1.00 0.00 ? 7 DPR A CA   17 
HETATM 1757 C CB   . DPR A 1 7 ? -1.852 4.416  0.978  1.00 0.00 ? 7 DPR A CB   17 
HETATM 1758 C CG   . DPR A 1 7 ? -0.566 4.921  1.620  1.00 0.00 ? 7 DPR A CG   17 
HETATM 1759 C CD   . DPR A 1 7 ? -0.009 3.713  2.370  1.00 0.00 ? 7 DPR A CD   17 
HETATM 1760 C C    . DPR A 1 7 ? -2.887 2.142  0.771  1.00 0.00 ? 7 DPR A C    17 
HETATM 1761 O O    . DPR A 1 7 ? -3.707 2.277  1.675  1.00 0.00 ? 7 DPR A O    17 
HETATM 1762 H HA   . DPR A 1 7 ? -1.063 2.815  -0.230 1.00 0.00 ? 7 DPR A HA   17 
HETATM 1763 H HB2  . DPR A 1 7 ? -2.597 4.567  1.762  1.00 0.00 ? 7 DPR A HB2  17 
HETATM 1764 H HB3  . DPR A 1 7 ? -2.146 4.971  0.085  1.00 0.00 ? 7 DPR A HB3  17 
HETATM 1765 H HG2  . DPR A 1 7 ? -0.690 5.849  2.179  1.00 0.00 ? 7 DPR A HG2  17 
HETATM 1766 H HG3  . DPR A 1 7 ? -0.007 5.139  0.706  1.00 0.00 ? 7 DPR A HG3  17 
HETATM 1767 H HD2  . DPR A 1 7 ? -0.345 3.740  3.409  1.00 0.00 ? 7 DPR A HD2  17 
HETATM 1768 H HD3  . DPR A 1 7 ? 1.081  3.651  2.356  1.00 0.00 ? 7 DPR A HD3  17 
ATOM   1769 N N    . THR A 1 1 ? -3.485 1.560  -0.512 1.00 0.00 ? 1 THR A N    18 
ATOM   1770 C CA   . THR A 1 1 ? -4.615 0.681  -0.735 1.00 0.00 ? 1 THR A CA   18 
ATOM   1771 C C    . THR A 1 1 ? -4.363 -0.817 -0.659 1.00 0.00 ? 1 THR A C    18 
ATOM   1772 O O    . THR A 1 1 ? -5.201 -1.633 -1.009 1.00 0.00 ? 1 THR A O    18 
ATOM   1773 C CB   . THR A 1 1 ? -5.275 1.022  -2.068 1.00 0.00 ? 1 THR A CB   18 
ATOM   1774 O OG1  . THR A 1 1 ? -4.361 1.130  -3.129 1.00 0.00 ? 1 THR A OG1  18 
ATOM   1775 C CG2  . THR A 1 1 ? -6.074 2.311  -1.909 1.00 0.00 ? 1 THR A CG2  18 
ATOM   1776 H H1   . THR A 1 1 ? -3.106 2.034  -1.325 1.00 0.00 ? 1 THR A H1   18 
ATOM   1777 H HA   . THR A 1 1 ? -5.395 0.828  0.010  1.00 0.00 ? 1 THR A HA   18 
ATOM   1778 H HB   . THR A 1 1 ? -5.941 0.212  -2.370 1.00 0.00 ? 1 THR A HB   18 
ATOM   1779 H HG1  . THR A 1 1 ? -4.970 1.339  -3.848 1.00 0.00 ? 1 THR A HG1  18 
ATOM   1780 H HG21 . THR A 1 1 ? -6.608 2.483  -2.843 1.00 0.00 ? 1 THR A HG21 18 
ATOM   1781 H HG22 . THR A 1 1 ? -5.432 3.095  -1.492 1.00 0.00 ? 1 THR A HG22 18 
ATOM   1782 H HG23 . THR A 1 1 ? -6.854 2.286  -1.146 1.00 0.00 ? 1 THR A HG23 18 
HETATM 1783 N N    . DLY A 1 2 ? -3.133 -1.206 -0.288 1.00 0.00 ? 2 DLY A N    18 
HETATM 1784 C CA   . DLY A 1 2 ? -2.769 -2.539 0.135  1.00 0.00 ? 2 DLY A CA   18 
HETATM 1785 C C    . DLY A 1 2 ? -1.392 -2.982 -0.321 1.00 0.00 ? 2 DLY A C    18 
HETATM 1786 O O    . DLY A 1 2 ? -0.940 -4.032 0.131  1.00 0.00 ? 2 DLY A O    18 
HETATM 1787 C CB   . DLY A 1 2 ? -2.870 -2.703 1.657  1.00 0.00 ? 2 DLY A CB   18 
HETATM 1788 C CG   . DLY A 1 2 ? -4.143 -2.211 2.341  1.00 0.00 ? 2 DLY A CG   18 
HETATM 1789 C CD   . DLY A 1 2 ? -4.117 -2.530 3.833  1.00 0.00 ? 2 DLY A CD   18 
HETATM 1790 C CE   . DLY A 1 2 ? -5.368 -2.178 4.643  1.00 0.00 ? 2 DLY A CE   18 
HETATM 1791 N NZ   . DLY A 1 2 ? -5.179 -2.406 6.087  1.00 0.00 ? 2 DLY A NZ   18 
HETATM 1792 H H    . DLY A 1 2 ? -2.529 -0.403 -0.111 1.00 0.00 ? 2 DLY A H    18 
HETATM 1793 H HA   . DLY A 1 2 ? -3.462 -3.235 -0.318 1.00 0.00 ? 2 DLY A HA   18 
HETATM 1794 H HB2  . DLY A 1 2 ? -1.981 -2.252 2.083  1.00 0.00 ? 2 DLY A HB2  18 
HETATM 1795 H HB3  . DLY A 1 2 ? -2.806 -3.760 1.882  1.00 0.00 ? 2 DLY A HB3  18 
HETATM 1796 H HG2  . DLY A 1 2 ? -5.010 -2.651 1.833  1.00 0.00 ? 2 DLY A HG2  18 
HETATM 1797 H HG3  . DLY A 1 2 ? -4.364 -1.154 2.257  1.00 0.00 ? 2 DLY A HG3  18 
HETATM 1798 H HD2  . DLY A 1 2 ? -3.311 -1.916 4.209  1.00 0.00 ? 2 DLY A HD2  18 
HETATM 1799 H HD3  . DLY A 1 2 ? -4.013 -3.617 3.896  1.00 0.00 ? 2 DLY A HD3  18 
HETATM 1800 H HE2  . DLY A 1 2 ? -6.206 -2.771 4.270  1.00 0.00 ? 2 DLY A HE2  18 
HETATM 1801 H HE3  . DLY A 1 2 ? -5.693 -1.158 4.436  1.00 0.00 ? 2 DLY A HE3  18 
HETATM 1802 H HZ1  . DLY A 1 2 ? -4.395 -1.926 6.506  1.00 0.00 ? 2 DLY A HZ1  18 
HETATM 1803 H HZ2  . DLY A 1 2 ? -4.912 -3.372 6.222  1.00 0.00 ? 2 DLY A HZ2  18 
HETATM 1804 H HZ3  . DLY A 1 2 ? -5.966 -2.120 6.643  1.00 0.00 ? 2 DLY A HZ3  18 
ATOM   1805 N N    . ASN A 1 3 ? -0.692 -2.262 -1.195 1.00 0.00 ? 3 ASN A N    18 
ATOM   1806 C CA   . ASN A 1 3 ? 0.555  -2.715 -1.777 1.00 0.00 ? 3 ASN A CA   18 
ATOM   1807 C C    . ASN A 1 3 ? 1.723  -1.780 -1.567 1.00 0.00 ? 3 ASN A C    18 
ATOM   1808 O O    . ASN A 1 3 ? 2.832  -2.253 -1.360 1.00 0.00 ? 3 ASN A O    18 
ATOM   1809 C CB   . ASN A 1 3 ? 0.328  -2.963 -3.270 1.00 0.00 ? 3 ASN A CB   18 
ATOM   1810 C CG   . ASN A 1 3 ? 1.460  -3.682 -3.999 1.00 0.00 ? 3 ASN A CG   18 
ATOM   1811 O OD1  . ASN A 1 3 ? 1.888  -3.145 -5.016 1.00 0.00 ? 3 ASN A OD1  18 
ATOM   1812 N ND2  . ASN A 1 3 ? 1.996  -4.805 -3.517 1.00 0.00 ? 3 ASN A ND2  18 
ATOM   1813 H H    . ASN A 1 3 ? -1.083 -1.358 -1.414 1.00 0.00 ? 3 ASN A H    18 
ATOM   1814 H HA   . ASN A 1 3 ? 0.808  -3.638 -1.272 1.00 0.00 ? 3 ASN A HA   18 
ATOM   1815 H HB2  . ASN A 1 3 ? -0.477 -3.700 -3.259 1.00 0.00 ? 3 ASN A HB2  18 
ATOM   1816 H HB3  . ASN A 1 3 ? -0.024 -2.110 -3.842 1.00 0.00 ? 3 ASN A HB3  18 
ATOM   1817 H HD21 . ASN A 1 3 ? 1.631  -5.242 -2.692 1.00 0.00 ? 3 ASN A HD21 18 
ATOM   1818 H HD22 . ASN A 1 3 ? 2.725  -5.230 -4.081 1.00 0.00 ? 3 ASN A HD22 18 
ATOM   1819 N N    . ASP A 1 4 ? 1.548  -0.455 -1.546 1.00 0.00 ? 4 ASP A N    18 
ATOM   1820 C CA   . ASP A 1 4 ? 2.535  0.550  -1.881 1.00 0.00 ? 4 ASP A CA   18 
ATOM   1821 C C    . ASP A 1 4 ? 3.020  1.247  -0.622 1.00 0.00 ? 4 ASP A C    18 
ATOM   1822 O O    . ASP A 1 4 ? 2.485  2.264  -0.199 1.00 0.00 ? 4 ASP A O    18 
ATOM   1823 C CB   . ASP A 1 4 ? 1.950  1.535  -2.899 1.00 0.00 ? 4 ASP A CB   18 
ATOM   1824 C CG   . ASP A 1 4 ? 2.860  2.660  -3.316 1.00 0.00 ? 4 ASP A CG   18 
ATOM   1825 O OD1  . ASP A 1 4 ? 4.094  2.454  -3.326 1.00 0.00 ? 4 ASP A OD1  18 
ATOM   1826 O OD2  . ASP A 1 4 ? 2.395  3.799  -3.580 1.00 0.00 ? 4 ASP A OD2  18 
ATOM   1827 H H    . ASP A 1 4 ? 0.623  -0.050 -1.551 1.00 0.00 ? 4 ASP A H    18 
ATOM   1828 H HA   . ASP A 1 4 ? 3.408  0.047  -2.288 1.00 0.00 ? 4 ASP A HA   18 
ATOM   1829 H HB2  . ASP A 1 4 ? 1.643  0.958  -3.776 1.00 0.00 ? 4 ASP A HB2  18 
ATOM   1830 H HB3  . ASP A 1 4 ? 1.041  2.021  -2.540 1.00 0.00 ? 4 ASP A HB3  18 
ATOM   1831 N N    . THR A 1 5 ? 4.155  0.798  -0.072 1.00 0.00 ? 5 THR A N    18 
ATOM   1832 C CA   . THR A 1 5 ? 4.603  1.115  1.267  1.00 0.00 ? 5 THR A CA   18 
ATOM   1833 C C    . THR A 1 5 ? 3.434  1.336  2.214  1.00 0.00 ? 5 THR A C    18 
ATOM   1834 O O    . THR A 1 5 ? 3.365  2.335  2.914  1.00 0.00 ? 5 THR A O    18 
ATOM   1835 C CB   . THR A 1 5 ? 5.590  2.273  1.357  1.00 0.00 ? 5 THR A CB   18 
ATOM   1836 O OG1  . THR A 1 5 ? 6.580  2.230  0.364  1.00 0.00 ? 5 THR A OG1  18 
ATOM   1837 C CG2  . THR A 1 5 ? 6.470  2.205  2.605  1.00 0.00 ? 5 THR A CG2  18 
ATOM   1838 H H    . THR A 1 5 ? 4.497  -0.073 -0.453 1.00 0.00 ? 5 THR A H    18 
ATOM   1839 H HA   . THR A 1 5 ? 5.190  0.264  1.611  1.00 0.00 ? 5 THR A HA   18 
ATOM   1840 H HB   . THR A 1 5 ? 5.143  3.264  1.285  1.00 0.00 ? 5 THR A HB   18 
ATOM   1841 H HG1  . THR A 1 5 ? 6.046  2.004  -0.410 1.00 0.00 ? 5 THR A HG1  18 
ATOM   1842 H HG21 . THR A 1 5 ? 7.143  3.048  2.438  1.00 0.00 ? 5 THR A HG21 18 
ATOM   1843 H HG22 . THR A 1 5 ? 6.935  1.223  2.700  1.00 0.00 ? 5 THR A HG22 18 
ATOM   1844 H HG23 . THR A 1 5 ? 5.894  2.325  3.528  1.00 0.00 ? 5 THR A HG23 18 
HETATM 1845 N N    . DSG A 1 6 ? 2.445  0.465  2.030  1.00 0.00 ? 6 DSG A N    18 
HETATM 1846 C CA   . DSG A 1 6 ? 1.106  0.497  2.574  1.00 0.00 ? 6 DSG A CA   18 
HETATM 1847 C C    . DSG A 1 6 ? 0.087  0.798  1.486  1.00 0.00 ? 6 DSG A C    18 
HETATM 1848 O O    . DSG A 1 6 ? -0.237 -0.063 0.677  1.00 0.00 ? 6 DSG A O    18 
HETATM 1849 C CB   . DSG A 1 6 ? 0.846  -0.830 3.279  1.00 0.00 ? 6 DSG A CB   18 
HETATM 1850 C CG   . DSG A 1 6 ? 1.933  -1.250 4.251  1.00 0.00 ? 6 DSG A CG   18 
HETATM 1851 O OD1  . DSG A 1 6 ? 1.834  -0.837 5.400  1.00 0.00 ? 6 DSG A OD1  18 
HETATM 1852 N ND2  . DSG A 1 6 ? 3.053  -1.854 3.858  1.00 0.00 ? 6 DSG A ND2  18 
HETATM 1853 H H    . DSG A 1 6 ? 2.654  -0.411 1.557  1.00 0.00 ? 6 DSG A H    18 
HETATM 1854 H HA   . DSG A 1 6 ? 1.172  1.260  3.356  1.00 0.00 ? 6 DSG A HA   18 
HETATM 1855 H HB2  . DSG A 1 6 ? 0.824  -1.628 2.540  1.00 0.00 ? 6 DSG A HB2  18 
HETATM 1856 H HB3  . DSG A 1 6 ? -0.028 -0.802 3.938  1.00 0.00 ? 6 DSG A HB3  18 
HETATM 1857 H HD21 . DSG A 1 6 ? 3.262  -2.066 2.893  1.00 0.00 ? 6 DSG A HD21 18 
HETATM 1858 H HD22 . DSG A 1 6 ? 3.597  -2.241 4.623  1.00 0.00 ? 6 DSG A HD22 18 
HETATM 1859 N N    . DPR A 1 7 ? -0.451 2.024  1.434  1.00 0.00 ? 7 DPR A N    18 
HETATM 1860 C CA   . DPR A 1 7 ? -1.415 2.411  0.417  1.00 0.00 ? 7 DPR A CA   18 
HETATM 1861 C CB   . DPR A 1 7 ? -1.554 3.928  0.410  1.00 0.00 ? 7 DPR A CB   18 
HETATM 1862 C CG   . DPR A 1 7 ? -0.172 4.307  0.918  1.00 0.00 ? 7 DPR A CG   18 
HETATM 1863 C CD   . DPR A 1 7 ? 0.185  3.225  1.936  1.00 0.00 ? 7 DPR A CD   18 
HETATM 1864 C C    . DPR A 1 7 ? -2.747 1.695  0.590  1.00 0.00 ? 7 DPR A C    18 
HETATM 1865 O O    . DPR A 1 7 ? -3.016 1.053  1.597  1.00 0.00 ? 7 DPR A O    18 
HETATM 1866 H HA   . DPR A 1 7 ? -0.998 2.083  -0.534 1.00 0.00 ? 7 DPR A HA   18 
HETATM 1867 H HB2  . DPR A 1 7 ? -2.346 4.253  1.088  1.00 0.00 ? 7 DPR A HB2  18 
HETATM 1868 H HB3  . DPR A 1 7 ? -1.734 4.287  -0.604 1.00 0.00 ? 7 DPR A HB3  18 
HETATM 1869 H HG2  . DPR A 1 7 ? -0.229 5.235  1.474  1.00 0.00 ? 7 DPR A HG2  18 
HETATM 1870 H HG3  . DPR A 1 7 ? 0.593  4.309  0.140  1.00 0.00 ? 7 DPR A HG3  18 
HETATM 1871 H HD2  . DPR A 1 7 ? -0.195 3.460  2.923  1.00 0.00 ? 7 DPR A HD2  18 
HETATM 1872 H HD3  . DPR A 1 7 ? 1.272  3.165  2.008  1.00 0.00 ? 7 DPR A HD3  18 
ATOM   1873 N N    . THR A 1 1 ? -3.632 1.470  -0.222 1.00 0.00 ? 1 THR A N    19 
ATOM   1874 C CA   . THR A 1 1 ? -4.785 0.608  -0.399 1.00 0.00 ? 1 THR A CA   19 
ATOM   1875 C C    . THR A 1 1 ? -4.508 -0.878 -0.290 1.00 0.00 ? 1 THR A C    19 
ATOM   1876 O O    . THR A 1 1 ? -5.426 -1.687 -0.369 1.00 0.00 ? 1 THR A O    19 
ATOM   1877 C CB   . THR A 1 1 ? -5.473 0.929  -1.719 1.00 0.00 ? 1 THR A CB   19 
ATOM   1878 O OG1  . THR A 1 1 ? -4.546 1.055  -2.777 1.00 0.00 ? 1 THR A OG1  19 
ATOM   1879 C CG2  . THR A 1 1 ? -6.181 2.278  -1.731 1.00 0.00 ? 1 THR A CG2  19 
ATOM   1880 H H1   . THR A 1 1 ? -3.061 1.580  -1.055 1.00 0.00 ? 1 THR A H1   19 
ATOM   1881 H HA   . THR A 1 1 ? -5.537 0.806  0.366  1.00 0.00 ? 1 THR A HA   19 
ATOM   1882 H HB   . THR A 1 1 ? -6.237 0.168  -1.828 1.00 0.00 ? 1 THR A HB   19 
ATOM   1883 H HG1  . THR A 1 1 ? -4.806 1.841  -3.267 1.00 0.00 ? 1 THR A HG1  19 
ATOM   1884 H HG21 . THR A 1 1 ? -5.476 3.081  -1.516 1.00 0.00 ? 1 THR A HG21 19 
ATOM   1885 H HG22 . THR A 1 1 ? -6.977 2.303  -0.990 1.00 0.00 ? 1 THR A HG22 19 
ATOM   1886 H HG23 . THR A 1 1 ? -6.629 2.469  -2.718 1.00 0.00 ? 1 THR A HG23 19 
HETATM 1887 N N    . DLY A 1 2 ? -3.239 -1.281 -0.139 1.00 0.00 ? 2 DLY A N    19 
HETATM 1888 C CA   . DLY A 1 2 ? -2.726 -2.623 0.054  1.00 0.00 ? 2 DLY A CA   19 
HETATM 1889 C C    . DLY A 1 2 ? -1.425 -3.030 -0.637 1.00 0.00 ? 2 DLY A C    19 
HETATM 1890 O O    . DLY A 1 2 ? -1.092 -4.209 -0.795 1.00 0.00 ? 2 DLY A O    19 
HETATM 1891 C CB   . DLY A 1 2 ? -2.506 -2.795 1.553  1.00 0.00 ? 2 DLY A CB   19 
HETATM 1892 C CG   . DLY A 1 2 ? -3.796 -2.731 2.358  1.00 0.00 ? 2 DLY A CG   19 
HETATM 1893 C CD   . DLY A 1 2 ? -3.508 -3.557 3.607  1.00 0.00 ? 2 DLY A CD   19 
HETATM 1894 C CE   . DLY A 1 2 ? -4.658 -3.527 4.602  1.00 0.00 ? 2 DLY A CE   19 
HETATM 1895 N NZ   . DLY A 1 2 ? -5.186 -2.192 4.929  1.00 0.00 ? 2 DLY A NZ   19 
HETATM 1896 H H    . DLY A 1 2 ? -2.554 -0.546 0.008  1.00 0.00 ? 2 DLY A H    19 
HETATM 1897 H HA   . DLY A 1 2 ? -3.435 -3.358 -0.310 1.00 0.00 ? 2 DLY A HA   19 
HETATM 1898 H HB2  . DLY A 1 2 ? -1.949 -1.951 1.968  1.00 0.00 ? 2 DLY A HB2  19 
HETATM 1899 H HB3  . DLY A 1 2 ? -1.890 -3.673 1.741  1.00 0.00 ? 2 DLY A HB3  19 
HETATM 1900 H HG2  . DLY A 1 2 ? -4.654 -3.123 1.822  1.00 0.00 ? 2 DLY A HG2  19 
HETATM 1901 H HG3  . DLY A 1 2 ? -3.987 -1.709 2.710  1.00 0.00 ? 2 DLY A HG3  19 
HETATM 1902 H HD2  . DLY A 1 2 ? -2.621 -3.156 4.098  1.00 0.00 ? 2 DLY A HD2  19 
HETATM 1903 H HD3  . DLY A 1 2 ? -3.297 -4.595 3.342  1.00 0.00 ? 2 DLY A HD3  19 
HETATM 1904 H HE2  . DLY A 1 2 ? -4.323 -3.990 5.532  1.00 0.00 ? 2 DLY A HE2  19 
HETATM 1905 H HE3  . DLY A 1 2 ? -5.485 -4.130 4.203  1.00 0.00 ? 2 DLY A HE3  19 
HETATM 1906 H HZ1  . DLY A 1 2 ? -4.499 -1.533 5.255  1.00 0.00 ? 2 DLY A HZ1  19 
HETATM 1907 H HZ2  . DLY A 1 2 ? -5.723 -2.287 5.785  1.00 0.00 ? 2 DLY A HZ2  19 
HETATM 1908 H HZ3  . DLY A 1 2 ? -5.785 -1.871 4.188  1.00 0.00 ? 2 DLY A HZ3  19 
ATOM   1909 N N    . ASN A 1 3 ? -0.715 -2.003 -1.102 1.00 0.00 ? 3 ASN A N    19 
ATOM   1910 C CA   . ASN A 1 3 ? 0.531  -2.156 -1.833 1.00 0.00 ? 3 ASN A CA   19 
ATOM   1911 C C    . ASN A 1 3 ? 1.442  -0.938 -1.782 1.00 0.00 ? 3 ASN A C    19 
ATOM   1912 O O    . ASN A 1 3 ? 1.000  0.147  -1.413 1.00 0.00 ? 3 ASN A O    19 
ATOM   1913 C CB   . ASN A 1 3 ? -0.025 -2.353 -3.242 1.00 0.00 ? 3 ASN A CB   19 
ATOM   1914 C CG   . ASN A 1 3 ? 0.920  -3.027 -4.220 1.00 0.00 ? 3 ASN A CG   19 
ATOM   1915 O OD1  . ASN A 1 3 ? 1.142  -4.232 -4.119 1.00 0.00 ? 3 ASN A OD1  19 
ATOM   1916 N ND2  . ASN A 1 3 ? 1.508  -2.279 -5.166 1.00 0.00 ? 3 ASN A ND2  19 
ATOM   1917 H H    . ASN A 1 3 ? -1.092 -1.083 -0.926 1.00 0.00 ? 3 ASN A H    19 
ATOM   1918 H HA   . ASN A 1 3 ? 1.111  -3.047 -1.580 1.00 0.00 ? 3 ASN A HA   19 
ATOM   1919 H HB2  . ASN A 1 3 ? -0.924 -2.969 -3.202 1.00 0.00 ? 3 ASN A HB2  19 
ATOM   1920 H HB3  . ASN A 1 3 ? -0.272 -1.355 -3.591 1.00 0.00 ? 3 ASN A HB3  19 
ATOM   1921 H HD21 . ASN A 1 3 ? 1.187  -1.322 -5.302 1.00 0.00 ? 3 ASN A HD21 19 
ATOM   1922 H HD22 . ASN A 1 3 ? 2.114  -2.781 -5.793 1.00 0.00 ? 3 ASN A HD22 19 
ATOM   1923 N N    . ASP A 1 4 ? 2.680  -1.172 -2.197 1.00 0.00 ? 4 ASP A N    19 
ATOM   1924 C CA   . ASP A 1 4 ? 3.684  -0.135 -2.363 1.00 0.00 ? 4 ASP A CA   19 
ATOM   1925 C C    . ASP A 1 4 ? 3.778  0.806  -1.170 1.00 0.00 ? 4 ASP A C    19 
ATOM   1926 O O    . ASP A 1 4 ? 3.347  1.954  -1.127 1.00 0.00 ? 4 ASP A O    19 
ATOM   1927 C CB   . ASP A 1 4 ? 3.344  0.701  -3.587 1.00 0.00 ? 4 ASP A CB   19 
ATOM   1928 C CG   . ASP A 1 4 ? 4.388  1.737  -3.969 1.00 0.00 ? 4 ASP A CG   19 
ATOM   1929 O OD1  . ASP A 1 4 ? 5.554  1.623  -3.529 1.00 0.00 ? 4 ASP A OD1  19 
ATOM   1930 O OD2  . ASP A 1 4 ? 4.071  2.628  -4.797 1.00 0.00 ? 4 ASP A OD2  19 
ATOM   1931 H H    . ASP A 1 4 ? 2.894  -2.112 -2.483 1.00 0.00 ? 4 ASP A H    19 
ATOM   1932 H HA   . ASP A 1 4 ? 4.659  -0.609 -2.489 1.00 0.00 ? 4 ASP A HA   19 
ATOM   1933 H HB2  . ASP A 1 4 ? 3.305  0.044  -4.454 1.00 0.00 ? 4 ASP A HB2  19 
ATOM   1934 H HB3  . ASP A 1 4 ? 2.417  1.275  -3.513 1.00 0.00 ? 4 ASP A HB3  19 
ATOM   1935 N N    . THR A 1 5 ? 4.246  0.275  -0.037 1.00 0.00 ? 5 THR A N    19 
ATOM   1936 C CA   . THR A 1 5 ? 4.432  0.858  1.278  1.00 0.00 ? 5 THR A CA   19 
ATOM   1937 C C    . THR A 1 5 ? 3.180  1.445  1.924  1.00 0.00 ? 5 THR A C    19 
ATOM   1938 O O    . THR A 1 5 ? 3.241  1.983  3.026  1.00 0.00 ? 5 THR A O    19 
ATOM   1939 C CB   . THR A 1 5 ? 5.520  1.922  1.206  1.00 0.00 ? 5 THR A CB   19 
ATOM   1940 O OG1  . THR A 1 5 ? 6.466  1.539  0.240  1.00 0.00 ? 5 THR A OG1  19 
ATOM   1941 C CG2  . THR A 1 5 ? 6.255  2.304  2.485  1.00 0.00 ? 5 THR A CG2  19 
ATOM   1942 H H    . THR A 1 5 ? 4.552  -0.681 -0.062 1.00 0.00 ? 5 THR A H    19 
ATOM   1943 H HA   . THR A 1 5 ? 4.769  -0.008 1.861  1.00 0.00 ? 5 THR A HA   19 
ATOM   1944 H HB   . THR A 1 5 ? 5.105  2.837  0.808  1.00 0.00 ? 5 THR A HB   19 
ATOM   1945 H HG1  . THR A 1 5 ? 6.880  0.706  0.489  1.00 0.00 ? 5 THR A HG1  19 
ATOM   1946 H HG21 . THR A 1 5 ? 5.545  2.248  3.323  1.00 0.00 ? 5 THR A HG21 19 
ATOM   1947 H HG22 . THR A 1 5 ? 6.597  3.334  2.423  1.00 0.00 ? 5 THR A HG22 19 
ATOM   1948 H HG23 . THR A 1 5 ? 7.060  1.637  2.771  1.00 0.00 ? 5 THR A HG23 19 
HETATM 1949 N N    . DSG A 1 6 ? 1.987  1.094  1.456  1.00 0.00 ? 6 DSG A N    19 
HETATM 1950 C CA   . DSG A 1 6 ? 0.862  0.644  2.254  1.00 0.00 ? 6 DSG A CA   19 
HETATM 1951 C C    . DSG A 1 6 ? -0.437 1.005  1.530  1.00 0.00 ? 6 DSG A C    19 
HETATM 1952 O O    . DSG A 1 6 ? -0.937 0.254  0.699  1.00 0.00 ? 6 DSG A O    19 
HETATM 1953 C CB   . DSG A 1 6 ? 0.941  -0.866 2.456  1.00 0.00 ? 6 DSG A CB   19 
HETATM 1954 C CG   . DSG A 1 6 ? 2.194  -1.339 3.172  1.00 0.00 ? 6 DSG A CG   19 
HETATM 1955 O OD1  . DSG A 1 6 ? 2.516  -0.852 4.259  1.00 0.00 ? 6 DSG A OD1  19 
HETATM 1956 N ND2  . DSG A 1 6 ? 3.043  -2.242 2.664  1.00 0.00 ? 6 DSG A ND2  19 
HETATM 1957 H H    . DSG A 1 6 ? 1.928  0.777  0.497  1.00 0.00 ? 6 DSG A H    19 
HETATM 1958 H HA   . DSG A 1 6 ? 0.875  1.087  3.243  1.00 0.00 ? 6 DSG A HA   19 
HETATM 1959 H HB2  . DSG A 1 6 ? 0.938  -1.483 1.554  1.00 0.00 ? 6 DSG A HB2  19 
HETATM 1960 H HB3  . DSG A 1 6 ? 0.087  -1.216 3.037  1.00 0.00 ? 6 DSG A HB3  19 
HETATM 1961 H HD21 . DSG A 1 6 ? 2.868  -2.703 1.788  1.00 0.00 ? 6 DSG A HD21 19 
HETATM 1962 H HD22 . DSG A 1 6 ? 3.725  -2.530 3.359  1.00 0.00 ? 6 DSG A HD22 19 
HETATM 1963 N N    . DPR A 1 7 ? -0.914 2.231  1.762  1.00 0.00 ? 7 DPR A N    19 
HETATM 1964 C CA   . DPR A 1 7 ? -1.997 2.807  1.009  1.00 0.00 ? 7 DPR A CA   19 
HETATM 1965 C CB   . DPR A 1 7 ? -2.348 4.160  1.604  1.00 0.00 ? 7 DPR A CB   19 
HETATM 1966 C CG   . DPR A 1 7 ? -1.083 4.558  2.342  1.00 0.00 ? 7 DPR A CG   19 
HETATM 1967 C CD   . DPR A 1 7 ? -0.304 3.268  2.568  1.00 0.00 ? 7 DPR A CD   19 
HETATM 1968 C C    . DPR A 1 7 ? -3.180 1.838  0.977  1.00 0.00 ? 7 DPR A C    19 
HETATM 1969 O O    . DPR A 1 7 ? -3.752 1.487  2.002  1.00 0.00 ? 7 DPR A O    19 
HETATM 1970 H HA   . DPR A 1 7 ? -1.635 2.889  -0.009 1.00 0.00 ? 7 DPR A HA   19 
HETATM 1971 H HB2  . DPR A 1 7 ? -3.223 4.041  2.249  1.00 0.00 ? 7 DPR A HB2  19 
HETATM 1972 H HB3  . DPR A 1 7 ? -2.572 4.916  0.849  1.00 0.00 ? 7 DPR A HB3  19 
HETATM 1973 H HG2  . DPR A 1 7 ? -1.262 5.148  3.237  1.00 0.00 ? 7 DPR A HG2  19 
HETATM 1974 H HG3  . DPR A 1 7 ? -0.428 5.148  1.702  1.00 0.00 ? 7 DPR A HG3  19 
HETATM 1975 H HD2  . DPR A 1 7 ? -0.399 2.976  3.616  1.00 0.00 ? 7 DPR A HD2  19 
HETATM 1976 H HD3  . DPR A 1 7 ? 0.723  3.454  2.242  1.00 0.00 ? 7 DPR A HD3  19 
ATOM   1977 N N    . THR A 1 1 ? -3.727 1.362  -0.243 1.00 0.00 ? 1 THR A N    20 
ATOM   1978 C CA   . THR A 1 1 ? -4.880 0.507  -0.063 1.00 0.00 ? 1 THR A CA   20 
ATOM   1979 C C    . THR A 1 1 ? -4.530 -0.973 -0.131 1.00 0.00 ? 1 THR A C    20 
ATOM   1980 O O    . THR A 1 1 ? -5.411 -1.828 -0.089 1.00 0.00 ? 1 THR A O    20 
ATOM   1981 C CB   . THR A 1 1 ? -5.917 0.870  -1.124 1.00 0.00 ? 1 THR A CB   20 
ATOM   1982 O OG1  . THR A 1 1 ? -5.345 1.094  -2.396 1.00 0.00 ? 1 THR A OG1  20 
ATOM   1983 C CG2  . THR A 1 1 ? -6.533 2.220  -0.739 1.00 0.00 ? 1 THR A CG2  20 
ATOM   1984 H H1   . THR A 1 1 ? -3.362 1.351  -1.188 1.00 0.00 ? 1 THR A H1   20 
ATOM   1985 H HA   . THR A 1 1 ? -5.333 0.794  0.889  1.00 0.00 ? 1 THR A HA   20 
ATOM   1986 H HB   . THR A 1 1 ? -6.727 0.146  -1.162 1.00 0.00 ? 1 THR A HB   20 
ATOM   1987 H HG1  . THR A 1 1 ? -4.996 1.987  -2.494 1.00 0.00 ? 1 THR A HG1  20 
ATOM   1988 H HG21 . THR A 1 1 ? -7.165 2.486  -1.583 1.00 0.00 ? 1 THR A HG21 20 
ATOM   1989 H HG22 . THR A 1 1 ? -5.715 2.935  -0.663 1.00 0.00 ? 1 THR A HG22 20 
ATOM   1990 H HG23 . THR A 1 1 ? -7.081 2.089  0.201  1.00 0.00 ? 1 THR A HG23 20 
HETATM 1991 N N    . DLY A 1 2 ? -3.247 -1.364 -0.128 1.00 0.00 ? 2 DLY A N    20 
HETATM 1992 C CA   . DLY A 1 2 ? -2.733 -2.713 0.004  1.00 0.00 ? 2 DLY A CA   20 
HETATM 1993 C C    . DLY A 1 2 ? -1.493 -3.000 -0.827 1.00 0.00 ? 2 DLY A C    20 
HETATM 1994 O O    . DLY A 1 2 ? -1.322 -4.102 -1.354 1.00 0.00 ? 2 DLY A O    20 
HETATM 1995 C CB   . DLY A 1 2 ? -2.657 -3.095 1.482  1.00 0.00 ? 2 DLY A CB   20 
HETATM 1996 C CG   . DLY A 1 2 ? -2.141 -4.510 1.702  1.00 0.00 ? 2 DLY A CG   20 
HETATM 1997 C CD   . DLY A 1 2 ? -2.015 -4.889 3.168  1.00 0.00 ? 2 DLY A CD   20 
HETATM 1998 C CE   . DLY A 1 2 ? -1.300 -6.213 3.445  1.00 0.00 ? 2 DLY A CE   20 
HETATM 1999 N NZ   . DLY A 1 2 ? -1.203 -6.615 4.853  1.00 0.00 ? 2 DLY A NZ   20 
HETATM 2000 H H    . DLY A 1 2 ? -2.555 -0.644 0.031  1.00 0.00 ? 2 DLY A H    20 
HETATM 2001 H HA   . DLY A 1 2 ? -3.457 -3.395 -0.446 1.00 0.00 ? 2 DLY A HA   20 
HETATM 2002 H HB2  . DLY A 1 2 ? -3.654 -3.160 1.917  1.00 0.00 ? 2 DLY A HB2  20 
HETATM 2003 H HB3  . DLY A 1 2 ? -1.979 -2.402 1.966  1.00 0.00 ? 2 DLY A HB3  20 
HETATM 2004 H HG2  . DLY A 1 2 ? -1.149 -4.582 1.257  1.00 0.00 ? 2 DLY A HG2  20 
HETATM 2005 H HG3  . DLY A 1 2 ? -2.732 -5.307 1.237  1.00 0.00 ? 2 DLY A HG3  20 
HETATM 2006 H HD2  . DLY A 1 2 ? -3.007 -4.956 3.613  1.00 0.00 ? 2 DLY A HD2  20 
HETATM 2007 H HD3  . DLY A 1 2 ? -1.356 -4.148 3.614  1.00 0.00 ? 2 DLY A HD3  20 
HETATM 2008 H HE2  . DLY A 1 2 ? -0.319 -6.170 2.956  1.00 0.00 ? 2 DLY A HE2  20 
HETATM 2009 H HE3  . DLY A 1 2 ? -1.786 -6.999 2.864  1.00 0.00 ? 2 DLY A HE3  20 
HETATM 2010 H HZ1  . DLY A 1 2 ? -2.123 -6.576 5.280  1.00 0.00 ? 2 DLY A HZ1  20 
HETATM 2011 H HZ2  . DLY A 1 2 ? -0.607 -6.007 5.396  1.00 0.00 ? 2 DLY A HZ2  20 
HETATM 2012 H HZ3  . DLY A 1 2 ? -0.922 -7.580 4.777  1.00 0.00 ? 2 DLY A HZ3  20 
ATOM   2013 N N    . ASN A 1 3 ? -0.638 -1.997 -1.089 1.00 0.00 ? 3 ASN A N    20 
ATOM   2014 C CA   . ASN A 1 3 ? 0.452  -2.043 -2.035 1.00 0.00 ? 3 ASN A CA   20 
ATOM   2015 C C    . ASN A 1 3 ? 1.374  -0.854 -1.830 1.00 0.00 ? 3 ASN A C    20 
ATOM   2016 O O    . ASN A 1 3 ? 0.928  0.258  -1.519 1.00 0.00 ? 3 ASN A O    20 
ATOM   2017 C CB   . ASN A 1 3 ? -0.047 -2.144 -3.469 1.00 0.00 ? 3 ASN A CB   20 
ATOM   2018 C CG   . ASN A 1 3 ? 1.038  -2.656 -4.409 1.00 0.00 ? 3 ASN A CG   20 
ATOM   2019 O OD1  . ASN A 1 3 ? 1.911  -3.394 -3.979 1.00 0.00 ? 3 ASN A OD1  20 
ATOM   2020 N ND2  . ASN A 1 3 ? 1.027  -2.231 -5.676 1.00 0.00 ? 3 ASN A ND2  20 
ATOM   2021 H H    . ASN A 1 3 ? -0.809 -1.100 -0.664 1.00 0.00 ? 3 ASN A H    20 
ATOM   2022 H HA   . ASN A 1 3 ? 1.023  -2.932 -1.766 1.00 0.00 ? 3 ASN A HA   20 
ATOM   2023 H HB2  . ASN A 1 3 ? -0.920 -2.749 -3.726 1.00 0.00 ? 3 ASN A HB2  20 
ATOM   2024 H HB3  . ASN A 1 3 ? -0.279 -1.153 -3.849 1.00 0.00 ? 3 ASN A HB3  20 
ATOM   2025 H HD21 . ASN A 1 3 ? 0.364  -1.589 -6.087 1.00 0.00 ? 3 ASN A HD21 20 
ATOM   2026 H HD22 . ASN A 1 3 ? 1.783  -2.597 -6.236 1.00 0.00 ? 3 ASN A HD22 20 
ATOM   2027 N N    . ASP A 1 4 ? 2.654  -1.035 -2.182 1.00 0.00 ? 4 ASP A N    20 
ATOM   2028 C CA   . ASP A 1 4 ? 3.703  -0.041 -2.258 1.00 0.00 ? 4 ASP A CA   20 
ATOM   2029 C C    . ASP A 1 4 ? 3.884  0.824  -1.020 1.00 0.00 ? 4 ASP A C    20 
ATOM   2030 O O    . ASP A 1 4 ? 3.444  1.966  -0.941 1.00 0.00 ? 4 ASP A O    20 
ATOM   2031 C CB   . ASP A 1 4 ? 3.615  0.663  -3.601 1.00 0.00 ? 4 ASP A CB   20 
ATOM   2032 C CG   . ASP A 1 4 ? 4.840  1.542  -3.857 1.00 0.00 ? 4 ASP A CG   20 
ATOM   2033 O OD1  . ASP A 1 4 ? 4.641  2.729  -4.196 1.00 0.00 ? 4 ASP A OD1  20 
ATOM   2034 O OD2  . ASP A 1 4 ? 5.951  1.045  -3.588 1.00 0.00 ? 4 ASP A OD2  20 
ATOM   2035 H H    . ASP A 1 4 ? 2.924  -1.887 -2.660 1.00 0.00 ? 4 ASP A H    20 
ATOM   2036 H HA   . ASP A 1 4 ? 4.595  -0.665 -2.287 1.00 0.00 ? 4 ASP A HA   20 
ATOM   2037 H HB2  . ASP A 1 4 ? 3.576  -0.090 -4.385 1.00 0.00 ? 4 ASP A HB2  20 
ATOM   2038 H HB3  . ASP A 1 4 ? 2.673  1.196  -3.707 1.00 0.00 ? 4 ASP A HB3  20 
ATOM   2039 N N    . THR A 1 5 ? 4.350  0.160  0.039  1.00 0.00 ? 5 THR A N    20 
ATOM   2040 C CA   . THR A 1 5 ? 4.494  0.682  1.384  1.00 0.00 ? 5 THR A CA   20 
ATOM   2041 C C    . THR A 1 5 ? 3.215  1.296  1.940  1.00 0.00 ? 5 THR A C    20 
ATOM   2042 O O    . THR A 1 5 ? 3.312  2.328  2.597  1.00 0.00 ? 5 THR A O    20 
ATOM   2043 C CB   . THR A 1 5 ? 5.776  1.492  1.560  1.00 0.00 ? 5 THR A CB   20 
ATOM   2044 O OG1  . THR A 1 5 ? 6.822  0.923  0.807  1.00 0.00 ? 5 THR A OG1  20 
ATOM   2045 C CG2  . THR A 1 5 ? 6.334  1.461  2.979  1.00 0.00 ? 5 THR A CG2  20 
ATOM   2046 H H    . THR A 1 5 ? 4.633  -0.787 -0.181 1.00 0.00 ? 5 THR A H    20 
ATOM   2047 H HA   . THR A 1 5 ? 4.566  -0.184 2.048  1.00 0.00 ? 5 THR A HA   20 
ATOM   2048 H HB   . THR A 1 5 ? 5.626  2.522  1.216  1.00 0.00 ? 5 THR A HB   20 
ATOM   2049 H HG1  . THR A 1 5 ? 6.939  1.549  0.083  1.00 0.00 ? 5 THR A HG1  20 
ATOM   2050 H HG21 . THR A 1 5 ? 5.577  1.863  3.645  1.00 0.00 ? 5 THR A HG21 20 
ATOM   2051 H HG22 . THR A 1 5 ? 7.234  2.064  3.110  1.00 0.00 ? 5 THR A HG22 20 
ATOM   2052 H HG23 . THR A 1 5 ? 6.522  0.442  3.317  1.00 0.00 ? 5 THR A HG23 20 
HETATM 2053 N N    . DSG A 1 6 ? 2.089  0.627  1.680  1.00 0.00 ? 6 DSG A N    20 
HETATM 2054 C CA   . DSG A 1 6 ? 0.855  0.781  2.420  1.00 0.00 ? 6 DSG A CA   20 
HETATM 2055 C C    . DSG A 1 6 ? -0.392 1.146  1.615  1.00 0.00 ? 6 DSG A C    20 
HETATM 2056 O O    . DSG A 1 6 ? -0.978 0.245  1.030  1.00 0.00 ? 6 DSG A O    20 
HETATM 2057 C CB   . DSG A 1 6 ? 0.680  -0.456 3.286  1.00 0.00 ? 6 DSG A CB   20 
HETATM 2058 C CG   . DSG A 1 6 ? 1.865  -0.727 4.204  1.00 0.00 ? 6 DSG A CG   20 
HETATM 2059 O OD1  . DSG A 1 6 ? 2.036  -0.088 5.243  1.00 0.00 ? 6 DSG A OD1  20 
HETATM 2060 N ND2  . DSG A 1 6 ? 2.806  -1.573 3.769  1.00 0.00 ? 6 DSG A ND2  20 
HETATM 2061 H H    . DSG A 1 6 ? 2.138  0.028  0.868  1.00 0.00 ? 6 DSG A H    20 
HETATM 2062 H HA   . DSG A 1 6 ? 1.014  1.575  3.144  1.00 0.00 ? 6 DSG A HA   20 
HETATM 2063 H HB2  . DSG A 1 6 ? 0.472  -1.348 2.692  1.00 0.00 ? 6 DSG A HB2  20 
HETATM 2064 H HB3  . DSG A 1 6 ? -0.220 -0.275 3.873  1.00 0.00 ? 6 DSG A HB3  20 
HETATM 2065 H HD21 . DSG A 1 6 ? 2.718  -2.157 2.945  1.00 0.00 ? 6 DSG A HD21 20 
HETATM 2066 H HD22 . DSG A 1 6 ? 3.657  -1.487 4.298  1.00 0.00 ? 6 DSG A HD22 20 
HETATM 2067 N N    . DPR A 1 7 ? -0.828 2.391  1.429  1.00 0.00 ? 7 DPR A N    20 
HETATM 2068 C CA   . DPR A 1 7 ? -1.892 2.827  0.548  1.00 0.00 ? 7 DPR A CA   20 
HETATM 2069 C CB   . DPR A 1 7 ? -2.051 4.344  0.589  1.00 0.00 ? 7 DPR A CB   20 
HETATM 2070 C CG   . DPR A 1 7 ? -0.745 4.796  1.220  1.00 0.00 ? 7 DPR A CG   20 
HETATM 2071 C CD   . DPR A 1 7 ? -0.190 3.582  1.958  1.00 0.00 ? 7 DPR A CD   20 
HETATM 2072 C C    . DPR A 1 7 ? -3.189 2.070  0.757  1.00 0.00 ? 7 DPR A C    20 
HETATM 2073 O O    . DPR A 1 7 ? -3.672 2.051  1.886  1.00 0.00 ? 7 DPR A O    20 
HETATM 2074 H HA   . DPR A 1 7 ? -1.502 2.643  -0.447 1.00 0.00 ? 7 DPR A HA   20 
HETATM 2075 H HB2  . DPR A 1 7 ? -2.853 4.758  1.211  1.00 0.00 ? 7 DPR A HB2  20 
HETATM 2076 H HB3  . DPR A 1 7 ? -2.048 4.787  -0.413 1.00 0.00 ? 7 DPR A HB3  20 
HETATM 2077 H HG2  . DPR A 1 7 ? -0.736 5.723  1.801  1.00 0.00 ? 7 DPR A HG2  20 
HETATM 2078 H HG3  . DPR A 1 7 ? -0.054 4.900  0.386  1.00 0.00 ? 7 DPR A HG3  20 
HETATM 2079 H HD2  . DPR A 1 7 ? -0.128 3.614  3.050  1.00 0.00 ? 7 DPR A HD2  20 
HETATM 2080 H HD3  . DPR A 1 7 ? 0.866  3.547  1.667  1.00 0.00 ? 7 DPR A HD3  20 
# 
